data_4U83
#
_entry.id   4U83
#
_cell.length_a   74.970
_cell.length_b   101.920
_cell.length_c   95.910
_cell.angle_alpha   90.000
_cell.angle_beta   98.370
_cell.angle_gamma   90.000
#
_symmetry.space_group_name_H-M   'P 1 21 1'
#
loop_
_entity.id
_entity.type
_entity.pdbx_description
1 polymer 'Acyl-CoA dehydrogenase'
2 non-polymer 1,2-ETHANEDIOL
3 water water
#
_entity_poly.entity_id   1
_entity_poly.type   'polypeptide(L)'
_entity_poly.pdbx_seq_one_letter_code
;AHHHHHHMLLTDTQEQIREAARDFAQERLAPGAAARDREHAFPRAELTEMGALGFLGMLAPEEWGGSDLDMVAYALALEE
IAAGDGACSTIVSVHSSVGCMPILRFGTEDQKRRFLPKMACGEWIGGFALTEPQAGSDASALKTRARLDGDHYVIDGSKQ
FITSGKNGNVVIVFAVTDPAAGKKGISAFIVPTDTPGYEVMSVEHKLGQHSSDTCALGFTNMRVPVENRLGAEGEGYKIA
LANLEGGRIGIAAQAVGMARAAFEAARDYARERITFGKPIIEHQAVAFRLADMATRIETARQMVLHAAALREAGKPCLTE
ASMAKLVASEMAEQVCSAAIQIHGGYGYLADYPVERIYRDVRVCQIYEGTSDVQRLVIARGL
;
_entity_poly.pdbx_strand_id   A,B,C,D
#
# COMPACT_ATOMS: atom_id res chain seq x y z
N HIS A 4 10.30 -37.96 45.74
CA HIS A 4 10.92 -38.36 44.49
C HIS A 4 10.17 -37.81 43.28
N HIS A 5 10.91 -37.42 42.24
CA HIS A 5 10.30 -36.93 41.01
C HIS A 5 9.56 -38.06 40.28
N HIS A 6 8.34 -37.78 39.85
CA HIS A 6 7.54 -38.77 39.16
C HIS A 6 8.07 -39.00 37.75
N HIS A 7 8.26 -40.26 37.42
CA HIS A 7 8.68 -40.63 36.07
C HIS A 7 7.73 -40.10 34.97
N MET A 8 8.33 -39.50 33.93
CA MET A 8 7.61 -38.98 32.76
C MET A 8 6.67 -37.83 33.06
N LEU A 9 6.83 -37.20 34.22
CA LEU A 9 6.11 -35.97 34.49
C LEU A 9 7.12 -34.85 34.54
N LEU A 10 6.67 -33.63 34.24
CA LEU A 10 7.54 -32.47 34.34
C LEU A 10 8.04 -32.28 35.77
N THR A 11 9.29 -31.84 35.91
CA THR A 11 9.85 -31.50 37.21
C THR A 11 9.29 -30.16 37.65
N ASP A 12 9.44 -29.83 38.92
CA ASP A 12 8.93 -28.55 39.39
C ASP A 12 9.69 -27.43 38.72
N THR A 13 10.98 -27.65 38.47
CA THR A 13 11.78 -26.65 37.77
C THR A 13 11.27 -26.44 36.33
N GLN A 14 10.87 -27.51 35.65
CA GLN A 14 10.33 -27.36 34.31
C GLN A 14 9.01 -26.61 34.35
N GLU A 15 8.20 -26.90 35.37
CA GLU A 15 6.91 -26.24 35.58
CA GLU A 15 6.92 -26.22 35.51
C GLU A 15 7.14 -24.76 35.85
N GLN A 16 8.17 -24.46 36.63
CA GLN A 16 8.48 -23.08 36.98
C GLN A 16 8.93 -22.26 35.77
N ILE A 17 9.73 -22.89 34.91
CA ILE A 17 10.17 -22.25 33.69
C ILE A 17 8.97 -21.99 32.76
N ARG A 18 8.09 -22.97 32.65
CA ARG A 18 6.89 -22.80 31.84
C ARG A 18 6.06 -21.61 32.35
N GLU A 19 5.87 -21.55 33.67
CA GLU A 19 5.10 -20.47 34.25
CA GLU A 19 5.13 -20.47 34.29
C GLU A 19 5.79 -19.11 34.07
N ALA A 20 7.12 -19.08 34.17
CA ALA A 20 7.86 -17.84 33.95
C ALA A 20 7.73 -17.37 32.50
N ALA A 21 7.77 -18.32 31.56
CA ALA A 21 7.61 -17.98 30.15
C ALA A 21 6.17 -17.51 29.87
N ARG A 22 5.21 -18.19 30.48
CA ARG A 22 3.81 -17.82 30.35
C ARG A 22 3.55 -16.42 30.89
N ASP A 23 4.07 -16.14 32.08
CA ASP A 23 3.87 -14.84 32.72
C ASP A 23 4.42 -13.76 31.84
N PHE A 24 5.64 -13.98 31.33
CA PHE A 24 6.21 -12.97 30.46
C PHE A 24 5.44 -12.80 29.15
N ALA A 25 5.11 -13.92 28.52
CA ALA A 25 4.46 -13.85 27.22
C ALA A 25 3.09 -13.18 27.33
N GLN A 26 2.34 -13.50 28.38
CA GLN A 26 1.00 -12.95 28.54
C GLN A 26 0.99 -11.48 28.96
N GLU A 27 1.95 -11.10 29.79
CA GLU A 27 1.96 -9.75 30.32
C GLU A 27 2.68 -8.79 29.40
N ARG A 28 3.71 -9.29 28.71
CA ARG A 28 4.59 -8.39 27.98
C ARG A 28 4.58 -8.59 26.48
N LEU A 29 4.18 -9.76 25.99
CA LEU A 29 4.15 -9.99 24.55
C LEU A 29 2.74 -9.87 23.95
N ALA A 30 1.77 -10.49 24.61
CA ALA A 30 0.40 -10.50 24.09
C ALA A 30 -0.20 -9.09 23.90
N PRO A 31 0.05 -8.14 24.83
CA PRO A 31 -0.65 -6.86 24.62
C PRO A 31 -0.25 -6.13 23.36
N GLY A 32 0.98 -6.34 22.87
CA GLY A 32 1.42 -5.66 21.66
C GLY A 32 1.39 -6.51 20.38
N ALA A 33 0.90 -7.74 20.47
CA ALA A 33 1.00 -8.67 19.36
C ALA A 33 0.22 -8.21 18.14
N ALA A 34 -0.97 -7.71 18.38
CA ALA A 34 -1.84 -7.27 17.30
C ALA A 34 -1.23 -6.04 16.60
N ALA A 35 -0.65 -5.15 17.40
CA ALA A 35 -0.03 -3.93 16.86
C ALA A 35 1.20 -4.26 16.01
N ARG A 36 2.02 -5.18 16.50
CA ARG A 36 3.22 -5.58 15.76
C ARG A 36 2.85 -6.29 14.45
N ASP A 37 1.72 -7.01 14.45
CA ASP A 37 1.16 -7.55 13.20
C ASP A 37 0.78 -6.44 12.23
N ARG A 38 0.09 -5.41 12.73
CA ARG A 38 -0.38 -4.37 11.84
C ARG A 38 0.76 -3.53 11.28
N GLU A 39 1.82 -3.39 12.07
CA GLU A 39 2.94 -2.50 11.75
C GLU A 39 4.11 -3.23 11.12
N HIS A 40 4.04 -4.56 11.12
CA HIS A 40 5.16 -5.41 10.70
C HIS A 40 6.41 -5.03 11.50
N ALA A 41 6.22 -4.78 12.79
CA ALA A 41 7.28 -4.19 13.61
C ALA A 41 8.05 -5.25 14.39
N PHE A 42 9.35 -5.33 14.14
CA PHE A 42 10.25 -6.21 14.88
C PHE A 42 10.22 -5.91 16.39
N PRO A 43 10.11 -6.95 17.25
CA PRO A 43 9.95 -6.68 18.69
C PRO A 43 11.28 -6.47 19.44
N ARG A 44 12.08 -5.49 19.00
CA ARG A 44 13.39 -5.25 19.57
CA ARG A 44 13.39 -5.27 19.59
C ARG A 44 13.31 -4.92 21.07
N ALA A 45 12.34 -4.09 21.45
CA ALA A 45 12.22 -3.71 22.86
C ALA A 45 11.87 -4.93 23.72
N GLU A 46 10.94 -5.75 23.24
CA GLU A 46 10.51 -6.95 23.95
C GLU A 46 11.62 -8.00 23.99
N LEU A 47 12.39 -8.10 22.91
CA LEU A 47 13.52 -9.03 22.90
C LEU A 47 14.57 -8.62 23.93
N THR A 48 14.82 -7.32 24.07
CA THR A 48 15.71 -6.82 25.10
C THR A 48 15.24 -7.24 26.50
N GLU A 49 13.97 -7.00 26.79
CA GLU A 49 13.35 -7.50 28.01
C GLU A 49 13.56 -9.00 28.21
N MET A 50 13.22 -9.77 27.16
CA MET A 50 13.34 -11.23 27.23
C MET A 50 14.76 -11.66 27.49
N GLY A 51 15.69 -10.94 26.87
CA GLY A 51 17.10 -11.25 27.00
C GLY A 51 17.58 -11.11 28.44
N ALA A 52 17.10 -10.07 29.13
CA ALA A 52 17.43 -9.86 30.55
C ALA A 52 16.92 -10.98 31.45
N LEU A 53 15.86 -11.65 31.02
CA LEU A 53 15.23 -12.72 31.78
C LEU A 53 15.72 -14.12 31.38
N GLY A 54 16.66 -14.17 30.44
CA GLY A 54 17.30 -15.42 30.07
C GLY A 54 16.67 -16.14 28.89
N PHE A 55 15.69 -15.52 28.23
CA PHE A 55 14.91 -16.24 27.24
C PHE A 55 15.58 -16.25 25.87
N LEU A 56 16.70 -15.56 25.75
CA LEU A 56 17.42 -15.58 24.49
C LEU A 56 18.69 -16.39 24.64
N GLY A 57 18.90 -16.94 25.83
CA GLY A 57 20.06 -17.77 26.09
C GLY A 57 19.76 -19.18 26.56
N MET A 58 18.58 -19.69 26.22
CA MET A 58 18.13 -20.98 26.75
C MET A 58 18.98 -22.16 26.30
N LEU A 59 19.59 -22.07 25.13
CA LEU A 59 20.40 -23.17 24.63
C LEU A 59 21.90 -22.91 24.80
N ALA A 60 22.25 -21.80 25.45
CA ALA A 60 23.65 -21.49 25.75
C ALA A 60 24.02 -21.81 27.19
N PRO A 61 25.24 -22.30 27.40
CA PRO A 61 25.69 -22.58 28.78
C PRO A 61 25.86 -21.31 29.61
N GLU A 62 25.89 -21.48 30.92
CA GLU A 62 25.97 -20.34 31.83
C GLU A 62 27.27 -19.55 31.64
N GLU A 63 28.37 -20.23 31.33
CA GLU A 63 29.65 -19.54 31.18
C GLU A 63 29.68 -18.59 29.97
N TRP A 64 28.65 -18.63 29.14
CA TRP A 64 28.55 -17.70 28.01
C TRP A 64 27.38 -16.75 28.17
N GLY A 65 26.79 -16.76 29.36
CA GLY A 65 25.71 -15.85 29.68
C GLY A 65 24.33 -16.44 29.42
N GLY A 66 24.28 -17.73 29.15
CA GLY A 66 23.01 -18.40 28.84
C GLY A 66 22.30 -18.91 30.07
N SER A 67 21.11 -19.48 29.88
CA SER A 67 20.38 -20.06 31.02
C SER A 67 20.45 -21.57 30.98
N ASP A 68 20.99 -22.11 29.88
CA ASP A 68 21.31 -23.52 29.72
C ASP A 68 20.15 -24.43 30.14
N LEU A 69 19.02 -24.28 29.46
CA LEU A 69 17.85 -25.08 29.78
C LEU A 69 17.94 -26.47 29.15
N ASP A 70 17.26 -27.44 29.75
CA ASP A 70 17.11 -28.74 29.10
C ASP A 70 16.13 -28.55 27.94
N MET A 71 16.19 -29.48 26.98
CA MET A 71 15.46 -29.29 25.75
C MET A 71 13.93 -29.33 25.98
N VAL A 72 13.49 -30.10 26.96
CA VAL A 72 12.06 -30.11 27.29
C VAL A 72 11.61 -28.72 27.82
N ALA A 73 12.39 -28.12 28.73
CA ALA A 73 12.08 -26.78 29.24
C ALA A 73 12.08 -25.73 28.14
N TYR A 74 13.03 -25.86 27.22
CA TYR A 74 13.11 -24.97 26.07
C TYR A 74 11.85 -25.04 25.21
N ALA A 75 11.38 -26.25 24.94
CA ALA A 75 10.12 -26.45 24.23
C ALA A 75 8.92 -25.85 24.98
N LEU A 76 8.91 -26.03 26.30
CA LEU A 76 7.82 -25.46 27.09
C LEU A 76 7.85 -23.93 26.96
N ALA A 77 9.04 -23.36 27.02
CA ALA A 77 9.19 -21.90 26.94
C ALA A 77 8.75 -21.38 25.57
N LEU A 78 9.16 -22.06 24.50
CA LEU A 78 8.80 -21.62 23.15
C LEU A 78 7.29 -21.68 22.95
N GLU A 79 6.65 -22.73 23.51
CA GLU A 79 5.20 -22.85 23.41
C GLU A 79 4.54 -21.62 24.06
N GLU A 80 4.99 -21.25 25.25
CA GLU A 80 4.43 -20.09 25.94
C GLU A 80 4.68 -18.79 25.15
N ILE A 81 5.88 -18.64 24.62
CA ILE A 81 6.21 -17.43 23.86
C ILE A 81 5.31 -17.35 22.62
N ALA A 82 5.15 -18.47 21.93
CA ALA A 82 4.29 -18.53 20.74
C ALA A 82 2.83 -18.23 21.06
N ALA A 83 2.37 -18.65 22.23
CA ALA A 83 0.98 -18.39 22.59
C ALA A 83 0.75 -16.91 22.86
N GLY A 84 1.84 -16.19 23.16
CA GLY A 84 1.78 -14.74 23.27
C GLY A 84 1.97 -14.00 21.97
N ASP A 85 2.91 -14.46 21.16
CA ASP A 85 3.24 -13.81 19.89
C ASP A 85 4.02 -14.81 19.02
N GLY A 86 3.36 -15.27 17.97
CA GLY A 86 3.96 -16.27 17.09
C GLY A 86 5.29 -15.86 16.50
N ALA A 87 5.35 -14.67 15.92
CA ALA A 87 6.56 -14.23 15.26
C ALA A 87 7.71 -14.13 16.25
N CYS A 88 7.40 -13.70 17.48
CA CYS A 88 8.43 -13.64 18.52
CA CYS A 88 8.45 -13.62 18.49
C CYS A 88 9.07 -14.99 18.74
N SER A 89 8.23 -16.01 18.79
CA SER A 89 8.71 -17.36 19.01
C SER A 89 9.59 -17.83 17.83
N THR A 90 9.25 -17.41 16.61
CA THR A 90 10.13 -17.73 15.47
C THR A 90 11.53 -17.12 15.65
N ILE A 91 11.56 -15.84 15.98
CA ILE A 91 12.83 -15.13 16.17
C ILE A 91 13.67 -15.83 17.24
N VAL A 92 13.01 -16.24 18.34
CA VAL A 92 13.77 -16.88 19.42
C VAL A 92 14.25 -18.26 19.00
N SER A 93 13.41 -19.01 18.29
CA SER A 93 13.75 -20.39 17.91
C SER A 93 14.96 -20.40 16.97
N VAL A 94 14.92 -19.50 15.99
CA VAL A 94 16.02 -19.36 15.05
C VAL A 94 17.29 -18.91 15.76
N HIS A 95 17.17 -17.85 16.55
CA HIS A 95 18.29 -17.29 17.31
C HIS A 95 18.99 -18.38 18.11
N SER A 96 18.19 -19.16 18.84
CA SER A 96 18.74 -20.12 19.78
C SER A 96 19.34 -21.33 19.09
N SER A 97 18.59 -21.90 18.14
CA SER A 97 18.93 -23.20 17.58
C SER A 97 19.92 -23.14 16.42
N VAL A 98 19.91 -22.08 15.63
CA VAL A 98 20.83 -22.06 14.49
C VAL A 98 21.65 -20.78 14.46
N GLY A 99 21.44 -19.91 15.44
CA GLY A 99 22.33 -18.76 15.60
C GLY A 99 23.39 -19.05 16.63
N CYS A 100 22.94 -19.31 17.86
CA CYS A 100 23.84 -19.60 18.96
C CYS A 100 24.49 -20.98 18.90
N MET A 101 23.72 -22.01 18.58
CA MET A 101 24.29 -23.36 18.69
C MET A 101 25.47 -23.62 17.75
N PRO A 102 25.43 -23.13 16.49
CA PRO A 102 26.60 -23.43 15.66
C PRO A 102 27.88 -22.79 16.19
N ILE A 103 27.78 -21.58 16.72
CA ILE A 103 28.95 -20.91 17.29
C ILE A 103 29.39 -21.65 18.57
N LEU A 104 28.43 -22.09 19.36
CA LEU A 104 28.79 -22.84 20.58
C LEU A 104 29.53 -24.13 20.24
N ARG A 105 28.99 -24.91 19.32
CA ARG A 105 29.58 -26.21 19.02
C ARG A 105 30.86 -26.13 18.19
N PHE A 106 30.91 -25.22 17.23
CA PHE A 106 32.00 -25.20 16.26
C PHE A 106 32.95 -24.03 16.42
N GLY A 107 32.58 -23.07 17.25
CA GLY A 107 33.41 -21.89 17.44
C GLY A 107 34.69 -22.13 18.21
N THR A 108 35.72 -21.37 17.85
CA THR A 108 36.93 -21.32 18.67
C THR A 108 36.60 -20.60 19.96
N GLU A 109 37.47 -20.72 20.95
CA GLU A 109 37.26 -20.01 22.21
CA GLU A 109 37.27 -20.00 22.22
C GLU A 109 37.13 -18.52 21.95
N ASP A 110 37.94 -17.98 21.04
CA ASP A 110 37.87 -16.55 20.76
C ASP A 110 36.59 -16.15 20.02
N GLN A 111 36.11 -16.99 19.12
CA GLN A 111 34.86 -16.69 18.44
C GLN A 111 33.70 -16.69 19.44
N LYS A 112 33.75 -17.61 20.38
CA LYS A 112 32.69 -17.68 21.38
C LYS A 112 32.76 -16.46 22.27
N ARG A 113 33.96 -16.04 22.66
CA ARG A 113 34.11 -14.84 23.47
C ARG A 113 33.59 -13.60 22.76
N ARG A 114 33.84 -13.52 21.46
CA ARG A 114 33.43 -12.34 20.72
C ARG A 114 31.94 -12.28 20.46
N PHE A 115 31.28 -13.43 20.31
CA PHE A 115 29.90 -13.44 19.87
C PHE A 115 28.86 -13.91 20.87
N LEU A 116 29.17 -14.91 21.70
CA LEU A 116 28.10 -15.59 22.44
C LEU A 116 27.52 -14.81 23.63
N PRO A 117 28.35 -14.09 24.40
CA PRO A 117 27.69 -13.32 25.49
C PRO A 117 26.65 -12.30 25.01
N LYS A 118 26.92 -11.55 23.94
CA LYS A 118 25.93 -10.59 23.45
C LYS A 118 24.74 -11.29 22.79
N MET A 119 24.97 -12.49 22.26
CA MET A 119 23.84 -13.26 21.69
C MET A 119 23.00 -13.91 22.79
N ALA A 120 23.66 -14.44 23.82
CA ALA A 120 22.95 -15.13 24.88
C ALA A 120 22.08 -14.17 25.72
N CYS A 121 22.44 -12.89 25.78
CA CYS A 121 21.60 -11.94 26.52
C CYS A 121 20.63 -11.24 25.59
N GLY A 122 20.66 -11.62 24.31
CA GLY A 122 19.75 -11.07 23.33
C GLY A 122 20.08 -9.70 22.78
N GLU A 123 21.21 -9.13 23.18
CA GLU A 123 21.69 -7.89 22.58
C GLU A 123 21.91 -8.03 21.07
N TRP A 124 22.55 -9.13 20.68
CA TRP A 124 22.75 -9.44 19.27
C TRP A 124 21.85 -10.61 18.90
N ILE A 125 20.96 -10.39 17.93
CA ILE A 125 20.05 -11.43 17.49
C ILE A 125 20.67 -12.22 16.35
N GLY A 126 20.61 -13.56 16.46
CA GLY A 126 21.23 -14.42 15.46
C GLY A 126 20.30 -14.94 14.40
N GLY A 127 20.86 -15.09 13.19
CA GLY A 127 20.17 -15.64 12.04
C GLY A 127 21.07 -16.61 11.32
N PHE A 128 20.54 -17.22 10.25
CA PHE A 128 21.12 -18.40 9.62
C PHE A 128 20.84 -18.26 8.13
N ALA A 129 21.87 -18.13 7.32
CA ALA A 129 21.64 -17.91 5.89
C ALA A 129 22.21 -19.02 5.03
N LEU A 130 21.43 -20.07 4.84
CA LEU A 130 21.84 -21.17 3.99
C LEU A 130 21.14 -21.14 2.63
N THR A 131 19.81 -21.09 2.67
CA THR A 131 18.99 -21.33 1.47
C THR A 131 19.12 -20.25 0.40
N GLU A 132 19.11 -20.68 -0.86
CA GLU A 132 19.34 -19.77 -1.97
C GLU A 132 18.20 -19.82 -2.98
N PRO A 133 18.06 -18.76 -3.80
CA PRO A 133 17.14 -18.75 -4.95
C PRO A 133 17.38 -19.94 -5.88
N LEU A 142 24.56 -24.57 -3.71
CA LEU A 142 24.87 -23.19 -3.34
C LEU A 142 25.67 -22.50 -4.43
N LYS A 143 25.31 -21.24 -4.72
CA LYS A 143 26.05 -20.44 -5.67
C LYS A 143 26.86 -19.36 -4.94
N THR A 144 26.49 -19.05 -3.69
CA THR A 144 27.28 -18.12 -2.89
C THR A 144 28.68 -18.69 -2.70
N ARG A 145 29.71 -17.91 -2.99
CA ARG A 145 31.03 -18.46 -2.77
C ARG A 145 31.89 -17.54 -1.94
N ALA A 146 32.93 -18.11 -1.36
CA ALA A 146 33.86 -17.37 -0.55
C ALA A 146 35.28 -17.62 -1.05
N ARG A 147 35.96 -16.54 -1.38
CA ARG A 147 37.32 -16.58 -1.94
C ARG A 147 38.32 -16.11 -0.90
N LEU A 148 39.34 -16.91 -0.62
CA LEU A 148 40.35 -16.53 0.36
C LEU A 148 41.27 -15.46 -0.20
N ASP A 149 41.33 -14.33 0.49
CA ASP A 149 42.17 -13.22 0.08
C ASP A 149 42.98 -12.73 1.28
N GLY A 150 44.09 -13.42 1.54
CA GLY A 150 44.96 -13.08 2.65
C GLY A 150 44.35 -13.38 4.00
N ASP A 151 44.07 -12.32 4.76
CA ASP A 151 43.48 -12.44 6.09
C ASP A 151 41.96 -12.28 6.06
N HIS A 152 41.40 -12.21 4.86
CA HIS A 152 39.95 -12.10 4.69
C HIS A 152 39.43 -13.09 3.65
N TYR A 153 38.19 -13.54 3.84
CA TYR A 153 37.44 -14.18 2.76
C TYR A 153 36.61 -13.11 2.05
N VAL A 154 36.47 -13.24 0.74
CA VAL A 154 35.57 -12.36 -0.01
C VAL A 154 34.33 -13.15 -0.44
N ILE A 155 33.16 -12.70 -0.02
CA ILE A 155 31.92 -13.46 -0.23
C ILE A 155 31.00 -12.77 -1.22
N ASP A 156 30.56 -13.53 -2.22
CA ASP A 156 29.66 -13.01 -3.23
C ASP A 156 28.54 -14.00 -3.41
N GLY A 157 27.30 -13.53 -3.38
CA GLY A 157 26.18 -14.43 -3.59
C GLY A 157 24.87 -13.85 -3.13
N SER A 158 23.89 -14.72 -2.87
CA SER A 158 22.58 -14.31 -2.43
C SER A 158 21.90 -15.42 -1.62
N LYS A 159 20.92 -15.04 -0.81
CA LYS A 159 20.16 -15.97 0.02
C LYS A 159 18.69 -15.54 -0.03
N GLN A 160 17.78 -16.47 0.25
CA GLN A 160 16.35 -16.16 0.24
C GLN A 160 15.69 -16.78 1.47
N PHE A 161 14.60 -16.15 1.91
CA PHE A 161 13.80 -16.60 3.05
C PHE A 161 14.61 -16.64 4.35
N ILE A 162 15.39 -15.60 4.61
CA ILE A 162 16.25 -15.58 5.78
C ILE A 162 15.58 -14.84 6.92
N THR A 163 15.17 -15.56 7.96
CA THR A 163 14.61 -14.93 9.17
C THR A 163 15.65 -14.06 9.86
N SER A 164 15.25 -12.85 10.23
CA SER A 164 16.13 -11.88 10.89
C SER A 164 17.32 -11.48 10.02
N GLY A 165 17.16 -11.56 8.70
CA GLY A 165 18.23 -11.17 7.80
C GLY A 165 18.51 -9.67 7.89
N LYS A 166 17.51 -8.91 8.33
CA LYS A 166 17.66 -7.46 8.40
C LYS A 166 17.79 -6.98 9.83
N ASN A 167 16.96 -7.53 10.72
CA ASN A 167 16.93 -7.10 12.09
C ASN A 167 17.87 -7.87 12.98
N GLY A 168 18.39 -8.98 12.48
CA GLY A 168 19.41 -9.71 13.19
C GLY A 168 20.71 -8.92 13.19
N ASN A 169 21.60 -9.27 14.11
CA ASN A 169 22.90 -8.61 14.21
C ASN A 169 24.03 -9.50 13.72
N VAL A 170 23.83 -10.80 13.86
CA VAL A 170 24.84 -11.79 13.46
C VAL A 170 24.17 -12.88 12.65
N VAL A 171 24.67 -13.15 11.45
CA VAL A 171 24.10 -14.20 10.62
C VAL A 171 25.18 -15.20 10.20
N ILE A 172 24.86 -16.49 10.33
CA ILE A 172 25.74 -17.54 9.85
C ILE A 172 25.51 -17.73 8.36
N VAL A 173 26.52 -17.37 7.58
CA VAL A 173 26.43 -17.47 6.13
C VAL A 173 27.19 -18.69 5.60
N PHE A 174 26.54 -19.42 4.71
CA PHE A 174 27.12 -20.62 4.12
C PHE A 174 27.52 -20.32 2.68
N ALA A 175 28.76 -20.60 2.35
CA ALA A 175 29.30 -20.27 1.04
C ALA A 175 30.25 -21.35 0.58
N VAL A 176 30.29 -21.57 -0.73
CA VAL A 176 31.21 -22.53 -1.30
C VAL A 176 32.66 -22.04 -1.27
N THR A 177 33.56 -22.86 -0.73
CA THR A 177 34.98 -22.54 -0.73
C THR A 177 35.77 -23.45 -1.68
N ASP A 178 35.19 -24.59 -2.03
CA ASP A 178 35.76 -25.50 -3.04
C ASP A 178 34.65 -26.10 -3.90
N PRO A 179 34.41 -25.50 -5.08
CA PRO A 179 33.33 -25.93 -5.97
C PRO A 179 33.50 -27.35 -6.51
N ALA A 180 34.71 -27.89 -6.46
CA ALA A 180 34.96 -29.22 -6.99
C ALA A 180 34.66 -30.32 -5.96
N ALA A 181 34.45 -29.94 -4.70
CA ALA A 181 34.27 -30.92 -3.64
C ALA A 181 32.80 -31.14 -3.31
N GLY A 182 31.91 -30.49 -4.04
CA GLY A 182 30.48 -30.64 -3.83
C GLY A 182 30.06 -30.33 -2.41
N LYS A 183 29.31 -31.24 -1.79
CA LYS A 183 28.82 -31.05 -0.44
C LYS A 183 29.95 -31.04 0.59
N LYS A 184 31.15 -31.41 0.15
CA LYS A 184 32.30 -31.35 1.03
C LYS A 184 33.07 -30.02 0.88
N GLY A 185 32.54 -29.10 0.07
CA GLY A 185 33.26 -27.88 -0.24
C GLY A 185 32.59 -26.60 0.22
N ILE A 186 31.72 -26.73 1.22
CA ILE A 186 31.01 -25.60 1.80
C ILE A 186 31.65 -25.18 3.12
N SER A 187 31.68 -23.87 3.39
CA SER A 187 32.17 -23.37 4.67
C SER A 187 31.15 -22.44 5.31
N ALA A 188 31.27 -22.26 6.62
CA ALA A 188 30.39 -21.39 7.39
C ALA A 188 31.13 -20.13 7.85
N PHE A 189 30.43 -19.01 7.87
CA PHE A 189 31.04 -17.76 8.27
C PHE A 189 30.15 -16.97 9.20
N ILE A 190 30.72 -16.45 10.29
CA ILE A 190 29.98 -15.59 11.21
C ILE A 190 30.01 -14.17 10.65
N VAL A 191 28.86 -13.67 10.22
CA VAL A 191 28.80 -12.37 9.54
C VAL A 191 27.94 -11.33 10.27
N PRO A 192 28.58 -10.30 10.85
CA PRO A 192 27.78 -9.18 11.38
C PRO A 192 26.96 -8.56 10.27
N THR A 193 25.70 -8.21 10.51
CA THR A 193 24.85 -7.78 9.40
C THR A 193 25.16 -6.35 8.94
N ASP A 194 26.08 -5.68 9.62
CA ASP A 194 26.53 -4.35 9.21
C ASP A 194 27.89 -4.41 8.50
N THR A 195 28.31 -5.62 8.15
CA THR A 195 29.47 -5.81 7.29
C THR A 195 29.20 -5.14 5.94
N PRO A 196 30.12 -4.27 5.48
CA PRO A 196 29.95 -3.67 4.14
C PRO A 196 29.88 -4.76 3.07
N GLY A 197 28.92 -4.64 2.17
CA GLY A 197 28.70 -5.66 1.16
C GLY A 197 27.58 -6.61 1.53
N TYR A 198 27.16 -6.56 2.79
CA TYR A 198 25.96 -7.28 3.24
C TYR A 198 24.76 -6.40 2.94
N GLU A 199 23.80 -6.93 2.19
CA GLU A 199 22.69 -6.13 1.70
C GLU A 199 21.38 -6.88 1.82
N VAL A 200 20.36 -6.22 2.36
CA VAL A 200 19.02 -6.79 2.37
C VAL A 200 18.36 -6.37 1.06
N MET A 201 18.13 -7.33 0.17
CA MET A 201 17.55 -7.06 -1.14
C MET A 201 16.05 -6.82 -1.04
N SER A 202 15.42 -7.44 -0.04
N SER A 202 15.44 -7.42 -0.03
CA SER A 202 13.96 -7.37 0.13
CA SER A 202 14.00 -7.29 0.18
C SER A 202 13.52 -7.93 1.48
C SER A 202 13.60 -7.84 1.54
N VAL A 203 12.53 -7.30 2.09
CA VAL A 203 11.88 -7.88 3.24
C VAL A 203 10.52 -8.30 2.71
N GLU A 204 10.19 -9.59 2.78
CA GLU A 204 9.02 -10.06 2.04
C GLU A 204 7.72 -9.70 2.75
N HIS A 205 6.71 -9.33 1.97
CA HIS A 205 5.37 -9.17 2.52
C HIS A 205 4.75 -10.56 2.63
N LYS A 206 4.34 -10.94 3.84
CA LYS A 206 3.85 -12.30 4.06
CA LYS A 206 3.86 -12.30 4.09
C LYS A 206 2.38 -12.35 4.45
N LEU A 207 1.84 -13.55 4.51
CA LEU A 207 0.48 -13.76 4.98
C LEU A 207 0.40 -13.40 6.46
N GLY A 208 1.44 -13.76 7.21
CA GLY A 208 1.43 -13.48 8.63
C GLY A 208 2.83 -13.45 9.20
N GLN A 209 2.92 -13.55 10.52
CA GLN A 209 4.18 -13.27 11.25
C GLN A 209 4.87 -12.03 10.69
N HIS A 210 4.10 -10.97 10.51
CA HIS A 210 4.61 -9.74 9.92
C HIS A 210 5.78 -9.14 10.69
N SER A 211 5.75 -9.30 12.02
CA SER A 211 6.73 -8.71 12.92
CA SER A 211 6.74 -8.65 12.85
C SER A 211 8.13 -9.26 12.69
N SER A 212 8.23 -10.51 12.22
CA SER A 212 9.55 -11.09 11.95
C SER A 212 9.93 -10.90 10.49
N ASP A 213 11.06 -10.25 10.25
CA ASP A 213 11.55 -10.04 8.88
C ASP A 213 12.06 -11.35 8.26
N THR A 214 11.54 -11.64 7.08
CA THR A 214 12.01 -12.73 6.26
C THR A 214 12.59 -12.10 5.01
N CYS A 215 13.89 -12.32 4.78
CA CYS A 215 14.65 -11.49 3.86
C CYS A 215 15.34 -12.22 2.74
N ALA A 216 15.42 -11.54 1.60
CA ALA A 216 16.39 -11.90 0.58
C ALA A 216 17.65 -11.08 0.83
N LEU A 217 18.80 -11.75 0.78
CA LEU A 217 20.08 -11.09 0.99
C LEU A 217 20.94 -11.13 -0.27
N GLY A 218 21.78 -10.10 -0.41
CA GLY A 218 22.81 -10.10 -1.42
C GLY A 218 24.14 -9.82 -0.75
N PHE A 219 25.18 -10.49 -1.23
CA PHE A 219 26.54 -10.23 -0.77
C PHE A 219 27.38 -9.82 -1.97
N THR A 220 27.95 -8.64 -1.89
CA THR A 220 28.80 -8.13 -2.96
C THR A 220 30.14 -7.73 -2.40
N ASN A 221 31.21 -8.39 -2.86
CA ASN A 221 32.57 -8.11 -2.40
C ASN A 221 32.63 -8.02 -0.86
N MET A 222 31.93 -8.93 -0.20
CA MET A 222 31.76 -8.85 1.25
C MET A 222 32.93 -9.51 1.97
N ARG A 223 33.79 -8.67 2.55
CA ARG A 223 35.02 -9.15 3.17
C ARG A 223 34.75 -9.60 4.61
N VAL A 224 35.13 -10.84 4.89
CA VAL A 224 34.89 -11.44 6.19
C VAL A 224 36.24 -11.92 6.74
N PRO A 225 36.58 -11.49 7.96
CA PRO A 225 37.89 -11.89 8.49
C PRO A 225 38.01 -13.41 8.57
N VAL A 226 39.15 -13.96 8.18
CA VAL A 226 39.38 -15.40 8.28
C VAL A 226 39.10 -15.92 9.69
N GLU A 227 39.25 -15.08 10.71
CA GLU A 227 38.91 -15.45 12.09
C GLU A 227 37.40 -15.56 12.35
N ASN A 228 36.58 -15.26 11.34
CA ASN A 228 35.14 -15.39 11.46
C ASN A 228 34.61 -16.62 10.70
N ARG A 229 35.51 -17.40 10.13
CA ARG A 229 35.13 -18.70 9.56
C ARG A 229 34.82 -19.67 10.68
N LEU A 230 33.61 -20.20 10.65
CA LEU A 230 33.13 -21.11 11.68
C LEU A 230 33.50 -22.52 11.26
N GLY A 231 34.43 -23.13 11.97
CA GLY A 231 34.90 -24.45 11.62
C GLY A 231 35.94 -24.45 10.52
N ALA A 232 36.39 -25.63 10.12
CA ALA A 232 37.38 -25.76 9.07
C ALA A 232 36.72 -25.50 7.71
N GLU A 233 37.52 -25.11 6.71
CA GLU A 233 37.02 -25.07 5.34
C GLU A 233 36.46 -26.45 5.01
N GLY A 234 35.26 -26.49 4.45
CA GLY A 234 34.64 -27.76 4.11
C GLY A 234 33.67 -28.27 5.17
N GLU A 235 33.68 -27.65 6.35
CA GLU A 235 32.82 -28.14 7.43
C GLU A 235 31.39 -27.57 7.35
N GLY A 236 31.14 -26.74 6.34
CA GLY A 236 29.87 -26.02 6.23
C GLY A 236 28.64 -26.89 6.11
N TYR A 237 28.75 -27.99 5.37
CA TYR A 237 27.63 -28.92 5.22
C TYR A 237 27.26 -29.54 6.55
N LYS A 238 28.25 -30.01 7.30
CA LYS A 238 27.99 -30.58 8.62
C LYS A 238 27.37 -29.54 9.57
N ILE A 239 27.89 -28.31 9.52
CA ILE A 239 27.40 -27.24 10.36
C ILE A 239 25.95 -26.89 10.00
N ALA A 240 25.66 -26.90 8.70
CA ALA A 240 24.31 -26.54 8.25
C ALA A 240 23.27 -27.52 8.73
N LEU A 241 23.67 -28.77 8.92
CA LEU A 241 22.74 -29.80 9.35
C LEU A 241 22.82 -30.11 10.85
N ALA A 242 23.63 -29.35 11.58
CA ALA A 242 23.95 -29.73 12.96
C ALA A 242 22.78 -29.53 13.92
N ASN A 243 21.78 -28.76 13.51
CA ASN A 243 20.72 -28.39 14.43
C ASN A 243 19.33 -28.60 13.83
N LEU A 244 19.23 -29.53 12.88
CA LEU A 244 17.93 -29.89 12.32
C LEU A 244 16.95 -30.25 13.42
N GLU A 245 17.39 -31.04 14.39
CA GLU A 245 16.49 -31.53 15.43
C GLU A 245 15.99 -30.40 16.33
N GLY A 246 16.92 -29.59 16.85
CA GLY A 246 16.58 -28.46 17.71
C GLY A 246 15.65 -27.46 17.06
N GLY A 247 15.94 -27.14 15.79
CA GLY A 247 15.10 -26.24 15.03
C GLY A 247 13.71 -26.81 14.84
N ARG A 248 13.63 -28.09 14.48
CA ARG A 248 12.31 -28.66 14.19
C ARG A 248 11.49 -28.83 15.48
N ILE A 249 12.16 -29.14 16.58
CA ILE A 249 11.49 -29.23 17.87
C ILE A 249 10.92 -27.86 18.24
N GLY A 250 11.72 -26.81 18.04
CA GLY A 250 11.28 -25.46 18.33
C GLY A 250 10.07 -25.01 17.54
N ILE A 251 10.07 -25.28 16.23
CA ILE A 251 8.92 -24.91 15.42
C ILE A 251 7.70 -25.76 15.80
N ALA A 252 7.93 -27.03 16.13
CA ALA A 252 6.81 -27.84 16.62
C ALA A 252 6.17 -27.22 17.86
N ALA A 253 6.99 -26.80 18.82
CA ALA A 253 6.50 -26.19 20.04
C ALA A 253 5.73 -24.91 19.77
N GLN A 254 6.21 -24.12 18.81
CA GLN A 254 5.54 -22.85 18.53
C GLN A 254 4.19 -23.12 17.90
N ALA A 255 4.09 -24.18 17.09
CA ALA A 255 2.80 -24.54 16.48
C ALA A 255 1.80 -24.95 17.57
N VAL A 256 2.27 -25.73 18.55
CA VAL A 256 1.42 -26.07 19.70
C VAL A 256 0.95 -24.81 20.42
N GLY A 257 1.87 -23.88 20.68
CA GLY A 257 1.54 -22.63 21.36
C GLY A 257 0.52 -21.76 20.63
N MET A 258 0.67 -21.60 19.32
CA MET A 258 -0.28 -20.81 18.56
C MET A 258 -1.64 -21.51 18.54
N ALA A 259 -1.63 -22.82 18.32
CA ALA A 259 -2.88 -23.58 18.35
C ALA A 259 -3.57 -23.39 19.70
N ARG A 260 -2.78 -23.45 20.77
CA ARG A 260 -3.35 -23.33 22.10
C ARG A 260 -4.00 -21.97 22.30
N ALA A 261 -3.34 -20.91 21.82
CA ALA A 261 -3.86 -19.57 21.99
C ALA A 261 -5.21 -19.45 21.27
N ALA A 262 -5.28 -19.97 20.06
CA ALA A 262 -6.52 -19.93 19.28
C ALA A 262 -7.62 -20.76 19.97
N PHE A 263 -7.25 -21.92 20.49
CA PHE A 263 -8.20 -22.75 21.24
C PHE A 263 -8.74 -22.01 22.46
N GLU A 264 -7.87 -21.35 23.21
CA GLU A 264 -8.31 -20.64 24.40
C GLU A 264 -9.24 -19.49 24.05
N ALA A 265 -8.91 -18.79 22.95
CA ALA A 265 -9.78 -17.73 22.46
C ALA A 265 -11.15 -18.30 22.10
N ALA A 266 -11.18 -19.46 21.45
CA ALA A 266 -12.45 -20.05 21.02
C ALA A 266 -13.26 -20.56 22.20
N ARG A 267 -12.55 -21.11 23.18
CA ARG A 267 -13.20 -21.60 24.39
C ARG A 267 -13.83 -20.45 25.13
N ASP A 268 -13.08 -19.36 25.26
CA ASP A 268 -13.58 -18.16 25.93
C ASP A 268 -14.75 -17.54 25.18
N TYR A 269 -14.65 -17.47 23.85
CA TYR A 269 -15.75 -16.92 23.06
C TYR A 269 -16.99 -17.80 23.25
N ALA A 270 -16.81 -19.11 23.24
CA ALA A 270 -17.96 -20.00 23.44
C ALA A 270 -18.62 -19.71 24.79
N ARG A 271 -17.83 -19.60 25.84
CA ARG A 271 -18.41 -19.39 27.18
C ARG A 271 -19.07 -18.01 27.29
N GLU A 272 -18.45 -16.99 26.70
CA GLU A 272 -18.96 -15.63 26.84
C GLU A 272 -20.07 -15.26 25.87
N ARG A 273 -20.03 -15.82 24.67
CA ARG A 273 -20.88 -15.34 23.58
C ARG A 273 -21.78 -16.40 22.97
N ILE A 274 -21.61 -17.66 23.37
CA ILE A 274 -22.48 -18.74 22.85
C ILE A 274 -23.34 -19.35 23.97
N THR A 275 -22.73 -19.68 25.11
CA THR A 275 -23.48 -20.27 26.22
C THR A 275 -23.77 -19.26 27.32
N PHE A 276 -23.13 -18.10 27.24
CA PHE A 276 -23.37 -16.98 28.16
C PHE A 276 -23.21 -17.39 29.63
N GLY A 277 -22.13 -18.11 29.92
CA GLY A 277 -21.80 -18.47 31.28
C GLY A 277 -22.18 -19.90 31.66
N LYS A 278 -23.12 -20.46 30.91
CA LYS A 278 -23.57 -21.82 31.17
C LYS A 278 -22.52 -22.80 30.72
N PRO A 279 -22.55 -24.02 31.25
CA PRO A 279 -21.60 -25.05 30.83
C PRO A 279 -21.54 -25.17 29.30
N ILE A 280 -20.33 -25.18 28.76
CA ILE A 280 -20.13 -25.24 27.33
C ILE A 280 -20.77 -26.51 26.76
N ILE A 281 -20.77 -27.59 27.54
CA ILE A 281 -21.42 -28.84 27.18
C ILE A 281 -22.89 -28.69 26.77
N GLU A 282 -23.53 -27.59 27.18
CA GLU A 282 -24.93 -27.37 26.82
C GLU A 282 -25.11 -27.08 25.33
N HIS A 283 -24.02 -26.70 24.66
CA HIS A 283 -24.02 -26.58 23.20
C HIS A 283 -23.15 -27.67 22.65
N GLN A 284 -23.78 -28.79 22.29
CA GLN A 284 -23.04 -30.03 22.07
C GLN A 284 -22.01 -29.92 20.95
N ALA A 285 -22.41 -29.37 19.81
CA ALA A 285 -21.51 -29.35 18.66
C ALA A 285 -20.27 -28.53 18.97
N VAL A 286 -20.47 -27.33 19.51
CA VAL A 286 -19.34 -26.49 19.87
C VAL A 286 -18.50 -27.13 20.98
N ALA A 287 -19.14 -27.72 21.99
CA ALA A 287 -18.39 -28.43 23.03
C ALA A 287 -17.52 -29.57 22.44
N PHE A 288 -18.08 -30.37 21.55
CA PHE A 288 -17.34 -31.50 20.97
C PHE A 288 -16.21 -31.01 20.07
N ARG A 289 -16.43 -29.89 19.38
CA ARG A 289 -15.39 -29.31 18.55
C ARG A 289 -14.23 -28.84 19.42
N LEU A 290 -14.54 -28.18 20.53
CA LEU A 290 -13.52 -27.73 21.46
C LEU A 290 -12.79 -28.92 22.11
N ALA A 291 -13.54 -29.97 22.42
CA ALA A 291 -12.93 -31.18 22.95
C ALA A 291 -11.92 -31.76 21.97
N ASP A 292 -12.29 -31.81 20.69
CA ASP A 292 -11.39 -32.31 19.66
C ASP A 292 -10.12 -31.44 19.55
N MET A 293 -10.33 -30.13 19.58
CA MET A 293 -9.23 -29.17 19.52
C MET A 293 -8.27 -29.39 20.68
N ALA A 294 -8.81 -29.49 21.89
CA ALA A 294 -7.99 -29.70 23.07
C ALA A 294 -7.20 -31.00 22.93
N THR A 295 -7.88 -32.05 22.48
CA THR A 295 -7.27 -33.37 22.33
C THR A 295 -6.11 -33.34 21.35
N ARG A 296 -6.33 -32.71 20.21
CA ARG A 296 -5.29 -32.60 19.20
C ARG A 296 -4.10 -31.80 19.70
N ILE A 297 -4.35 -30.73 20.44
CA ILE A 297 -3.28 -29.90 20.98
C ILE A 297 -2.43 -30.69 21.97
N GLU A 298 -3.10 -31.38 22.88
CA GLU A 298 -2.39 -32.10 23.93
C GLU A 298 -1.56 -33.23 23.34
N THR A 299 -2.11 -33.87 22.32
CA THR A 299 -1.47 -35.04 21.70
C THR A 299 -0.21 -34.60 20.95
N ALA A 300 -0.33 -33.53 20.16
CA ALA A 300 0.84 -32.94 19.52
C ALA A 300 1.90 -32.51 20.53
N ARG A 301 1.49 -31.89 21.64
CA ARG A 301 2.43 -31.46 22.67
C ARG A 301 3.26 -32.64 23.19
N GLN A 302 2.63 -33.80 23.40
CA GLN A 302 3.35 -34.92 23.99
C GLN A 302 4.38 -35.46 22.98
N MET A 303 4.07 -35.37 21.69
CA MET A 303 5.04 -35.73 20.66
C MET A 303 6.21 -34.76 20.65
N VAL A 304 5.92 -33.47 20.77
CA VAL A 304 6.99 -32.47 20.83
C VAL A 304 7.89 -32.71 22.05
N LEU A 305 7.29 -32.95 23.22
CA LEU A 305 8.09 -33.14 24.42
C LEU A 305 8.89 -34.45 24.38
N HIS A 306 8.32 -35.47 23.73
CA HIS A 306 9.03 -36.74 23.55
C HIS A 306 10.29 -36.53 22.72
N ALA A 307 10.15 -35.79 21.63
CA ALA A 307 11.30 -35.51 20.77
C ALA A 307 12.33 -34.69 21.55
N ALA A 308 11.86 -33.71 22.32
CA ALA A 308 12.75 -32.87 23.09
C ALA A 308 13.49 -33.71 24.15
N ALA A 309 12.77 -34.65 24.76
CA ALA A 309 13.39 -35.53 25.74
C ALA A 309 14.51 -36.38 25.13
N LEU A 310 14.28 -36.87 23.91
CA LEU A 310 15.31 -37.66 23.22
C LEU A 310 16.52 -36.81 22.88
N ARG A 311 16.27 -35.60 22.37
CA ARG A 311 17.36 -34.67 22.07
C ARG A 311 18.16 -34.34 23.31
N GLU A 312 17.47 -34.09 24.42
CA GLU A 312 18.16 -33.77 25.68
C GLU A 312 19.08 -34.90 26.12
N ALA A 313 18.64 -36.14 25.92
CA ALA A 313 19.46 -37.30 26.27
C ALA A 313 20.55 -37.62 25.24
N GLY A 314 20.63 -36.83 24.18
CA GLY A 314 21.59 -37.04 23.11
C GLY A 314 21.31 -38.25 22.24
N LYS A 315 20.09 -38.77 22.28
CA LYS A 315 19.71 -39.93 21.48
C LYS A 315 19.34 -39.51 20.07
N PRO A 316 19.47 -40.43 19.10
CA PRO A 316 18.98 -40.07 17.77
C PRO A 316 17.49 -39.70 17.81
N CYS A 317 17.15 -38.59 17.17
CA CYS A 317 15.79 -38.09 17.25
C CYS A 317 15.40 -37.24 16.05
N LEU A 318 16.13 -37.40 14.95
CA LEU A 318 15.78 -36.69 13.72
C LEU A 318 14.39 -37.10 13.25
N THR A 319 14.11 -38.40 13.30
CA THR A 319 12.79 -38.91 12.94
C THR A 319 11.72 -38.29 13.84
N GLU A 320 11.92 -38.34 15.15
CA GLU A 320 10.94 -37.86 16.11
C GLU A 320 10.76 -36.33 16.07
N ALA A 321 11.86 -35.61 15.90
CA ALA A 321 11.76 -34.15 15.77
C ALA A 321 10.97 -33.77 14.52
N SER A 322 11.22 -34.49 13.43
CA SER A 322 10.51 -34.26 12.18
C SER A 322 9.05 -34.63 12.30
N MET A 323 8.78 -35.73 12.98
CA MET A 323 7.41 -36.12 13.26
C MET A 323 6.67 -35.06 14.06
N ALA A 324 7.33 -34.55 15.09
CA ALA A 324 6.73 -33.53 15.94
C ALA A 324 6.40 -32.27 15.14
N LYS A 325 7.36 -31.84 14.31
CA LYS A 325 7.19 -30.63 13.52
C LYS A 325 6.02 -30.84 12.53
N LEU A 326 6.01 -31.99 11.87
CA LEU A 326 4.94 -32.34 10.93
C LEU A 326 3.58 -32.32 11.61
N VAL A 327 3.44 -33.14 12.66
CA VAL A 327 2.11 -33.33 13.24
C VAL A 327 1.62 -32.04 13.91
N ALA A 328 2.52 -31.29 14.56
CA ALA A 328 2.09 -30.07 15.23
C ALA A 328 1.73 -28.96 14.25
N SER A 329 2.50 -28.82 13.18
CA SER A 329 2.25 -27.75 12.23
C SER A 329 0.90 -27.99 11.54
N GLU A 330 0.62 -29.24 11.18
CA GLU A 330 -0.64 -29.52 10.48
C GLU A 330 -1.81 -29.42 11.45
N MET A 331 -1.62 -29.93 12.66
CA MET A 331 -2.63 -29.81 13.72
C MET A 331 -3.04 -28.35 13.90
N ALA A 332 -2.04 -27.48 13.97
CA ALA A 332 -2.28 -26.10 14.33
C ALA A 332 -3.14 -25.37 13.29
N GLU A 333 -2.95 -25.65 12.01
CA GLU A 333 -3.83 -25.03 11.03
C GLU A 333 -5.28 -25.47 11.26
N GLN A 334 -5.50 -26.76 11.46
CA GLN A 334 -6.86 -27.28 11.69
C GLN A 334 -7.51 -26.66 12.94
N VAL A 335 -6.76 -26.57 14.03
CA VAL A 335 -7.32 -26.04 15.26
C VAL A 335 -7.58 -24.54 15.11
N CYS A 336 -6.66 -23.83 14.45
CA CYS A 336 -6.83 -22.39 14.28
C CYS A 336 -8.03 -22.11 13.38
N SER A 337 -8.23 -22.96 12.39
CA SER A 337 -9.37 -22.76 11.51
C SER A 337 -10.67 -23.05 12.28
N ALA A 338 -10.67 -24.07 13.13
CA ALA A 338 -11.85 -24.38 13.90
C ALA A 338 -12.13 -23.26 14.91
N ALA A 339 -11.06 -22.63 15.43
CA ALA A 339 -11.22 -21.48 16.33
C ALA A 339 -11.92 -20.31 15.63
N ILE A 340 -11.56 -20.07 14.38
CA ILE A 340 -12.24 -19.06 13.57
C ILE A 340 -13.73 -19.41 13.43
N GLN A 341 -14.03 -20.67 13.14
CA GLN A 341 -15.41 -21.07 12.90
C GLN A 341 -16.29 -20.86 14.13
N ILE A 342 -15.73 -21.13 15.31
CA ILE A 342 -16.47 -21.03 16.55
C ILE A 342 -16.86 -19.57 16.82
N HIS A 343 -16.01 -18.66 16.36
CA HIS A 343 -16.31 -17.23 16.49
C HIS A 343 -17.37 -16.72 15.52
N GLY A 344 -17.79 -17.53 14.56
CA GLY A 344 -18.78 -17.09 13.60
C GLY A 344 -18.28 -15.88 12.83
N GLY A 345 -19.15 -14.91 12.54
CA GLY A 345 -18.75 -13.72 11.81
C GLY A 345 -17.52 -13.00 12.38
N TYR A 346 -17.45 -12.96 13.71
CA TYR A 346 -16.32 -12.30 14.39
C TYR A 346 -14.98 -12.98 14.11
N GLY A 347 -15.00 -14.27 13.81
CA GLY A 347 -13.77 -15.00 13.49
C GLY A 347 -13.00 -14.44 12.29
N TYR A 348 -13.73 -13.79 11.38
CA TYR A 348 -13.12 -13.25 10.17
C TYR A 348 -12.62 -11.82 10.40
N LEU A 349 -12.74 -11.32 11.64
CA LEU A 349 -12.45 -9.90 11.91
C LEU A 349 -11.14 -9.71 12.66
N ALA A 350 -10.40 -8.66 12.29
CA ALA A 350 -9.13 -8.35 12.93
C ALA A 350 -9.30 -7.96 14.40
N ASP A 351 -10.53 -7.65 14.80
CA ASP A 351 -10.83 -7.32 16.20
C ASP A 351 -10.62 -8.49 17.16
N TYR A 352 -10.70 -9.71 16.64
CA TYR A 352 -10.45 -10.91 17.43
C TYR A 352 -9.12 -11.47 16.98
N PRO A 353 -8.39 -12.15 17.88
CA PRO A 353 -7.04 -12.59 17.52
C PRO A 353 -6.96 -13.84 16.62
N VAL A 354 -8.03 -14.60 16.47
CA VAL A 354 -7.90 -15.90 15.82
C VAL A 354 -7.59 -15.79 14.32
N GLU A 355 -8.01 -14.72 13.63
CA GLU A 355 -7.64 -14.60 12.22
C GLU A 355 -6.12 -14.36 12.09
N ARG A 356 -5.54 -13.56 12.98
CA ARG A 356 -4.10 -13.37 12.95
C ARG A 356 -3.33 -14.64 13.30
N ILE A 357 -3.78 -15.35 14.33
CA ILE A 357 -3.09 -16.58 14.71
C ILE A 357 -3.15 -17.59 13.56
N TYR A 358 -4.32 -17.71 12.92
CA TYR A 358 -4.45 -18.50 11.68
C TYR A 358 -3.41 -18.14 10.62
N ARG A 359 -3.25 -16.84 10.35
CA ARG A 359 -2.27 -16.39 9.38
C ARG A 359 -0.85 -16.70 9.87
N ASP A 360 -0.62 -16.47 11.15
CA ASP A 360 0.73 -16.64 11.72
C ASP A 360 1.15 -18.10 11.65
N VAL A 361 0.20 -18.98 11.83
CA VAL A 361 0.58 -20.37 12.01
C VAL A 361 0.77 -21.14 10.70
N ARG A 362 0.25 -20.61 9.58
CA ARG A 362 0.22 -21.38 8.33
C ARG A 362 1.64 -21.73 7.83
N VAL A 363 2.61 -20.84 8.10
CA VAL A 363 3.98 -21.05 7.65
C VAL A 363 4.71 -22.15 8.45
N CYS A 364 4.13 -22.59 9.57
CA CYS A 364 4.76 -23.67 10.35
C CYS A 364 4.89 -24.97 9.55
N GLN A 365 4.06 -25.14 8.52
CA GLN A 365 4.16 -26.29 7.65
C GLN A 365 5.15 -26.11 6.52
N ILE A 366 5.72 -24.92 6.41
CA ILE A 366 6.51 -24.55 5.23
C ILE A 366 7.99 -24.35 5.56
N TYR A 367 8.33 -23.50 6.52
CA TYR A 367 9.75 -23.32 6.80
C TYR A 367 10.27 -24.42 7.74
N GLU A 368 11.57 -24.39 8.01
CA GLU A 368 12.24 -25.39 8.83
C GLU A 368 12.01 -26.80 8.29
N GLY A 369 11.99 -26.92 6.95
CA GLY A 369 11.63 -28.18 6.33
C GLY A 369 10.14 -28.22 6.05
N THR A 370 9.77 -28.20 4.77
CA THR A 370 8.35 -28.30 4.41
C THR A 370 7.85 -29.64 4.91
N SER A 371 6.53 -29.79 5.02
CA SER A 371 5.96 -31.08 5.45
C SER A 371 6.50 -32.24 4.61
N ASP A 372 6.62 -32.05 3.29
CA ASP A 372 7.13 -33.14 2.47
C ASP A 372 8.60 -33.43 2.73
N VAL A 373 9.38 -32.41 3.08
CA VAL A 373 10.75 -32.64 3.53
C VAL A 373 10.76 -33.45 4.84
N GLN A 374 9.83 -33.16 5.75
CA GLN A 374 9.71 -33.97 6.96
C GLN A 374 9.36 -35.41 6.59
N ARG A 375 8.41 -35.60 5.69
CA ARG A 375 7.98 -36.95 5.36
C ARG A 375 9.13 -37.73 4.74
N LEU A 376 9.95 -37.02 3.97
CA LEU A 376 11.06 -37.70 3.31
C LEU A 376 12.04 -38.27 4.32
N VAL A 377 12.37 -37.50 5.36
CA VAL A 377 13.35 -37.99 6.33
C VAL A 377 12.71 -39.05 7.23
N ILE A 378 11.43 -38.89 7.53
CA ILE A 378 10.73 -39.94 8.29
C ILE A 378 10.69 -41.25 7.50
N ALA A 379 10.37 -41.17 6.21
CA ALA A 379 10.35 -42.36 5.37
C ALA A 379 11.72 -43.04 5.32
N ARG A 380 12.78 -42.26 5.26
CA ARG A 380 14.14 -42.82 5.19
C ARG A 380 14.51 -43.55 6.47
N GLY A 381 13.89 -43.17 7.57
CA GLY A 381 14.23 -43.72 8.87
C GLY A 381 13.25 -44.76 9.38
N LEU A 382 12.42 -45.28 8.49
CA LEU A 382 11.46 -46.32 8.88
C LEU A 382 12.16 -47.67 8.89
N HIS B 5 -28.42 -32.39 -28.24
CA HIS B 5 -27.97 -31.65 -27.06
C HIS B 5 -28.45 -32.32 -25.77
N HIS B 6 -27.56 -33.10 -25.15
CA HIS B 6 -27.88 -33.88 -23.95
C HIS B 6 -28.40 -33.05 -22.77
N HIS B 7 -29.50 -33.48 -22.16
CA HIS B 7 -30.24 -32.65 -21.21
C HIS B 7 -29.55 -32.44 -19.84
N MET B 8 -28.49 -33.21 -19.57
CA MET B 8 -27.72 -33.06 -18.34
C MET B 8 -26.40 -32.33 -18.56
N LEU B 9 -26.19 -31.82 -19.77
CA LEU B 9 -24.98 -31.08 -20.08
C LEU B 9 -25.32 -29.61 -20.25
N LEU B 10 -24.35 -28.73 -20.07
CA LEU B 10 -24.62 -27.30 -20.26
C LEU B 10 -25.12 -27.01 -21.67
N THR B 11 -26.02 -26.05 -21.79
CA THR B 11 -26.48 -25.56 -23.09
C THR B 11 -25.41 -24.69 -23.72
N ASP B 12 -25.49 -24.46 -25.02
CA ASP B 12 -24.47 -23.65 -25.66
CA ASP B 12 -24.51 -23.61 -25.70
C ASP B 12 -24.51 -22.21 -25.12
N THR B 13 -25.71 -21.72 -24.81
CA THR B 13 -25.85 -20.39 -24.23
C THR B 13 -25.18 -20.33 -22.85
N GLN B 14 -25.32 -21.39 -22.07
CA GLN B 14 -24.66 -21.41 -20.77
C GLN B 14 -23.14 -21.38 -20.95
N GLU B 15 -22.64 -22.12 -21.93
CA GLU B 15 -21.20 -22.13 -22.21
CA GLU B 15 -21.20 -22.12 -22.14
C GLU B 15 -20.74 -20.75 -22.63
N GLN B 16 -21.55 -20.11 -23.46
CA GLN B 16 -21.23 -18.76 -23.95
C GLN B 16 -21.16 -17.74 -22.80
N ILE B 17 -22.09 -17.84 -21.85
CA ILE B 17 -22.10 -16.93 -20.70
C ILE B 17 -20.88 -17.19 -19.82
N ARG B 18 -20.58 -18.46 -19.59
CA ARG B 18 -19.37 -18.81 -18.85
C ARG B 18 -18.13 -18.22 -19.52
N GLU B 19 -18.06 -18.33 -20.85
CA GLU B 19 -16.87 -17.85 -21.54
C GLU B 19 -16.80 -16.33 -21.52
N ALA B 20 -17.96 -15.67 -21.60
CA ALA B 20 -18.01 -14.22 -21.53
C ALA B 20 -17.63 -13.73 -20.13
N ALA B 21 -18.11 -14.42 -19.11
CA ALA B 21 -17.77 -14.05 -17.73
C ALA B 21 -16.28 -14.28 -17.49
N ARG B 22 -15.77 -15.37 -18.06
CA ARG B 22 -14.36 -15.70 -17.94
C ARG B 22 -13.48 -14.63 -18.60
N ASP B 23 -13.80 -14.27 -19.84
CA ASP B 23 -13.03 -13.28 -20.58
C ASP B 23 -13.00 -11.95 -19.81
N PHE B 24 -14.13 -11.53 -19.28
CA PHE B 24 -14.12 -10.28 -18.53
C PHE B 24 -13.33 -10.41 -17.24
N ALA B 25 -13.51 -11.52 -16.54
CA ALA B 25 -12.88 -11.66 -15.23
C ALA B 25 -11.36 -11.73 -15.39
N GLN B 26 -10.90 -12.42 -16.42
CA GLN B 26 -9.47 -12.62 -16.57
C GLN B 26 -8.82 -11.36 -17.08
N GLU B 27 -9.50 -10.64 -17.96
CA GLU B 27 -8.95 -9.42 -18.55
C GLU B 27 -9.05 -8.21 -17.63
N ARG B 28 -10.14 -8.10 -16.87
CA ARG B 28 -10.46 -6.85 -16.20
C ARG B 28 -10.60 -6.95 -14.67
N LEU B 29 -10.70 -8.16 -14.13
CA LEU B 29 -10.76 -8.29 -12.65
C LEU B 29 -9.45 -8.84 -12.09
N ALA B 30 -8.96 -9.94 -12.64
CA ALA B 30 -7.75 -10.56 -12.09
C ALA B 30 -6.52 -9.64 -12.02
N PRO B 31 -6.28 -8.79 -13.05
CA PRO B 31 -5.01 -8.05 -12.96
C PRO B 31 -4.94 -7.06 -11.81
N GLY B 32 -6.09 -6.63 -11.33
CA GLY B 32 -6.15 -5.61 -10.31
C GLY B 32 -6.50 -6.13 -8.93
N ALA B 33 -6.74 -7.44 -8.81
CA ALA B 33 -7.24 -8.03 -7.57
C ALA B 33 -6.28 -7.84 -6.41
N ALA B 34 -4.99 -8.02 -6.68
CA ALA B 34 -3.99 -7.91 -5.64
C ALA B 34 -3.95 -6.49 -5.12
N ALA B 35 -4.05 -5.52 -6.03
CA ALA B 35 -3.98 -4.11 -5.64
C ALA B 35 -5.20 -3.71 -4.81
N ARG B 36 -6.37 -4.15 -5.23
CA ARG B 36 -7.60 -3.82 -4.50
C ARG B 36 -7.60 -4.45 -3.10
N ASP B 37 -6.94 -5.59 -2.97
CA ASP B 37 -6.73 -6.24 -1.67
C ASP B 37 -5.82 -5.37 -0.81
N ARG B 38 -4.69 -4.94 -1.37
CA ARG B 38 -3.73 -4.13 -0.62
C ARG B 38 -4.37 -2.83 -0.17
N GLU B 39 -5.15 -2.22 -1.08
CA GLU B 39 -5.63 -0.86 -0.88
C GLU B 39 -7.03 -0.82 -0.28
N HIS B 40 -7.64 -1.99 -0.08
CA HIS B 40 -9.03 -2.08 0.42
C HIS B 40 -9.93 -1.23 -0.45
N ALA B 41 -9.81 -1.42 -1.75
CA ALA B 41 -10.43 -0.49 -2.70
C ALA B 41 -11.65 -1.11 -3.37
N PHE B 42 -12.79 -0.48 -3.17
CA PHE B 42 -14.04 -0.96 -3.74
C PHE B 42 -13.96 -0.90 -5.25
N PRO B 43 -14.38 -1.97 -5.93
CA PRO B 43 -14.16 -2.06 -7.39
C PRO B 43 -15.26 -1.33 -8.18
N ARG B 44 -15.43 -0.03 -7.93
CA ARG B 44 -16.52 0.73 -8.51
CA ARG B 44 -16.55 0.71 -8.52
C ARG B 44 -16.42 0.78 -10.03
N ALA B 45 -15.21 1.05 -10.53
CA ALA B 45 -15.01 1.12 -11.98
C ALA B 45 -15.27 -0.21 -12.65
N GLU B 46 -14.80 -1.30 -12.03
CA GLU B 46 -14.97 -2.63 -12.60
C GLU B 46 -16.44 -3.04 -12.59
N LEU B 47 -17.15 -2.66 -11.51
CA LEU B 47 -18.57 -2.98 -11.41
C LEU B 47 -19.36 -2.27 -12.52
N THR B 48 -18.98 -1.03 -12.82
CA THR B 48 -19.59 -0.28 -13.90
C THR B 48 -19.37 -0.97 -15.25
N GLU B 49 -18.15 -1.41 -15.53
CA GLU B 49 -17.87 -2.14 -16.76
C GLU B 49 -18.68 -3.43 -16.80
N MET B 50 -18.70 -4.15 -15.69
CA MET B 50 -19.52 -5.37 -15.56
C MET B 50 -20.98 -5.10 -15.83
N GLY B 51 -21.44 -3.95 -15.35
CA GLY B 51 -22.86 -3.62 -15.45
C GLY B 51 -23.24 -3.43 -16.90
N ALA B 52 -22.36 -2.79 -17.65
CA ALA B 52 -22.62 -2.54 -19.06
C ALA B 52 -22.63 -3.84 -19.88
N LEU B 53 -22.02 -4.89 -19.34
CA LEU B 53 -22.04 -6.19 -20.00
C LEU B 53 -23.13 -7.13 -19.51
N GLY B 54 -23.92 -6.67 -18.53
CA GLY B 54 -25.07 -7.42 -18.07
C GLY B 54 -24.85 -8.25 -16.81
N PHE B 55 -23.67 -8.15 -16.23
CA PHE B 55 -23.33 -9.02 -15.11
C PHE B 55 -23.85 -8.52 -13.76
N LEU B 56 -24.48 -7.35 -13.72
CA LEU B 56 -25.11 -6.90 -12.48
CA LEU B 56 -25.11 -6.90 -12.48
C LEU B 56 -26.63 -6.99 -12.56
N GLY B 57 -27.13 -7.47 -13.70
CA GLY B 57 -28.55 -7.68 -13.90
C GLY B 57 -28.94 -9.11 -14.25
N MET B 58 -28.17 -10.09 -13.78
CA MET B 58 -28.37 -11.48 -14.22
C MET B 58 -29.67 -12.08 -13.73
N LEU B 59 -30.14 -11.62 -12.57
CA LEU B 59 -31.41 -12.13 -12.04
C LEU B 59 -32.59 -11.19 -12.32
N ALA B 60 -32.36 -10.15 -13.10
CA ALA B 60 -33.41 -9.16 -13.40
C ALA B 60 -33.94 -9.33 -14.83
N PRO B 61 -35.25 -9.13 -15.03
CA PRO B 61 -35.87 -9.20 -16.37
C PRO B 61 -35.27 -8.17 -17.32
N GLU B 62 -35.31 -8.45 -18.62
CA GLU B 62 -34.81 -7.51 -19.60
C GLU B 62 -35.52 -6.17 -19.58
N GLU B 63 -36.79 -6.14 -19.19
CA GLU B 63 -37.55 -4.88 -19.21
CA GLU B 63 -37.57 -4.90 -19.19
C GLU B 63 -37.06 -3.92 -18.13
N TRP B 64 -36.23 -4.40 -17.21
CA TRP B 64 -35.64 -3.55 -16.19
C TRP B 64 -34.15 -3.33 -16.43
N GLY B 65 -33.65 -3.75 -17.59
CA GLY B 65 -32.25 -3.59 -17.90
C GLY B 65 -31.39 -4.78 -17.52
N GLY B 66 -32.03 -5.86 -17.07
CA GLY B 66 -31.29 -7.05 -16.70
C GLY B 66 -30.98 -7.96 -17.88
N SER B 67 -30.26 -9.06 -17.63
CA SER B 67 -29.97 -10.03 -18.67
C SER B 67 -30.76 -11.31 -18.47
N ASP B 68 -31.44 -11.42 -17.32
CA ASP B 68 -32.44 -12.46 -17.06
C ASP B 68 -31.92 -13.86 -17.34
N LEU B 69 -30.83 -14.22 -16.68
CA LEU B 69 -30.23 -15.53 -16.89
C LEU B 69 -30.93 -16.61 -16.07
N ASP B 70 -30.81 -17.85 -16.52
CA ASP B 70 -31.25 -18.98 -15.73
C ASP B 70 -30.23 -19.22 -14.60
N MET B 71 -30.64 -19.93 -13.55
CA MET B 71 -29.79 -20.03 -12.37
C MET B 71 -28.47 -20.75 -12.61
N VAL B 72 -28.45 -21.71 -13.53
CA VAL B 72 -27.21 -22.41 -13.85
C VAL B 72 -26.22 -21.43 -14.44
N ALA B 73 -26.67 -20.63 -15.41
CA ALA B 73 -25.81 -19.66 -16.06
C ALA B 73 -25.30 -18.62 -15.06
N TYR B 74 -26.18 -18.23 -14.14
CA TYR B 74 -25.84 -17.27 -13.08
C TYR B 74 -24.71 -17.84 -12.22
N ALA B 75 -24.86 -19.11 -11.84
CA ALA B 75 -23.86 -19.78 -11.04
C ALA B 75 -22.52 -19.88 -11.76
N LEU B 76 -22.55 -20.25 -13.05
CA LEU B 76 -21.34 -20.29 -13.86
C LEU B 76 -20.64 -18.95 -13.91
N ALA B 77 -21.42 -17.89 -14.14
CA ALA B 77 -20.85 -16.55 -14.20
C ALA B 77 -20.24 -16.15 -12.87
N LEU B 78 -20.89 -16.48 -11.76
CA LEU B 78 -20.34 -16.11 -10.47
C LEU B 78 -19.04 -16.86 -10.19
N GLU B 79 -18.96 -18.11 -10.60
CA GLU B 79 -17.71 -18.85 -10.43
C GLU B 79 -16.59 -18.13 -11.17
N GLU B 80 -16.85 -17.68 -12.40
CA GLU B 80 -15.84 -16.99 -13.19
C GLU B 80 -15.44 -15.66 -12.57
N ILE B 81 -16.42 -14.91 -12.09
CA ILE B 81 -16.15 -13.62 -11.46
C ILE B 81 -15.28 -13.85 -10.24
N ALA B 82 -15.61 -14.89 -9.47
CA ALA B 82 -14.86 -15.18 -8.26
C ALA B 82 -13.42 -15.61 -8.54
N ALA B 83 -13.22 -16.35 -9.62
CA ALA B 83 -11.88 -16.79 -10.00
C ALA B 83 -11.03 -15.57 -10.40
N GLY B 84 -11.70 -14.50 -10.81
CA GLY B 84 -11.03 -13.24 -11.08
C GLY B 84 -10.81 -12.39 -9.84
N ASP B 85 -11.85 -12.25 -9.03
CA ASP B 85 -11.76 -11.46 -7.80
C ASP B 85 -12.82 -11.91 -6.82
N GLY B 86 -12.39 -12.47 -5.69
CA GLY B 86 -13.32 -13.01 -4.72
C GLY B 86 -14.28 -11.96 -4.18
N ALA B 87 -13.76 -10.80 -3.79
CA ALA B 87 -14.59 -9.73 -3.21
C ALA B 87 -15.67 -9.27 -4.19
N CYS B 88 -15.27 -9.12 -5.46
CA CYS B 88 -16.20 -8.75 -6.52
CA CYS B 88 -16.22 -8.72 -6.48
C CYS B 88 -17.38 -9.72 -6.58
N SER B 89 -17.07 -11.01 -6.54
CA SER B 89 -18.15 -11.99 -6.61
C SER B 89 -19.13 -11.87 -5.44
N THR B 90 -18.63 -11.55 -4.25
CA THR B 90 -19.52 -11.35 -3.11
C THR B 90 -20.46 -10.18 -3.35
N ILE B 91 -19.90 -9.07 -3.83
CA ILE B 91 -20.69 -7.87 -4.12
C ILE B 91 -21.81 -8.19 -5.12
N VAL B 92 -21.46 -8.89 -6.20
CA VAL B 92 -22.47 -9.27 -7.21
C VAL B 92 -23.51 -10.25 -6.68
N SER B 93 -23.06 -11.26 -5.92
CA SER B 93 -23.97 -12.26 -5.38
C SER B 93 -25.01 -11.61 -4.48
N VAL B 94 -24.55 -10.76 -3.58
CA VAL B 94 -25.44 -10.00 -2.70
C VAL B 94 -26.34 -9.07 -3.51
N HIS B 95 -25.74 -8.26 -4.38
CA HIS B 95 -26.53 -7.32 -5.19
C HIS B 95 -27.67 -8.02 -5.94
N SER B 96 -27.37 -9.15 -6.58
CA SER B 96 -28.35 -9.82 -7.43
CA SER B 96 -28.34 -9.83 -7.44
C SER B 96 -29.40 -10.59 -6.66
N SER B 97 -28.98 -11.34 -5.63
CA SER B 97 -29.91 -12.24 -4.95
C SER B 97 -30.76 -11.60 -3.85
N VAL B 98 -30.21 -10.63 -3.13
CA VAL B 98 -30.95 -10.04 -2.01
C VAL B 98 -31.06 -8.53 -2.15
N GLY B 99 -30.50 -7.99 -3.22
CA GLY B 99 -30.70 -6.58 -3.52
C GLY B 99 -31.80 -6.40 -4.54
N CYS B 100 -31.63 -7.01 -5.71
CA CYS B 100 -32.56 -6.89 -6.81
C CYS B 100 -33.79 -7.77 -6.67
N MET B 101 -33.61 -9.01 -6.19
CA MET B 101 -34.72 -9.96 -6.17
C MET B 101 -35.88 -9.53 -5.25
N PRO B 102 -35.59 -9.04 -4.02
CA PRO B 102 -36.74 -8.63 -3.21
C PRO B 102 -37.54 -7.50 -3.83
N ILE B 103 -36.87 -6.54 -4.47
CA ILE B 103 -37.58 -5.48 -5.15
C ILE B 103 -38.36 -6.04 -6.36
N LEU B 104 -37.74 -6.94 -7.13
CA LEU B 104 -38.44 -7.55 -8.25
C LEU B 104 -39.73 -8.29 -7.83
N ARG B 105 -39.63 -9.09 -6.78
CA ARG B 105 -40.71 -10.00 -6.42
C ARG B 105 -41.82 -9.32 -5.62
N PHE B 106 -41.46 -8.33 -4.79
CA PHE B 106 -42.40 -7.74 -3.86
C PHE B 106 -42.70 -6.27 -4.13
N GLY B 107 -41.92 -5.66 -5.02
CA GLY B 107 -42.08 -4.24 -5.29
C GLY B 107 -43.34 -3.94 -6.07
N THR B 108 -43.89 -2.76 -5.84
CA THR B 108 -44.94 -2.21 -6.68
C THR B 108 -44.34 -1.89 -8.04
N GLU B 109 -45.18 -1.61 -9.03
CA GLU B 109 -44.64 -1.22 -10.33
C GLU B 109 -43.82 0.07 -10.20
N ASP B 110 -44.29 1.01 -9.40
CA ASP B 110 -43.53 2.26 -9.26
C ASP B 110 -42.18 2.06 -8.56
N GLN B 111 -42.14 1.20 -7.56
CA GLN B 111 -40.88 0.94 -6.87
C GLN B 111 -39.88 0.27 -7.83
N LYS B 112 -40.37 -0.67 -8.64
CA LYS B 112 -39.50 -1.32 -9.61
C LYS B 112 -38.97 -0.29 -10.60
N ARG B 113 -39.84 0.61 -11.07
CA ARG B 113 -39.41 1.65 -12.02
C ARG B 113 -38.36 2.57 -11.40
N ARG B 114 -38.52 2.90 -10.12
CA ARG B 114 -37.60 3.84 -9.51
C ARG B 114 -36.25 3.22 -9.20
N PHE B 115 -36.22 1.92 -8.89
CA PHE B 115 -34.99 1.32 -8.43
C PHE B 115 -34.33 0.30 -9.36
N LEU B 116 -35.12 -0.56 -10.02
CA LEU B 116 -34.50 -1.67 -10.74
C LEU B 116 -33.63 -1.28 -11.94
N PRO B 117 -34.03 -0.26 -12.74
CA PRO B 117 -33.20 0.04 -13.92
C PRO B 117 -31.74 0.36 -13.56
N LYS B 118 -31.52 1.22 -12.57
CA LYS B 118 -30.16 1.58 -12.19
C LYS B 118 -29.44 0.44 -11.47
N MET B 119 -30.16 -0.40 -10.73
CA MET B 119 -29.55 -1.57 -10.08
C MET B 119 -29.20 -2.65 -11.08
N ALA B 120 -30.09 -2.91 -12.05
CA ALA B 120 -29.85 -3.96 -13.04
C ALA B 120 -28.67 -3.64 -13.95
N CYS B 121 -28.45 -2.35 -14.21
CA CYS B 121 -27.34 -2.02 -15.09
CA CYS B 121 -27.36 -1.87 -15.06
C CYS B 121 -26.08 -1.76 -14.27
N GLY B 122 -26.21 -1.92 -12.95
CA GLY B 122 -25.07 -1.80 -12.08
C GLY B 122 -24.65 -0.42 -11.65
N GLU B 123 -25.39 0.60 -12.06
CA GLU B 123 -25.12 1.96 -11.63
CA GLU B 123 -25.12 1.97 -11.63
C GLU B 123 -25.38 2.09 -10.13
N TRP B 124 -26.41 1.41 -9.65
CA TRP B 124 -26.73 1.39 -8.22
C TRP B 124 -26.49 0.00 -7.63
N ILE B 125 -25.58 -0.09 -6.66
CA ILE B 125 -25.28 -1.36 -6.03
C ILE B 125 -26.19 -1.63 -4.84
N GLY B 126 -26.74 -2.83 -4.78
CA GLY B 126 -27.68 -3.19 -3.74
C GLY B 126 -27.09 -4.00 -2.59
N GLY B 127 -27.63 -3.72 -1.41
CA GLY B 127 -27.24 -4.41 -0.18
C GLY B 127 -28.49 -4.81 0.59
N PHE B 128 -28.28 -5.52 1.69
CA PHE B 128 -29.34 -6.21 2.39
C PHE B 128 -29.00 -6.10 3.87
N ALA B 129 -29.85 -5.43 4.64
CA ALA B 129 -29.50 -5.16 6.03
C ALA B 129 -30.52 -5.74 7.00
N LEU B 130 -30.29 -6.99 7.38
CA LEU B 130 -31.15 -7.69 8.31
C LEU B 130 -30.47 -7.91 9.66
N THR B 131 -29.27 -8.46 9.60
CA THR B 131 -28.49 -8.89 10.77
CA THR B 131 -28.58 -8.90 10.81
C THR B 131 -28.23 -7.78 11.77
N GLU B 132 -28.36 -8.08 13.05
CA GLU B 132 -28.08 -7.10 14.09
C GLU B 132 -27.07 -7.60 15.10
N PRO B 133 -26.45 -6.66 15.85
CA PRO B 133 -25.56 -7.07 16.96
C PRO B 133 -26.27 -7.92 17.99
N LEU B 142 -35.04 -8.83 16.13
CA LEU B 142 -34.61 -7.51 15.67
C LEU B 142 -35.00 -6.40 16.64
N LYS B 143 -34.10 -5.42 16.82
CA LYS B 143 -34.36 -4.25 17.67
C LYS B 143 -34.54 -2.99 16.82
N THR B 144 -34.12 -3.05 15.55
CA THR B 144 -34.35 -1.92 14.64
C THR B 144 -35.85 -1.75 14.46
N ARG B 145 -36.36 -0.53 14.61
CA ARG B 145 -37.79 -0.38 14.47
C ARG B 145 -38.18 0.78 13.57
N ALA B 146 -39.41 0.71 13.09
CA ALA B 146 -39.93 1.62 12.12
C ALA B 146 -41.26 2.12 12.61
N ARG B 147 -41.38 3.42 12.81
CA ARG B 147 -42.63 3.98 13.29
C ARG B 147 -43.23 4.90 12.22
N LEU B 148 -44.53 4.73 12.00
CA LEU B 148 -45.22 5.50 10.99
C LEU B 148 -45.41 6.96 11.44
N ASP B 149 -44.98 7.89 10.60
CA ASP B 149 -45.18 9.32 10.88
C ASP B 149 -45.67 10.05 9.62
N GLY B 150 -46.98 10.03 9.40
CA GLY B 150 -47.57 10.68 8.24
C GLY B 150 -47.22 9.95 6.95
N ASP B 151 -46.49 10.62 6.06
CA ASP B 151 -46.13 9.99 4.79
C ASP B 151 -44.71 9.42 4.79
N HIS B 152 -44.13 9.30 5.99
CA HIS B 152 -42.84 8.63 6.16
C HIS B 152 -42.88 7.60 7.29
N TYR B 153 -41.99 6.63 7.23
CA TYR B 153 -41.63 5.86 8.42
C TYR B 153 -40.37 6.48 8.99
N VAL B 154 -40.23 6.41 10.31
CA VAL B 154 -39.02 6.84 10.98
C VAL B 154 -38.32 5.59 11.49
N ILE B 155 -37.08 5.36 11.04
CA ILE B 155 -36.36 4.15 11.40
C ILE B 155 -35.18 4.46 12.33
N ASP B 156 -35.09 3.67 13.38
CA ASP B 156 -34.01 3.81 14.36
C ASP B 156 -33.49 2.42 14.69
N GLY B 157 -32.17 2.26 14.70
CA GLY B 157 -31.60 0.98 15.03
C GLY B 157 -30.20 0.82 14.50
N SER B 158 -29.77 -0.42 14.33
CA SER B 158 -28.41 -0.67 13.88
C SER B 158 -28.34 -2.04 13.25
N LYS B 159 -27.36 -2.23 12.37
CA LYS B 159 -27.17 -3.50 11.67
C LYS B 159 -25.68 -3.85 11.69
N GLN B 160 -25.39 -5.13 11.57
CA GLN B 160 -24.02 -5.62 11.60
C GLN B 160 -23.71 -6.49 10.40
N PHE B 161 -22.43 -6.51 10.02
CA PHE B 161 -21.92 -7.35 8.94
C PHE B 161 -22.64 -7.11 7.62
N ILE B 162 -22.87 -5.86 7.24
CA ILE B 162 -23.63 -5.57 6.03
C ILE B 162 -22.73 -5.29 4.82
N THR B 163 -22.72 -6.21 3.86
CA THR B 163 -21.95 -6.03 2.63
C THR B 163 -22.46 -4.82 1.84
N SER B 164 -21.51 -4.00 1.35
CA SER B 164 -21.82 -2.79 0.59
C SER B 164 -22.64 -1.77 1.37
N GLY B 165 -22.54 -1.78 2.70
CA GLY B 165 -23.32 -0.85 3.49
C GLY B 165 -22.84 0.58 3.29
N LYS B 166 -21.57 0.73 2.93
CA LYS B 166 -20.97 2.04 2.68
C LYS B 166 -20.96 2.38 1.19
N ASN B 167 -20.42 1.46 0.39
CA ASN B 167 -20.20 1.72 -1.02
C ASN B 167 -21.41 1.44 -1.91
N GLY B 168 -22.40 0.74 -1.36
CA GLY B 168 -23.62 0.46 -2.09
C GLY B 168 -24.49 1.71 -2.16
N ASN B 169 -25.57 1.63 -2.94
CA ASN B 169 -26.41 2.80 -3.16
C ASN B 169 -27.80 2.60 -2.58
N VAL B 170 -28.23 1.34 -2.55
CA VAL B 170 -29.56 1.01 -2.07
CA VAL B 170 -29.56 0.99 -2.11
C VAL B 170 -29.52 -0.25 -1.21
N VAL B 171 -30.05 -0.14 0.00
CA VAL B 171 -30.03 -1.24 0.94
C VAL B 171 -31.43 -1.57 1.39
N ILE B 172 -31.77 -2.85 1.40
CA ILE B 172 -33.07 -3.29 1.94
C ILE B 172 -32.95 -3.41 3.45
N VAL B 173 -33.67 -2.56 4.20
CA VAL B 173 -33.54 -2.53 5.66
C VAL B 173 -34.74 -3.20 6.29
N PHE B 174 -34.49 -4.08 7.26
CA PHE B 174 -35.56 -4.76 7.98
C PHE B 174 -35.74 -4.20 9.37
N ALA B 175 -36.97 -3.81 9.69
CA ALA B 175 -37.30 -3.17 10.96
C ALA B 175 -38.61 -3.67 11.54
N VAL B 176 -38.71 -3.67 12.86
CA VAL B 176 -39.96 -4.02 13.50
C VAL B 176 -40.99 -2.92 13.37
N THR B 177 -42.17 -3.27 12.86
CA THR B 177 -43.26 -2.31 12.81
C THR B 177 -44.35 -2.66 13.81
N ASP B 178 -44.35 -3.91 14.28
CA ASP B 178 -45.28 -4.31 15.33
C ASP B 178 -44.57 -5.21 16.35
N PRO B 179 -44.12 -4.63 17.48
CA PRO B 179 -43.35 -5.42 18.44
C PRO B 179 -44.16 -6.56 19.07
N ALA B 180 -45.48 -6.47 19.07
CA ALA B 180 -46.29 -7.50 19.71
C ALA B 180 -46.50 -8.72 18.80
N ALA B 181 -46.17 -8.58 17.52
CA ALA B 181 -46.48 -9.62 16.54
C ALA B 181 -45.30 -10.55 16.24
N GLY B 182 -44.19 -10.36 16.94
CA GLY B 182 -43.01 -11.20 16.77
C GLY B 182 -42.51 -11.29 15.34
N LYS B 183 -42.32 -12.52 14.86
CA LYS B 183 -41.83 -12.74 13.50
C LYS B 183 -42.86 -12.35 12.43
N LYS B 184 -44.06 -11.95 12.87
CA LYS B 184 -45.03 -11.41 11.92
C LYS B 184 -45.04 -9.88 11.97
N GLY B 185 -44.16 -9.29 12.78
CA GLY B 185 -44.17 -7.86 13.01
C GLY B 185 -43.06 -7.09 12.33
N ILE B 186 -42.41 -7.71 11.34
CA ILE B 186 -41.27 -7.10 10.64
C ILE B 186 -41.70 -6.54 9.29
N SER B 187 -41.13 -5.40 8.90
CA SER B 187 -41.36 -4.87 7.57
C SER B 187 -40.03 -4.61 6.87
N ALA B 188 -40.07 -4.50 5.55
CA ALA B 188 -38.87 -4.25 4.75
C ALA B 188 -38.98 -2.88 4.08
N PHE B 189 -37.84 -2.20 3.95
CA PHE B 189 -37.80 -0.85 3.41
C PHE B 189 -36.69 -0.68 2.38
N ILE B 190 -36.99 -0.05 1.25
CA ILE B 190 -35.93 0.27 0.29
C ILE B 190 -35.27 1.57 0.71
N VAL B 191 -33.99 1.53 1.07
CA VAL B 191 -33.34 2.68 1.67
C VAL B 191 -32.08 3.13 0.93
N PRO B 192 -32.18 4.23 0.14
CA PRO B 192 -30.96 4.79 -0.46
C PRO B 192 -29.93 5.07 0.61
N THR B 193 -28.66 4.79 0.34
CA THR B 193 -27.67 4.89 1.39
C THR B 193 -27.29 6.35 1.64
N ASP B 194 -27.86 7.27 0.87
CA ASP B 194 -27.66 8.70 1.15
C ASP B 194 -28.86 9.34 1.85
N THR B 195 -29.76 8.51 2.36
CA THR B 195 -30.87 8.97 3.20
C THR B 195 -30.33 9.61 4.49
N PRO B 196 -30.75 10.85 4.80
CA PRO B 196 -30.33 11.44 6.09
C PRO B 196 -30.73 10.52 7.23
N GLY B 197 -29.80 10.26 8.15
CA GLY B 197 -30.04 9.35 9.27
C GLY B 197 -29.37 8.00 9.06
N TYR B 198 -28.98 7.71 7.82
CA TYR B 198 -28.23 6.48 7.48
C TYR B 198 -26.77 6.73 7.74
N GLU B 199 -26.17 5.92 8.59
CA GLU B 199 -24.79 6.14 9.03
C GLU B 199 -24.00 4.83 8.99
N VAL B 200 -22.82 4.89 8.36
CA VAL B 200 -21.88 3.78 8.45
C VAL B 200 -21.10 3.95 9.75
N MET B 201 -21.34 3.07 10.70
CA MET B 201 -20.68 3.17 12.00
CA MET B 201 -20.68 3.19 12.00
C MET B 201 -19.25 2.68 11.95
N SER B 202 -19.03 1.68 11.10
CA SER B 202 -17.69 1.13 10.93
CA SER B 202 -17.71 1.08 10.97
C SER B 202 -17.61 0.26 9.69
N VAL B 203 -16.44 0.28 9.07
CA VAL B 203 -16.12 -0.63 8.00
C VAL B 203 -15.17 -1.64 8.65
N GLU B 204 -15.56 -2.90 8.75
CA GLU B 204 -14.76 -3.84 9.52
C GLU B 204 -13.44 -4.18 8.85
N HIS B 205 -12.40 -4.34 9.66
CA HIS B 205 -11.12 -4.85 9.16
C HIS B 205 -11.20 -6.36 9.18
N LYS B 206 -11.06 -6.97 8.01
CA LYS B 206 -11.28 -8.41 7.89
C LYS B 206 -9.99 -9.15 7.59
N LEU B 207 -10.05 -10.47 7.65
CA LEU B 207 -8.97 -11.34 7.19
C LEU B 207 -8.73 -11.20 5.70
N GLY B 208 -9.82 -11.11 4.94
CA GLY B 208 -9.73 -11.01 3.49
C GLY B 208 -10.94 -10.33 2.87
N GLN B 209 -11.07 -10.45 1.55
CA GLN B 209 -12.03 -9.68 0.78
C GLN B 209 -12.05 -8.22 1.22
N HIS B 210 -10.85 -7.62 1.33
CA HIS B 210 -10.74 -6.24 1.79
C HIS B 210 -11.50 -5.26 0.91
N SER B 211 -11.53 -5.54 -0.39
CA SER B 211 -12.19 -4.71 -1.40
C SER B 211 -13.70 -4.50 -1.16
N SER B 212 -14.33 -5.50 -0.55
CA SER B 212 -15.76 -5.40 -0.25
C SER B 212 -15.95 -4.88 1.17
N ASP B 213 -16.59 -3.72 1.29
CA ASP B 213 -16.90 -3.18 2.61
C ASP B 213 -17.94 -4.01 3.36
N THR B 214 -17.58 -4.47 4.56
CA THR B 214 -18.53 -5.10 5.47
C THR B 214 -18.75 -4.15 6.62
N CYS B 215 -19.98 -3.69 6.81
CA CYS B 215 -20.24 -2.52 7.62
C CYS B 215 -21.19 -2.73 8.79
N ALA B 216 -20.91 -2.00 9.86
CA ALA B 216 -21.90 -1.74 10.90
C ALA B 216 -22.65 -0.50 10.51
N LEU B 217 -23.97 -0.55 10.63
CA LEU B 217 -24.82 0.57 10.25
C LEU B 217 -25.56 1.10 11.46
N GLY B 218 -25.84 2.40 11.48
CA GLY B 218 -26.70 3.00 12.48
C GLY B 218 -27.77 3.82 11.79
N PHE B 219 -29.00 3.75 12.30
CA PHE B 219 -30.11 4.52 11.75
C PHE B 219 -30.63 5.41 12.85
N THR B 220 -30.56 6.72 12.65
CA THR B 220 -31.00 7.70 13.63
C THR B 220 -32.03 8.65 13.03
N ASN B 221 -33.26 8.58 13.52
CA ASN B 221 -34.34 9.42 13.03
C ASN B 221 -34.40 9.33 11.50
N MET B 222 -34.18 8.13 10.98
CA MET B 222 -34.05 7.94 9.54
C MET B 222 -35.41 7.87 8.87
N ARG B 223 -35.78 8.97 8.22
CA ARG B 223 -37.10 9.07 7.59
C ARG B 223 -37.11 8.48 6.19
N VAL B 224 -38.01 7.54 5.99
CA VAL B 224 -38.16 6.82 4.73
C VAL B 224 -39.60 6.98 4.25
N PRO B 225 -39.79 7.42 2.99
CA PRO B 225 -41.15 7.56 2.43
C PRO B 225 -41.96 6.28 2.59
N VAL B 226 -43.26 6.40 2.81
CA VAL B 226 -44.12 5.23 2.90
C VAL B 226 -44.02 4.44 1.59
N GLU B 227 -43.87 5.16 0.49
CA GLU B 227 -43.75 4.56 -0.84
C GLU B 227 -42.50 3.72 -1.03
N ASN B 228 -41.62 3.70 -0.02
CA ASN B 228 -40.44 2.85 -0.09
C ASN B 228 -40.57 1.59 0.75
N ARG B 229 -41.69 1.44 1.46
CA ARG B 229 -41.93 0.20 2.19
C ARG B 229 -42.14 -0.91 1.17
N LEU B 230 -41.31 -1.94 1.27
CA LEU B 230 -41.33 -3.05 0.35
C LEU B 230 -42.27 -4.12 0.86
N GLY B 231 -43.42 -4.28 0.21
CA GLY B 231 -44.45 -5.20 0.68
C GLY B 231 -45.30 -4.56 1.76
N ALA B 232 -46.28 -5.32 2.25
CA ALA B 232 -47.16 -4.84 3.32
C ALA B 232 -46.44 -4.86 4.66
N GLU B 233 -46.93 -4.06 5.60
CA GLU B 233 -46.43 -4.17 6.97
C GLU B 233 -46.58 -5.61 7.43
N GLY B 234 -45.53 -6.15 8.05
CA GLY B 234 -45.57 -7.51 8.56
C GLY B 234 -45.01 -8.55 7.61
N GLU B 235 -44.78 -8.14 6.36
CA GLU B 235 -44.31 -9.03 5.31
C GLU B 235 -42.78 -9.17 5.32
N GLY B 236 -42.12 -8.46 6.24
CA GLY B 236 -40.67 -8.41 6.27
C GLY B 236 -39.95 -9.75 6.47
N TYR B 237 -40.49 -10.57 7.36
CA TYR B 237 -39.87 -11.87 7.64
C TYR B 237 -39.87 -12.73 6.37
N LYS B 238 -41.02 -12.82 5.72
CA LYS B 238 -41.14 -13.54 4.45
C LYS B 238 -40.11 -13.00 3.44
N ILE B 239 -40.03 -11.68 3.34
CA ILE B 239 -39.13 -11.06 2.35
C ILE B 239 -37.68 -11.39 2.71
N ALA B 240 -37.38 -11.39 4.01
CA ALA B 240 -36.01 -11.64 4.46
C ALA B 240 -35.50 -13.03 4.05
N LEU B 241 -36.42 -14.00 4.02
CA LEU B 241 -36.04 -15.39 3.72
C LEU B 241 -36.27 -15.77 2.27
N ALA B 242 -36.76 -14.82 1.47
CA ALA B 242 -37.25 -15.10 0.12
C ALA B 242 -36.18 -15.56 -0.86
N ASN B 243 -34.92 -15.30 -0.52
CA ASN B 243 -33.83 -15.67 -1.43
C ASN B 243 -32.71 -16.49 -0.78
N LEU B 244 -33.05 -17.29 0.23
CA LEU B 244 -32.07 -18.15 0.90
C LEU B 244 -31.32 -19.01 -0.10
N GLU B 245 -32.09 -19.68 -0.96
CA GLU B 245 -31.51 -20.61 -1.92
C GLU B 245 -30.58 -19.92 -2.92
N GLY B 246 -31.06 -18.88 -3.59
CA GLY B 246 -30.26 -18.20 -4.58
C GLY B 246 -29.00 -17.59 -3.97
N GLY B 247 -29.11 -17.08 -2.73
CA GLY B 247 -27.95 -16.58 -2.02
C GLY B 247 -26.91 -17.67 -1.76
N ARG B 248 -27.37 -18.82 -1.29
CA ARG B 248 -26.46 -19.91 -0.96
C ARG B 248 -25.87 -20.53 -2.23
N ILE B 249 -26.65 -20.58 -3.32
CA ILE B 249 -26.10 -21.08 -4.57
C ILE B 249 -24.97 -20.18 -5.05
N GLY B 250 -25.16 -18.87 -4.89
CA GLY B 250 -24.17 -17.91 -5.36
C GLY B 250 -22.89 -17.96 -4.58
N ILE B 251 -23.01 -18.07 -3.27
CA ILE B 251 -21.84 -18.19 -2.42
C ILE B 251 -21.14 -19.53 -2.66
N ALA B 252 -21.92 -20.58 -2.92
CA ALA B 252 -21.31 -21.87 -3.26
C ALA B 252 -20.47 -21.72 -4.53
N ALA B 253 -21.03 -21.04 -5.54
CA ALA B 253 -20.35 -20.80 -6.81
C ALA B 253 -19.08 -19.98 -6.61
N GLN B 254 -19.11 -18.96 -5.75
CA GLN B 254 -17.89 -18.16 -5.56
C GLN B 254 -16.80 -18.97 -4.84
N ALA B 255 -17.17 -19.92 -3.98
CA ALA B 255 -16.16 -20.76 -3.32
C ALA B 255 -15.49 -21.68 -4.36
N VAL B 256 -16.29 -22.25 -5.26
CA VAL B 256 -15.72 -23.02 -6.38
C VAL B 256 -14.74 -22.19 -7.22
N GLY B 257 -15.13 -20.95 -7.52
CA GLY B 257 -14.32 -20.07 -8.34
C GLY B 257 -13.00 -19.70 -7.68
N MET B 258 -13.04 -19.37 -6.39
CA MET B 258 -11.80 -19.05 -5.69
C MET B 258 -10.89 -20.26 -5.56
N ALA B 259 -11.48 -21.39 -5.21
CA ALA B 259 -10.73 -22.65 -5.18
C ALA B 259 -10.06 -22.92 -6.52
N ARG B 260 -10.79 -22.70 -7.60
CA ARG B 260 -10.25 -22.99 -8.93
C ARG B 260 -9.07 -22.09 -9.26
N ALA B 261 -9.19 -20.81 -8.91
CA ALA B 261 -8.12 -19.88 -9.17
C ALA B 261 -6.86 -20.30 -8.43
N ALA B 262 -7.04 -20.76 -7.18
CA ALA B 262 -5.89 -21.18 -6.37
C ALA B 262 -5.27 -22.46 -6.94
N PHE B 263 -6.13 -23.41 -7.33
CA PHE B 263 -5.69 -24.62 -8.02
C PHE B 263 -4.89 -24.30 -9.28
N GLU B 264 -5.41 -23.41 -10.12
CA GLU B 264 -4.69 -23.06 -11.35
C GLU B 264 -3.34 -22.43 -11.02
N ALA B 265 -3.29 -21.63 -9.94
CA ALA B 265 -2.03 -20.99 -9.57
C ALA B 265 -1.04 -22.06 -9.12
N ALA B 266 -1.52 -23.03 -8.35
CA ALA B 266 -0.63 -24.11 -7.89
C ALA B 266 -0.19 -25.00 -9.06
N ARG B 267 -1.12 -25.30 -9.98
CA ARG B 267 -0.77 -26.07 -11.17
C ARG B 267 0.33 -25.38 -11.97
N ASP B 268 0.19 -24.06 -12.17
CA ASP B 268 1.17 -23.31 -12.95
C ASP B 268 2.50 -23.24 -12.23
N TYR B 269 2.46 -23.03 -10.91
CA TYR B 269 3.68 -22.99 -10.12
C TYR B 269 4.42 -24.33 -10.24
N ALA B 270 3.68 -25.42 -10.14
CA ALA B 270 4.28 -26.75 -10.25
C ALA B 270 4.98 -26.88 -11.60
N ARG B 271 4.28 -26.47 -12.66
CA ARG B 271 4.83 -26.60 -14.01
C ARG B 271 6.05 -25.71 -14.21
N GLU B 272 6.04 -24.50 -13.64
CA GLU B 272 7.13 -23.57 -13.88
C GLU B 272 8.31 -23.70 -12.92
N ARG B 273 8.03 -24.12 -11.69
CA ARG B 273 9.03 -24.03 -10.61
C ARG B 273 9.35 -25.35 -9.94
N ILE B 274 8.61 -26.41 -10.27
CA ILE B 274 8.86 -27.72 -9.68
C ILE B 274 9.30 -28.70 -10.76
N THR B 275 8.52 -28.81 -11.83
CA THR B 275 8.86 -29.73 -12.92
C THR B 275 9.59 -29.06 -14.10
N PHE B 276 9.65 -27.74 -14.08
CA PHE B 276 10.35 -26.96 -15.12
C PHE B 276 9.91 -27.34 -16.53
N GLY B 277 8.60 -27.40 -16.72
CA GLY B 277 8.01 -27.72 -18.01
C GLY B 277 7.77 -29.20 -18.26
N LYS B 278 8.39 -30.07 -17.47
CA LYS B 278 8.18 -31.51 -17.66
C LYS B 278 6.78 -31.88 -17.18
N PRO B 279 6.23 -33.02 -17.66
CA PRO B 279 4.89 -33.42 -17.21
C PRO B 279 4.80 -33.49 -15.70
N ILE B 280 3.70 -33.00 -15.13
CA ILE B 280 3.55 -32.93 -13.68
C ILE B 280 3.54 -34.35 -13.08
N ILE B 281 3.08 -35.32 -13.86
CA ILE B 281 3.03 -36.70 -13.38
C ILE B 281 4.43 -37.28 -13.08
N GLU B 282 5.49 -36.57 -13.44
CA GLU B 282 6.85 -37.02 -13.10
C GLU B 282 7.21 -36.68 -11.67
N HIS B 283 6.35 -35.90 -11.01
CA HIS B 283 6.49 -35.57 -9.60
C HIS B 283 5.24 -36.02 -8.86
N GLN B 284 5.26 -37.26 -8.39
CA GLN B 284 4.05 -37.98 -8.02
C GLN B 284 3.25 -37.32 -6.90
N ALA B 285 3.93 -36.91 -5.83
CA ALA B 285 3.19 -36.34 -4.70
C ALA B 285 2.45 -35.07 -5.13
N VAL B 286 3.14 -34.16 -5.81
CA VAL B 286 2.49 -32.92 -6.26
C VAL B 286 1.39 -33.21 -7.28
N ALA B 287 1.66 -34.15 -8.21
CA ALA B 287 0.65 -34.56 -9.19
C ALA B 287 -0.63 -35.07 -8.53
N PHE B 288 -0.45 -35.92 -7.52
CA PHE B 288 -1.61 -36.51 -6.85
C PHE B 288 -2.36 -35.46 -6.04
N ARG B 289 -1.64 -34.50 -5.47
CA ARG B 289 -2.32 -33.44 -4.71
C ARG B 289 -3.14 -32.55 -5.63
N LEU B 290 -2.56 -32.23 -6.78
CA LEU B 290 -3.27 -31.44 -7.79
C LEU B 290 -4.47 -32.22 -8.34
N ALA B 291 -4.32 -33.53 -8.50
CA ALA B 291 -5.42 -34.38 -8.94
C ALA B 291 -6.57 -34.30 -7.95
N ASP B 292 -6.24 -34.42 -6.66
CA ASP B 292 -7.25 -34.37 -5.60
C ASP B 292 -7.95 -33.01 -5.58
N MET B 293 -7.16 -31.95 -5.70
CA MET B 293 -7.73 -30.59 -5.74
C MET B 293 -8.70 -30.45 -6.90
N ALA B 294 -8.27 -30.83 -8.09
CA ALA B 294 -9.12 -30.75 -9.27
C ALA B 294 -10.40 -31.56 -9.08
N THR B 295 -10.27 -32.72 -8.44
CA THR B 295 -11.40 -33.58 -8.19
C THR B 295 -12.40 -32.93 -7.22
N ARG B 296 -11.89 -32.36 -6.14
CA ARG B 296 -12.78 -31.73 -5.15
C ARG B 296 -13.49 -30.51 -5.73
N ILE B 297 -12.80 -29.76 -6.58
CA ILE B 297 -13.39 -28.61 -7.23
C ILE B 297 -14.52 -29.04 -8.16
N GLU B 298 -14.23 -30.03 -9.01
CA GLU B 298 -15.22 -30.52 -9.95
C GLU B 298 -16.45 -31.10 -9.26
N THR B 299 -16.21 -31.85 -8.19
CA THR B 299 -17.29 -32.46 -7.45
C THR B 299 -18.18 -31.39 -6.79
N ALA B 300 -17.57 -30.40 -6.16
CA ALA B 300 -18.35 -29.30 -5.58
C ALA B 300 -19.15 -28.57 -6.67
N ARG B 301 -18.51 -28.28 -7.79
CA ARG B 301 -19.19 -27.60 -8.88
C ARG B 301 -20.47 -28.31 -9.31
N GLN B 302 -20.42 -29.63 -9.45
CA GLN B 302 -21.60 -30.36 -9.93
C GLN B 302 -22.74 -30.28 -8.91
N MET B 303 -22.40 -30.20 -7.62
CA MET B 303 -23.42 -30.01 -6.62
C MET B 303 -24.04 -28.60 -6.72
N VAL B 304 -23.20 -27.60 -6.94
CA VAL B 304 -23.69 -26.21 -7.12
C VAL B 304 -24.64 -26.15 -8.33
N LEU B 305 -24.22 -26.72 -9.44
CA LEU B 305 -25.05 -26.67 -10.65
C LEU B 305 -26.34 -27.47 -10.50
N HIS B 306 -26.32 -28.55 -9.72
CA HIS B 306 -27.53 -29.33 -9.49
C HIS B 306 -28.52 -28.52 -8.66
N ALA B 307 -28.03 -27.88 -7.59
CA ALA B 307 -28.88 -26.98 -6.80
C ALA B 307 -29.47 -25.88 -7.67
N ALA B 308 -28.64 -25.32 -8.54
CA ALA B 308 -29.08 -24.28 -9.47
C ALA B 308 -30.17 -24.80 -10.42
N ALA B 309 -30.00 -26.03 -10.90
CA ALA B 309 -30.98 -26.59 -11.84
C ALA B 309 -32.34 -26.75 -11.16
N LEU B 310 -32.33 -27.21 -9.91
CA LEU B 310 -33.57 -27.38 -9.18
C LEU B 310 -34.25 -26.03 -8.96
N ARG B 311 -33.46 -25.03 -8.60
CA ARG B 311 -34.02 -23.69 -8.37
C ARG B 311 -34.67 -23.15 -9.64
N GLU B 312 -33.97 -23.31 -10.75
CA GLU B 312 -34.47 -22.84 -12.04
C GLU B 312 -35.81 -23.49 -12.38
N ALA B 313 -35.92 -24.77 -12.03
CA ALA B 313 -37.13 -25.55 -12.27
C ALA B 313 -38.25 -25.24 -11.26
N GLY B 314 -37.95 -24.41 -10.27
CA GLY B 314 -38.94 -24.10 -9.25
C GLY B 314 -39.23 -25.26 -8.31
N LYS B 315 -38.29 -26.20 -8.20
CA LYS B 315 -38.45 -27.31 -7.29
C LYS B 315 -37.90 -26.95 -5.90
N PRO B 316 -38.34 -27.67 -4.86
CA PRO B 316 -37.74 -27.41 -3.54
C PRO B 316 -36.24 -27.65 -3.61
N CYS B 317 -35.44 -26.74 -3.08
CA CYS B 317 -34.01 -26.93 -3.20
C CYS B 317 -33.23 -26.29 -2.07
N LEU B 318 -33.90 -25.98 -0.96
CA LEU B 318 -33.20 -25.40 0.17
C LEU B 318 -32.16 -26.39 0.70
N THR B 319 -32.51 -27.68 0.71
CA THR B 319 -31.54 -28.67 1.15
C THR B 319 -30.34 -28.72 0.21
N GLU B 320 -30.61 -28.79 -1.09
CA GLU B 320 -29.53 -28.89 -2.06
C GLU B 320 -28.67 -27.63 -2.11
N ALA B 321 -29.29 -26.46 -2.00
CA ALA B 321 -28.52 -25.22 -1.98
C ALA B 321 -27.63 -25.14 -0.74
N SER B 322 -28.15 -25.60 0.39
CA SER B 322 -27.41 -25.60 1.63
C SER B 322 -26.26 -26.62 1.57
N MET B 323 -26.53 -27.77 0.97
CA MET B 323 -25.47 -28.74 0.73
C MET B 323 -24.35 -28.17 -0.14
N ALA B 324 -24.73 -27.51 -1.23
CA ALA B 324 -23.77 -26.93 -2.17
C ALA B 324 -22.90 -25.90 -1.49
N LYS B 325 -23.54 -25.02 -0.71
CA LYS B 325 -22.81 -23.99 0.03
C LYS B 325 -21.84 -24.62 1.03
N LEU B 326 -22.34 -25.57 1.82
CA LEU B 326 -21.53 -26.26 2.80
C LEU B 326 -20.33 -26.93 2.13
N VAL B 327 -20.59 -27.79 1.15
CA VAL B 327 -19.56 -28.58 0.47
CA VAL B 327 -19.54 -28.58 0.57
C VAL B 327 -18.52 -27.70 -0.19
N ALA B 328 -18.97 -26.71 -0.96
CA ALA B 328 -18.04 -25.86 -1.72
C ALA B 328 -17.19 -24.99 -0.79
N SER B 329 -17.81 -24.41 0.25
CA SER B 329 -17.03 -23.56 1.15
C SER B 329 -15.93 -24.33 1.89
N GLU B 330 -16.24 -25.54 2.35
CA GLU B 330 -15.25 -26.32 3.07
C GLU B 330 -14.16 -26.82 2.12
N MET B 331 -14.57 -27.25 0.94
CA MET B 331 -13.65 -27.69 -0.11
C MET B 331 -12.65 -26.58 -0.43
N ALA B 332 -13.17 -25.37 -0.55
CA ALA B 332 -12.30 -24.29 -1.00
C ALA B 332 -11.20 -23.98 0.02
N GLU B 333 -11.49 -24.04 1.33
CA GLU B 333 -10.41 -23.80 2.29
C GLU B 333 -9.32 -24.87 2.12
N GLN B 334 -9.75 -26.12 1.97
CA GLN B 334 -8.81 -27.22 1.88
C GLN B 334 -7.95 -27.11 0.61
N VAL B 335 -8.56 -26.73 -0.50
CA VAL B 335 -7.86 -26.65 -1.78
C VAL B 335 -6.93 -25.42 -1.80
N CYS B 336 -7.43 -24.30 -1.29
CA CYS B 336 -6.59 -23.11 -1.17
C CYS B 336 -5.38 -23.35 -0.27
N SER B 337 -5.56 -24.11 0.80
CA SER B 337 -4.42 -24.37 1.69
C SER B 337 -3.41 -25.28 0.98
N ALA B 338 -3.93 -26.30 0.30
CA ALA B 338 -3.09 -27.19 -0.52
C ALA B 338 -2.32 -26.40 -1.58
N ALA B 339 -2.95 -25.37 -2.14
CA ALA B 339 -2.32 -24.53 -3.15
C ALA B 339 -1.14 -23.75 -2.54
N ILE B 340 -1.31 -23.27 -1.30
CA ILE B 340 -0.21 -22.62 -0.59
C ILE B 340 0.95 -23.58 -0.41
N GLN B 341 0.64 -24.82 0.00
CA GLN B 341 1.69 -25.80 0.29
C GLN B 341 2.52 -26.12 -0.95
N ILE B 342 1.85 -26.23 -2.10
CA ILE B 342 2.56 -26.53 -3.34
C ILE B 342 3.54 -25.43 -3.72
N HIS B 343 3.21 -24.18 -3.38
CA HIS B 343 4.11 -23.06 -3.62
C HIS B 343 5.34 -23.03 -2.67
N GLY B 344 5.36 -23.89 -1.65
CA GLY B 344 6.48 -23.85 -0.72
C GLY B 344 6.59 -22.50 -0.02
N GLY B 345 7.82 -22.01 0.19
CA GLY B 345 8.02 -20.70 0.82
C GLY B 345 7.24 -19.58 0.15
N TYR B 346 7.16 -19.62 -1.18
CA TYR B 346 6.47 -18.57 -1.92
C TYR B 346 4.98 -18.54 -1.63
N GLY B 347 4.43 -19.66 -1.18
CA GLY B 347 3.01 -19.71 -0.90
C GLY B 347 2.59 -18.79 0.23
N TYR B 348 3.54 -18.44 1.09
CA TYR B 348 3.25 -17.61 2.26
C TYR B 348 3.47 -16.13 1.90
N LEU B 349 3.90 -15.85 0.67
CA LEU B 349 4.22 -14.47 0.25
C LEU B 349 3.10 -13.81 -0.55
N ALA B 350 2.95 -12.51 -0.34
CA ALA B 350 1.88 -11.75 -0.95
C ALA B 350 2.16 -11.51 -2.44
N ASP B 351 3.40 -11.78 -2.86
CA ASP B 351 3.75 -11.64 -4.28
C ASP B 351 3.12 -12.72 -5.16
N TYR B 352 2.65 -13.79 -4.52
CA TYR B 352 1.87 -14.81 -5.21
CA TYR B 352 1.87 -14.82 -5.20
C TYR B 352 0.42 -14.74 -4.73
N PRO B 353 -0.53 -15.15 -5.59
CA PRO B 353 -1.93 -14.90 -5.24
C PRO B 353 -2.56 -15.86 -4.21
N VAL B 354 -1.93 -16.99 -3.94
CA VAL B 354 -2.63 -18.02 -3.19
C VAL B 354 -2.82 -17.65 -1.70
N GLU B 355 -1.97 -16.82 -1.12
CA GLU B 355 -2.24 -16.45 0.30
C GLU B 355 -3.46 -15.53 0.35
N ARG B 356 -3.64 -14.67 -0.65
CA ARG B 356 -4.81 -13.78 -0.67
C ARG B 356 -6.09 -14.58 -0.90
N ILE B 357 -6.04 -15.54 -1.82
CA ILE B 357 -7.24 -16.31 -2.14
C ILE B 357 -7.64 -17.12 -0.91
N TYR B 358 -6.65 -17.65 -0.21
CA TYR B 358 -6.87 -18.34 1.07
C TYR B 358 -7.60 -17.45 2.10
N ARG B 359 -7.12 -16.22 2.27
CA ARG B 359 -7.79 -15.24 3.15
C ARG B 359 -9.20 -14.92 2.65
N ASP B 360 -9.33 -14.78 1.34
CA ASP B 360 -10.58 -14.35 0.76
C ASP B 360 -11.65 -15.42 0.96
N VAL B 361 -11.25 -16.67 0.84
CA VAL B 361 -12.24 -17.74 0.81
C VAL B 361 -12.69 -18.22 2.19
N ARG B 362 -11.96 -17.87 3.24
CA ARG B 362 -12.28 -18.47 4.54
C ARG B 362 -13.69 -18.08 5.02
N VAL B 363 -14.12 -16.88 4.69
CA VAL B 363 -15.42 -16.39 5.16
C VAL B 363 -16.60 -17.13 4.47
N CYS B 364 -16.34 -17.83 3.37
CA CYS B 364 -17.42 -18.58 2.69
C CYS B 364 -18.09 -19.61 3.60
N GLN B 365 -17.39 -20.10 4.60
CA GLN B 365 -17.97 -21.05 5.56
C GLN B 365 -18.79 -20.33 6.64
N ILE B 366 -18.72 -19.01 6.64
CA ILE B 366 -19.27 -18.24 7.75
C ILE B 366 -20.49 -17.41 7.40
N TYR B 367 -20.39 -16.57 6.36
CA TYR B 367 -21.57 -15.81 5.98
C TYR B 367 -22.55 -16.65 5.14
N GLU B 368 -23.71 -16.06 4.86
CA GLU B 368 -24.79 -16.71 4.12
C GLU B 368 -25.24 -18.00 4.79
N GLY B 369 -25.32 -17.98 6.12
CA GLY B 369 -25.58 -19.19 6.87
C GLY B 369 -24.27 -19.91 7.20
N THR B 370 -23.93 -19.97 8.48
CA THR B 370 -22.69 -20.66 8.86
C THR B 370 -22.82 -22.14 8.49
N SER B 371 -21.69 -22.83 8.47
CA SER B 371 -21.70 -24.25 8.16
C SER B 371 -22.69 -25.01 9.05
N ASP B 372 -22.76 -24.66 10.33
CA ASP B 372 -23.69 -25.37 11.22
C ASP B 372 -25.15 -24.99 10.95
N VAL B 373 -25.41 -23.77 10.54
CA VAL B 373 -26.73 -23.43 10.02
C VAL B 373 -27.11 -24.30 8.82
N GLN B 374 -26.16 -24.52 7.89
CA GLN B 374 -26.40 -25.40 6.76
C GLN B 374 -26.72 -26.83 7.21
N ARG B 375 -25.95 -27.33 8.17
CA ARG B 375 -26.16 -28.70 8.66
C ARG B 375 -27.54 -28.88 9.31
N LEU B 376 -27.98 -27.86 10.03
CA LEU B 376 -29.28 -27.88 10.68
C LEU B 376 -30.39 -27.92 9.64
N VAL B 377 -30.25 -27.12 8.59
CA VAL B 377 -31.24 -27.12 7.52
C VAL B 377 -31.27 -28.48 6.84
N ILE B 378 -30.10 -29.05 6.62
CA ILE B 378 -30.04 -30.35 5.96
C ILE B 378 -30.61 -31.44 6.85
N ALA B 379 -30.21 -31.46 8.11
CA ALA B 379 -30.69 -32.45 9.07
C ALA B 379 -32.23 -32.44 9.20
N ARG B 380 -32.83 -31.25 9.30
CA ARG B 380 -34.25 -31.19 9.61
C ARG B 380 -35.09 -31.66 8.43
N GLY B 381 -34.47 -31.69 7.25
CA GLY B 381 -35.17 -32.14 6.07
C GLY B 381 -35.03 -33.61 5.72
N LEU B 382 -34.23 -34.35 6.50
CA LEU B 382 -33.94 -35.74 6.15
C LEU B 382 -35.18 -36.62 6.19
N HIS C 6 36.28 32.99 18.88
CA HIS C 6 35.56 32.47 17.72
C HIS C 6 34.16 31.98 18.11
N HIS C 7 33.44 32.82 18.84
CA HIS C 7 32.17 32.40 19.43
C HIS C 7 31.04 32.29 18.40
N MET C 8 31.25 32.83 17.20
CA MET C 8 30.21 32.77 16.17
C MET C 8 30.43 31.62 15.20
N LEU C 9 31.41 30.77 15.51
CA LEU C 9 31.68 29.59 14.68
C LEU C 9 31.33 28.31 15.44
N LEU C 10 31.17 27.21 14.71
CA LEU C 10 30.76 25.94 15.32
C LEU C 10 31.79 25.45 16.33
N THR C 11 31.31 24.91 17.45
CA THR C 11 32.20 24.29 18.43
C THR C 11 32.77 22.97 17.90
N ASP C 12 33.82 22.48 18.56
CA ASP C 12 34.40 21.18 18.23
C ASP C 12 33.36 20.08 18.32
N THR C 13 32.54 20.15 19.36
CA THR C 13 31.51 19.14 19.59
C THR C 13 30.45 19.19 18.48
N GLN C 14 30.08 20.39 18.06
CA GLN C 14 29.10 20.52 16.99
C GLN C 14 29.64 19.97 15.66
N GLU C 15 30.93 20.17 15.39
CA GLU C 15 31.55 19.62 14.19
C GLU C 15 31.52 18.10 14.20
N GLN C 16 31.84 17.51 15.35
CA GLN C 16 31.89 16.06 15.50
C GLN C 16 30.51 15.43 15.37
N ILE C 17 29.49 16.08 15.96
CA ILE C 17 28.12 15.60 15.84
C ILE C 17 27.62 15.70 14.40
N ARG C 18 27.92 16.82 13.73
CA ARG C 18 27.55 16.95 12.32
C ARG C 18 28.17 15.85 11.49
N GLU C 19 29.43 15.54 11.74
CA GLU C 19 30.13 14.51 10.96
C GLU C 19 29.57 13.12 11.26
N ALA C 20 29.27 12.86 12.52
CA ALA C 20 28.73 11.57 12.91
C ALA C 20 27.38 11.34 12.27
N ALA C 21 26.54 12.38 12.27
CA ALA C 21 25.22 12.30 11.65
C ALA C 21 25.33 12.18 10.14
N ARG C 22 26.26 12.95 9.56
CA ARG C 22 26.49 12.86 8.12
C ARG C 22 26.91 11.44 7.72
N ASP C 23 27.82 10.86 8.48
CA ASP C 23 28.36 9.56 8.14
C ASP C 23 27.27 8.50 8.23
N PHE C 24 26.48 8.55 9.31
CA PHE C 24 25.38 7.61 9.41
C PHE C 24 24.34 7.81 8.32
N ALA C 25 23.92 9.07 8.12
CA ALA C 25 22.85 9.37 7.18
C ALA C 25 23.24 8.96 5.75
N GLN C 26 24.48 9.23 5.37
CA GLN C 26 24.93 8.94 4.01
C GLN C 26 25.15 7.46 3.77
N GLU C 27 25.62 6.77 4.79
CA GLU C 27 25.94 5.35 4.64
C GLU C 27 24.75 4.43 4.91
N ARG C 28 23.87 4.83 5.85
CA ARG C 28 22.83 3.94 6.35
C ARG C 28 21.39 4.39 6.07
N LEU C 29 21.18 5.67 5.78
CA LEU C 29 19.81 6.14 5.49
C LEU C 29 19.59 6.40 4.00
N ALA C 30 20.53 7.12 3.39
CA ALA C 30 20.41 7.48 1.97
C ALA C 30 20.17 6.28 1.04
N PRO C 31 20.92 5.18 1.23
CA PRO C 31 20.78 4.13 0.20
C PRO C 31 19.39 3.49 0.14
N GLY C 32 18.65 3.52 1.24
CA GLY C 32 17.33 2.91 1.29
C GLY C 32 16.17 3.88 1.25
N ALA C 33 16.45 5.18 1.10
CA ALA C 33 15.39 6.18 1.12
C ALA C 33 14.37 5.99 -0.02
N ALA C 34 14.86 5.70 -1.22
CA ALA C 34 13.98 5.53 -2.38
C ALA C 34 13.08 4.34 -2.17
N ALA C 35 13.63 3.25 -1.63
CA ALA C 35 12.83 2.05 -1.40
C ALA C 35 11.75 2.32 -0.35
N ARG C 36 12.09 3.05 0.71
CA ARG C 36 11.11 3.33 1.76
C ARG C 36 9.99 4.24 1.27
N ASP C 37 10.32 5.15 0.36
CA ASP C 37 9.31 5.97 -0.31
C ASP C 37 8.38 5.08 -1.16
N ARG C 38 8.95 4.13 -1.90
CA ARG C 38 8.14 3.28 -2.79
C ARG C 38 7.21 2.37 -2.01
N GLU C 39 7.71 1.88 -0.89
CA GLU C 39 7.06 0.81 -0.15
C GLU C 39 6.28 1.32 1.05
N HIS C 40 6.36 2.63 1.27
CA HIS C 40 5.75 3.26 2.45
C HIS C 40 6.20 2.54 3.72
N ALA C 41 7.49 2.28 3.82
CA ALA C 41 8.02 1.43 4.88
C ALA C 41 8.66 2.25 5.99
N PHE C 42 8.04 2.25 7.17
CA PHE C 42 8.56 2.96 8.35
C PHE C 42 9.98 2.49 8.66
N PRO C 43 10.91 3.41 8.94
CA PRO C 43 12.32 3.02 9.06
C PRO C 43 12.66 2.48 10.45
N ARG C 44 11.98 1.41 10.86
CA ARG C 44 12.15 0.89 12.21
C ARG C 44 13.57 0.39 12.44
N ALA C 45 14.07 -0.43 11.52
CA ALA C 45 15.43 -0.97 11.63
C ALA C 45 16.46 0.15 11.69
N GLU C 46 16.27 1.17 10.86
CA GLU C 46 17.21 2.29 10.80
C GLU C 46 17.16 3.13 12.06
N LEU C 47 15.96 3.35 12.60
CA LEU C 47 15.82 4.08 13.85
C LEU C 47 16.53 3.33 14.99
N THR C 48 16.46 2.00 14.98
CA THR C 48 17.17 1.21 15.98
C THR C 48 18.68 1.41 15.88
N GLU C 49 19.21 1.41 14.66
CA GLU C 49 20.62 1.73 14.44
C GLU C 49 20.97 3.11 14.97
N MET C 50 20.09 4.08 14.68
CA MET C 50 20.31 5.46 15.10
C MET C 50 20.27 5.57 16.60
N GLY C 51 19.36 4.81 17.19
CA GLY C 51 19.22 4.76 18.64
C GLY C 51 20.50 4.33 19.32
N ALA C 52 21.15 3.30 18.77
CA ALA C 52 22.39 2.79 19.33
C ALA C 52 23.51 3.84 19.30
N LEU C 53 23.42 4.75 18.33
CA LEU C 53 24.44 5.78 18.14
C LEU C 53 24.09 7.12 18.79
N GLY C 54 22.98 7.14 19.52
CA GLY C 54 22.59 8.32 20.27
C GLY C 54 21.65 9.32 19.60
N PHE C 55 21.28 9.08 18.34
CA PHE C 55 20.47 10.05 17.61
C PHE C 55 18.99 10.07 17.99
N LEU C 56 18.53 9.13 18.83
CA LEU C 56 17.15 9.24 19.31
C LEU C 56 17.06 9.78 20.75
N GLY C 57 18.22 10.10 21.34
CA GLY C 57 18.26 10.68 22.68
C GLY C 57 18.97 12.03 22.74
N MET C 58 18.96 12.77 21.64
CA MET C 58 19.73 14.03 21.58
C MET C 58 19.24 15.09 22.57
N LEU C 59 17.97 15.02 22.93
CA LEU C 59 17.40 16.01 23.83
C LEU C 59 17.11 15.43 25.22
N ALA C 60 17.66 14.26 25.51
CA ALA C 60 17.57 13.65 26.82
C ALA C 60 18.91 13.68 27.54
N PRO C 61 18.90 13.83 28.88
CA PRO C 61 20.18 13.87 29.59
C PRO C 61 20.81 12.49 29.75
N GLU C 62 22.07 12.48 30.15
CA GLU C 62 22.81 11.24 30.34
C GLU C 62 22.13 10.30 31.34
N GLU C 63 21.52 10.87 32.38
CA GLU C 63 20.87 10.08 33.41
C GLU C 63 19.83 9.11 32.83
N TRP C 64 19.20 9.53 31.75
CA TRP C 64 18.13 8.74 31.14
C TRP C 64 18.53 8.13 29.81
N GLY C 65 19.83 7.95 29.60
CA GLY C 65 20.32 7.30 28.40
C GLY C 65 20.54 8.20 27.20
N GLY C 66 20.37 9.51 27.39
CA GLY C 66 20.45 10.45 26.28
C GLY C 66 21.86 10.96 26.02
N SER C 67 22.04 11.65 24.90
CA SER C 67 23.33 12.21 24.53
C SER C 67 23.38 13.71 24.86
N ASP C 68 22.24 14.24 25.33
CA ASP C 68 22.14 15.60 25.87
C ASP C 68 22.89 16.65 25.05
N LEU C 69 22.53 16.75 23.78
CA LEU C 69 23.14 17.70 22.85
C LEU C 69 22.64 19.12 23.06
N ASP C 70 23.47 20.10 22.69
CA ASP C 70 23.01 21.50 22.65
C ASP C 70 22.18 21.70 21.36
N MET C 71 21.33 22.72 21.35
CA MET C 71 20.36 22.87 20.27
C MET C 71 21.01 23.06 18.89
N VAL C 72 22.14 23.75 18.82
CA VAL C 72 22.81 23.91 17.52
C VAL C 72 23.28 22.56 17.00
N ALA C 73 23.89 21.74 17.87
CA ALA C 73 24.28 20.38 17.50
C ALA C 73 23.09 19.56 17.04
N TYR C 74 21.99 19.68 17.76
CA TYR C 74 20.76 18.98 17.43
C TYR C 74 20.28 19.38 16.05
N ALA C 75 20.32 20.67 15.76
CA ALA C 75 19.88 21.15 14.45
C ALA C 75 20.80 20.65 13.33
N LEU C 76 22.11 20.64 13.59
CA LEU C 76 23.06 20.11 12.62
C LEU C 76 22.80 18.64 12.34
N ALA C 77 22.46 17.89 13.38
CA ALA C 77 22.16 16.47 13.23
C ALA C 77 20.92 16.24 12.40
N LEU C 78 19.87 16.99 12.69
CA LEU C 78 18.64 16.85 11.93
C LEU C 78 18.84 17.26 10.47
N GLU C 79 19.66 18.27 10.20
CA GLU C 79 19.93 18.63 8.80
C GLU C 79 20.56 17.43 8.06
N GLU C 80 21.56 16.79 8.68
CA GLU C 80 22.20 15.62 8.07
C GLU C 80 21.23 14.46 7.88
N ILE C 81 20.39 14.23 8.89
CA ILE C 81 19.45 13.10 8.81
C ILE C 81 18.51 13.37 7.64
N ALA C 82 18.03 14.60 7.54
CA ALA C 82 17.09 14.99 6.49
C ALA C 82 17.71 14.84 5.11
N ALA C 83 19.00 15.17 5.01
CA ALA C 83 19.69 15.05 3.72
C ALA C 83 19.80 13.59 3.30
N GLY C 84 19.75 12.69 4.28
CA GLY C 84 19.72 11.27 3.98
C GLY C 84 18.32 10.73 3.70
N ASP C 85 17.36 11.15 4.51
CA ASP C 85 15.98 10.68 4.38
C ASP C 85 15.08 11.66 5.10
N GLY C 86 14.27 12.38 4.33
CA GLY C 86 13.41 13.40 4.90
C GLY C 86 12.42 12.88 5.91
N ALA C 87 11.74 11.77 5.60
CA ALA C 87 10.76 11.22 6.54
C ALA C 87 11.41 10.86 7.88
N CYS C 88 12.62 10.30 7.83
CA CYS C 88 13.36 9.95 9.04
CA CYS C 88 13.32 9.94 9.04
C CYS C 88 13.57 11.17 9.93
N SER C 89 13.92 12.29 9.32
CA SER C 89 14.17 13.50 10.10
C SER C 89 12.88 13.98 10.78
N THR C 90 11.74 13.82 10.12
CA THR C 90 10.47 14.20 10.74
C THR C 90 10.23 13.35 11.98
N ILE C 91 10.45 12.04 11.85
CA ILE C 91 10.24 11.10 12.95
C ILE C 91 11.11 11.47 14.15
N VAL C 92 12.39 11.68 13.88
CA VAL C 92 13.33 12.10 14.92
C VAL C 92 13.00 13.47 15.53
N SER C 93 12.63 14.44 14.69
CA SER C 93 12.25 15.76 15.20
C SER C 93 11.07 15.69 16.18
N VAL C 94 10.02 14.98 15.77
CA VAL C 94 8.84 14.83 16.61
C VAL C 94 9.20 14.07 17.89
N HIS C 95 9.85 12.92 17.73
CA HIS C 95 10.26 12.09 18.86
C HIS C 95 11.01 12.91 19.90
N SER C 96 11.94 13.74 19.42
CA SER C 96 12.82 14.48 20.34
C SER C 96 12.11 15.67 20.95
N SER C 97 11.51 16.52 20.12
CA SER C 97 11.04 17.81 20.59
C SER C 97 9.69 17.75 21.28
N VAL C 98 8.82 16.84 20.87
CA VAL C 98 7.52 16.78 21.55
C VAL C 98 7.21 15.41 22.14
N GLY C 99 8.21 14.53 22.15
CA GLY C 99 8.09 13.27 22.87
C GLY C 99 8.98 13.27 24.11
N CYS C 100 10.28 13.37 23.87
CA CYS C 100 11.26 13.35 24.95
C CYS C 100 11.18 14.61 25.79
N MET C 101 11.15 15.77 25.15
CA MET C 101 11.22 17.02 25.92
C MET C 101 10.05 17.25 26.90
N PRO C 102 8.78 17.02 26.48
CA PRO C 102 7.73 17.25 27.48
C PRO C 102 7.86 16.35 28.73
N ILE C 103 8.19 15.07 28.52
CA ILE C 103 8.41 14.15 29.64
C ILE C 103 9.61 14.60 30.48
N LEU C 104 10.68 15.03 29.83
CA LEU C 104 11.84 15.52 30.55
C LEU C 104 11.48 16.74 31.41
N ARG C 105 10.69 17.66 30.87
CA ARG C 105 10.47 18.92 31.58
C ARG C 105 9.38 18.81 32.66
N PHE C 106 8.32 18.07 32.35
CA PHE C 106 7.17 18.06 33.22
C PHE C 106 7.01 16.76 33.97
N GLY C 107 7.80 15.76 33.60
CA GLY C 107 7.68 14.45 34.21
C GLY C 107 8.16 14.37 35.65
N THR C 108 7.49 13.55 36.44
CA THR C 108 8.00 13.20 37.77
C THR C 108 9.25 12.37 37.55
N GLU C 109 10.03 12.18 38.60
CA GLU C 109 11.23 11.38 38.49
C GLU C 109 10.87 9.94 38.07
N ASP C 110 9.74 9.43 38.56
CA ASP C 110 9.36 8.07 38.23
C ASP C 110 8.85 7.94 36.81
N GLN C 111 8.17 8.97 36.32
CA GLN C 111 7.74 8.97 34.93
C GLN C 111 8.94 8.97 34.01
N LYS C 112 9.94 9.76 34.35
CA LYS C 112 11.13 9.85 33.51
C LYS C 112 11.86 8.51 33.53
N ARG C 113 11.90 7.88 34.71
CA ARG C 113 12.56 6.58 34.82
C ARG C 113 11.86 5.57 33.92
N ARG C 114 10.53 5.60 33.92
CA ARG C 114 9.78 4.59 33.20
C ARG C 114 9.77 4.79 31.69
N PHE C 115 9.83 6.04 31.22
CA PHE C 115 9.66 6.28 29.79
C PHE C 115 10.90 6.74 29.03
N LEU C 116 11.74 7.58 29.66
CA LEU C 116 12.82 8.21 28.90
C LEU C 116 13.93 7.21 28.45
N PRO C 117 14.35 6.27 29.32
CA PRO C 117 15.43 5.38 28.83
C PRO C 117 15.08 4.62 27.54
N LYS C 118 13.87 4.11 27.40
CA LYS C 118 13.49 3.36 26.19
C LYS C 118 13.28 4.29 25.02
N MET C 119 12.83 5.51 25.29
CA MET C 119 12.72 6.53 24.25
C MET C 119 14.09 7.03 23.80
N ALA C 120 14.99 7.22 24.75
CA ALA C 120 16.29 7.81 24.46
C ALA C 120 17.20 6.88 23.63
N CYS C 121 17.04 5.57 23.79
CA CYS C 121 17.78 4.62 22.97
C CYS C 121 17.00 4.25 21.72
N GLY C 122 15.79 4.81 21.59
CA GLY C 122 14.99 4.63 20.40
C GLY C 122 14.16 3.35 20.34
N GLU C 123 14.16 2.56 21.40
CA GLU C 123 13.33 1.36 21.44
C GLU C 123 11.86 1.74 21.36
N TRP C 124 11.53 2.89 21.94
CA TRP C 124 10.18 3.44 21.91
C TRP C 124 10.20 4.77 21.19
N ILE C 125 9.40 4.91 20.14
CA ILE C 125 9.36 6.15 19.41
C ILE C 125 8.21 7.02 19.95
N GLY C 126 8.47 8.31 20.15
CA GLY C 126 7.47 9.20 20.70
C GLY C 126 6.68 9.99 19.67
N GLY C 127 5.42 10.26 20.00
CA GLY C 127 4.55 11.09 19.18
C GLY C 127 3.77 12.02 20.11
N PHE C 128 2.97 12.90 19.53
CA PHE C 128 2.36 14.04 20.22
C PHE C 128 0.99 14.22 19.58
N ALA C 129 -0.08 14.12 20.36
CA ALA C 129 -1.41 14.14 19.76
C ALA C 129 -2.27 15.22 20.38
N LEU C 130 -2.21 16.39 19.76
CA LEU C 130 -2.98 17.54 20.21
C LEU C 130 -4.12 17.85 19.24
N THR C 131 -3.80 17.99 17.96
CA THR C 131 -4.76 18.52 16.99
C THR C 131 -5.93 17.60 16.75
N GLU C 132 -7.10 18.22 16.55
CA GLU C 132 -8.33 17.47 16.33
C GLU C 132 -9.06 17.89 15.05
N PRO C 133 -9.93 17.01 14.52
CA PRO C 133 -10.79 17.36 13.39
C PRO C 133 -11.61 18.63 13.62
N LEU C 142 -10.70 21.81 21.95
CA LEU C 142 -10.48 20.39 22.16
C LEU C 142 -11.72 19.69 22.66
N LYS C 143 -12.04 18.55 22.06
CA LYS C 143 -13.22 17.77 22.46
C LYS C 143 -12.84 16.43 23.10
N THR C 144 -11.61 15.97 22.91
CA THR C 144 -11.14 14.75 23.57
C THR C 144 -11.22 14.95 25.09
N ARG C 145 -11.88 14.03 25.78
CA ARG C 145 -12.16 14.16 27.20
C ARG C 145 -11.42 13.10 28.00
N ALA C 146 -10.94 13.49 29.18
CA ALA C 146 -10.37 12.53 30.12
C ALA C 146 -11.15 12.62 31.42
N ARG C 147 -11.83 11.53 31.77
CA ARG C 147 -12.67 11.51 32.96
C ARG C 147 -12.04 10.61 34.03
N LEU C 148 -11.86 11.17 35.22
CA LEU C 148 -11.19 10.46 36.30
C LEU C 148 -12.07 9.34 36.85
N ASP C 149 -11.53 8.14 36.87
CA ASP C 149 -12.24 6.96 37.39
C ASP C 149 -11.35 6.18 38.38
N GLY C 150 -11.28 6.65 39.61
CA GLY C 150 -10.43 6.02 40.61
C GLY C 150 -8.97 6.25 40.31
N ASP C 151 -8.22 5.18 40.13
CA ASP C 151 -6.78 5.30 39.84
C ASP C 151 -6.49 5.34 38.33
N HIS C 152 -7.53 5.49 37.51
CA HIS C 152 -7.35 5.68 36.07
C HIS C 152 -8.14 6.86 35.54
N TYR C 153 -7.65 7.49 34.48
CA TYR C 153 -8.47 8.40 33.67
C TYR C 153 -9.06 7.59 32.52
N VAL C 154 -10.27 7.93 32.09
CA VAL C 154 -10.88 7.31 30.91
C VAL C 154 -10.95 8.32 29.77
N ILE C 155 -10.26 8.04 28.68
CA ILE C 155 -10.17 9.00 27.59
C ILE C 155 -10.99 8.59 26.39
N ASP C 156 -11.73 9.56 25.85
CA ASP C 156 -12.57 9.38 24.67
C ASP C 156 -12.41 10.60 23.78
N GLY C 157 -12.08 10.37 22.51
CA GLY C 157 -11.95 11.47 21.58
C GLY C 157 -11.31 11.06 20.28
N SER C 158 -10.78 12.04 19.56
CA SER C 158 -10.13 11.79 18.28
CA SER C 158 -10.10 11.77 18.30
C SER C 158 -9.04 12.82 18.03
N LYS C 159 -8.03 12.43 17.27
CA LYS C 159 -6.96 13.34 16.89
C LYS C 159 -6.71 13.21 15.40
N GLN C 160 -6.13 14.23 14.80
CA GLN C 160 -5.86 14.15 13.37
CA GLN C 160 -5.93 14.29 13.36
C GLN C 160 -4.50 14.71 13.03
N PHE C 161 -3.97 14.24 11.91
CA PHE C 161 -2.63 14.57 11.43
C PHE C 161 -1.52 14.27 12.45
N ILE C 162 -1.57 13.10 13.07
CA ILE C 162 -0.57 12.75 14.08
C ILE C 162 0.57 11.93 13.51
N THR C 163 1.77 12.52 13.50
CA THR C 163 2.97 11.78 13.10
C THR C 163 3.27 10.65 14.09
N SER C 164 3.58 9.47 13.56
CA SER C 164 3.93 8.28 14.34
C SER C 164 2.77 7.77 15.22
N GLY C 165 1.54 8.12 14.85
CA GLY C 165 0.39 7.66 15.62
C GLY C 165 0.24 6.15 15.56
N LYS C 166 0.70 5.57 14.45
CA LYS C 166 0.66 4.13 14.26
C LYS C 166 1.99 3.47 14.63
N ASN C 167 3.09 4.02 14.13
CA ASN C 167 4.37 3.33 14.26
C ASN C 167 5.16 3.73 15.50
N GLY C 168 4.75 4.82 16.14
CA GLY C 168 5.27 5.18 17.45
C GLY C 168 4.80 4.25 18.56
N ASN C 169 5.40 4.37 19.73
CA ASN C 169 5.09 3.50 20.86
C ASN C 169 4.51 4.26 22.03
N VAL C 170 4.87 5.54 22.12
CA VAL C 170 4.46 6.39 23.23
C VAL C 170 3.96 7.71 22.69
N VAL C 171 2.70 8.05 22.95
CA VAL C 171 2.15 9.28 22.41
C VAL C 171 1.63 10.18 23.53
N ILE C 172 2.02 11.45 23.52
CA ILE C 172 1.52 12.40 24.49
C ILE C 172 0.16 12.89 23.99
N VAL C 173 -0.90 12.51 24.71
CA VAL C 173 -2.26 12.84 24.31
C VAL C 173 -2.79 13.99 25.15
N PHE C 174 -3.43 14.97 24.51
CA PHE C 174 -4.00 16.10 25.23
C PHE C 174 -5.52 15.94 25.29
N ALA C 175 -6.05 16.05 26.50
CA ALA C 175 -7.47 15.80 26.70
C ALA C 175 -8.00 16.72 27.77
N VAL C 176 -9.28 17.04 27.66
CA VAL C 176 -9.93 17.92 28.62
C VAL C 176 -10.22 17.17 29.92
N THR C 177 -9.69 17.67 31.03
CA THR C 177 -10.04 17.12 32.34
C THR C 177 -11.05 17.99 33.09
N ASP C 178 -11.17 19.25 32.71
CA ASP C 178 -12.19 20.11 33.31
C ASP C 178 -12.75 21.10 32.28
N PRO C 179 -13.87 20.72 31.66
CA PRO C 179 -14.45 21.55 30.61
C PRO C 179 -14.93 22.90 31.13
N ALA C 180 -15.20 23.00 32.42
CA ALA C 180 -15.64 24.27 33.00
C ALA C 180 -14.52 25.31 32.93
N ALA C 181 -13.28 24.84 32.99
CA ALA C 181 -12.13 25.74 33.07
C ALA C 181 -11.60 26.14 31.68
N GLY C 182 -12.21 25.62 30.63
CA GLY C 182 -11.82 25.97 29.27
C GLY C 182 -10.36 25.66 28.97
N LYS C 183 -9.64 26.67 28.50
CA LYS C 183 -8.25 26.49 28.10
C LYS C 183 -7.35 26.12 29.30
N LYS C 184 -7.86 26.36 30.50
CA LYS C 184 -7.14 26.01 31.72
C LYS C 184 -7.50 24.60 32.22
N GLY C 185 -8.25 23.87 31.41
CA GLY C 185 -8.80 22.59 31.85
C GLY C 185 -8.33 21.41 31.03
N ILE C 186 -7.22 21.59 30.34
CA ILE C 186 -6.61 20.55 29.50
C ILE C 186 -5.50 19.85 30.30
N SER C 187 -5.38 18.52 30.15
CA SER C 187 -4.25 17.80 30.72
C SER C 187 -3.52 16.97 29.67
N ALA C 188 -2.28 16.62 29.96
CA ALA C 188 -1.47 15.78 29.06
C ALA C 188 -1.26 14.40 29.67
N PHE C 189 -1.24 13.39 28.81
CA PHE C 189 -1.18 11.99 29.25
C PHE C 189 -0.16 11.23 28.43
N ILE C 190 0.69 10.46 29.11
CA ILE C 190 1.65 9.62 28.42
C ILE C 190 0.97 8.29 28.12
N VAL C 191 0.72 8.02 26.85
CA VAL C 191 -0.12 6.88 26.49
C VAL C 191 0.64 5.90 25.61
N PRO C 192 0.94 4.70 26.14
CA PRO C 192 1.50 3.66 25.27
C PRO C 192 0.50 3.33 24.17
N THR C 193 0.95 3.19 22.93
CA THR C 193 0.02 3.00 21.83
C THR C 193 -0.69 1.62 21.91
N ASP C 194 -0.19 0.70 22.75
CA ASP C 194 -0.83 -0.61 22.94
CA ASP C 194 -0.86 -0.59 22.87
C ASP C 194 -1.98 -0.57 23.93
N THR C 195 -2.24 0.60 24.51
CA THR C 195 -3.35 0.75 25.46
C THR C 195 -4.65 0.35 24.79
N PRO C 196 -5.42 -0.58 25.40
CA PRO C 196 -6.71 -0.90 24.77
C PRO C 196 -7.57 0.36 24.66
N GLY C 197 -8.21 0.55 23.52
CA GLY C 197 -8.99 1.75 23.31
C GLY C 197 -8.28 2.78 22.45
N TYR C 198 -6.95 2.66 22.34
CA TYR C 198 -6.17 3.44 21.38
C TYR C 198 -6.32 2.85 19.98
N GLU C 199 -6.80 3.64 19.03
CA GLU C 199 -7.05 3.13 17.69
C GLU C 199 -6.49 4.05 16.61
N VAL C 200 -5.83 3.46 15.62
CA VAL C 200 -5.46 4.21 14.42
C VAL C 200 -6.66 4.11 13.49
N MET C 201 -7.32 5.24 13.23
CA MET C 201 -8.52 5.25 12.41
CA MET C 201 -8.52 5.25 12.41
C MET C 201 -8.14 5.27 10.93
N SER C 202 -7.05 5.94 10.62
CA SER C 202 -6.54 5.97 9.25
C SER C 202 -5.08 6.38 9.24
N VAL C 203 -4.40 5.93 8.20
CA VAL C 203 -3.05 6.42 7.90
C VAL C 203 -3.18 7.17 6.58
N GLU C 204 -2.88 8.46 6.59
CA GLU C 204 -3.23 9.29 5.42
C GLU C 204 -2.32 8.98 4.25
N HIS C 205 -2.90 9.01 3.05
CA HIS C 205 -2.15 8.91 1.80
C HIS C 205 -1.65 10.30 1.45
N LYS C 206 -0.34 10.47 1.38
CA LYS C 206 0.24 11.80 1.27
C LYS C 206 0.95 12.00 -0.07
N LEU C 207 1.35 13.24 -0.33
CA LEU C 207 2.17 13.58 -1.48
C LEU C 207 3.59 12.98 -1.36
N GLY C 208 4.13 13.02 -0.15
CA GLY C 208 5.49 12.57 0.06
C GLY C 208 5.66 12.15 1.52
N GLN C 209 6.91 11.98 1.94
CA GLN C 209 7.24 11.38 3.24
C GLN C 209 6.38 10.14 3.54
N HIS C 210 6.27 9.24 2.56
CA HIS C 210 5.40 8.07 2.69
C HIS C 210 5.78 7.18 3.86
N SER C 211 7.07 7.14 4.18
CA SER C 211 7.50 6.19 5.18
CA SER C 211 7.64 6.27 5.20
C SER C 211 7.23 6.68 6.61
N SER C 212 6.85 7.96 6.76
CA SER C 212 6.36 8.43 8.05
C SER C 212 4.84 8.46 8.04
N ASP C 213 4.25 7.68 8.94
CA ASP C 213 2.80 7.62 9.08
C ASP C 213 2.23 8.90 9.68
N THR C 214 1.28 9.50 8.96
CA THR C 214 0.50 10.61 9.49
C THR C 214 -0.92 10.09 9.72
N CYS C 215 -1.37 10.14 10.98
CA CYS C 215 -2.57 9.37 11.36
C CYS C 215 -3.71 10.14 11.96
N ALA C 216 -4.93 9.66 11.70
CA ALA C 216 -6.08 9.98 12.54
C ALA C 216 -6.19 8.90 13.62
N LEU C 217 -6.40 9.36 14.86
CA LEU C 217 -6.54 8.48 16.01
C LEU C 217 -7.94 8.55 16.61
N GLY C 218 -8.40 7.42 17.13
CA GLY C 218 -9.62 7.39 17.90
C GLY C 218 -9.32 6.84 19.28
N PHE C 219 -9.90 7.43 20.30
CA PHE C 219 -9.81 6.89 21.66
C PHE C 219 -11.19 6.50 22.15
N THR C 220 -11.36 5.24 22.51
CA THR C 220 -12.65 4.74 23.00
C THR C 220 -12.48 4.02 24.33
N ASN C 221 -13.03 4.60 25.40
CA ASN C 221 -12.95 4.03 26.73
C ASN C 221 -11.50 3.67 27.07
N MET C 222 -10.59 4.58 26.76
CA MET C 222 -9.17 4.29 26.84
C MET C 222 -8.65 4.59 28.25
N ARG C 223 -8.34 3.54 28.99
CA ARG C 223 -7.96 3.69 30.38
C ARG C 223 -6.46 3.99 30.55
N VAL C 224 -6.17 5.15 31.14
CA VAL C 224 -4.82 5.63 31.37
C VAL C 224 -4.57 5.79 32.87
N PRO C 225 -3.53 5.13 33.40
CA PRO C 225 -3.19 5.26 34.83
C PRO C 225 -2.98 6.72 35.24
N VAL C 226 -3.54 7.12 36.38
CA VAL C 226 -3.34 8.45 36.91
C VAL C 226 -1.84 8.80 36.96
N GLU C 227 -1.02 7.80 37.27
CA GLU C 227 0.44 7.98 37.33
C GLU C 227 1.06 8.34 35.96
N ASN C 228 0.27 8.27 34.90
CA ASN C 228 0.77 8.64 33.57
C ASN C 228 0.25 10.00 33.08
N ARG C 229 -0.50 10.70 33.93
CA ARG C 229 -0.80 12.09 33.62
C ARG C 229 0.49 12.88 33.74
N LEU C 230 0.82 13.61 32.68
CA LEU C 230 2.04 14.42 32.63
C LEU C 230 1.72 15.84 33.07
N GLY C 231 2.34 16.29 34.16
CA GLY C 231 2.04 17.59 34.72
C GLY C 231 0.80 17.55 35.59
N ALA C 232 0.47 18.68 36.19
CA ALA C 232 -0.75 18.78 36.98
C ALA C 232 -1.97 18.79 36.08
N GLU C 233 -3.14 18.46 36.64
CA GLU C 233 -4.39 18.68 35.93
C GLU C 233 -4.45 20.14 35.54
N GLY C 234 -4.81 20.41 34.28
CA GLY C 234 -4.91 21.77 33.79
C GLY C 234 -3.63 22.36 33.22
N GLU C 235 -2.53 21.63 33.35
CA GLU C 235 -1.25 22.08 32.81
C GLU C 235 -1.11 21.71 31.33
N GLY C 236 -2.16 21.14 30.75
CA GLY C 236 -2.13 20.67 29.36
C GLY C 236 -1.80 21.76 28.36
N TYR C 237 -2.44 22.90 28.52
CA TYR C 237 -2.23 24.03 27.61
C TYR C 237 -0.75 24.45 27.59
N LYS C 238 -0.19 24.68 28.76
CA LYS C 238 1.22 25.04 28.89
C LYS C 238 2.15 23.99 28.28
N ILE C 239 1.87 22.71 28.53
CA ILE C 239 2.72 21.66 28.00
C ILE C 239 2.64 21.60 26.48
N ALA C 240 1.46 21.84 25.93
CA ALA C 240 1.27 21.79 24.47
C ALA C 240 2.11 22.82 23.74
N LEU C 241 2.34 23.95 24.39
CA LEU C 241 3.09 25.04 23.76
C LEU C 241 4.55 25.09 24.18
N ALA C 242 4.97 24.16 25.02
CA ALA C 242 6.26 24.26 25.70
C ALA C 242 7.46 24.09 24.78
N ASN C 243 7.24 23.49 23.62
CA ASN C 243 8.32 23.24 22.68
C ASN C 243 8.05 23.76 21.28
N LEU C 244 7.26 24.82 21.15
CA LEU C 244 7.04 25.42 19.83
C LEU C 244 8.37 25.71 19.14
N GLU C 245 9.31 26.25 19.92
CA GLU C 245 10.58 26.68 19.35
C GLU C 245 11.44 25.51 18.88
N GLY C 246 11.61 24.52 19.74
CA GLY C 246 12.38 23.33 19.40
C GLY C 246 11.81 22.60 18.20
N GLY C 247 10.48 22.52 18.13
CA GLY C 247 9.85 21.84 17.00
C GLY C 247 10.09 22.60 15.71
N ARG C 248 9.91 23.91 15.74
CA ARG C 248 10.10 24.71 14.54
C ARG C 248 11.55 24.79 14.06
N ILE C 249 12.48 24.85 15.01
CA ILE C 249 13.90 24.81 14.67
C ILE C 249 14.23 23.50 13.97
N GLY C 250 13.73 22.40 14.51
CA GLY C 250 13.95 21.08 13.94
C GLY C 250 13.40 20.95 12.54
N ILE C 251 12.19 21.43 12.33
CA ILE C 251 11.60 21.37 10.98
C ILE C 251 12.32 22.31 10.04
N ALA C 252 12.74 23.48 10.54
CA ALA C 252 13.57 24.36 9.74
C ALA C 252 14.85 23.65 9.28
N ALA C 253 15.52 22.98 10.21
CA ALA C 253 16.73 22.22 9.87
C ALA C 253 16.46 21.13 8.82
N GLN C 254 15.36 20.42 8.96
CA GLN C 254 15.08 19.34 8.00
C GLN C 254 14.85 19.94 6.60
N ALA C 255 14.27 21.14 6.52
CA ALA C 255 14.01 21.75 5.22
C ALA C 255 15.33 22.14 4.56
N VAL C 256 16.27 22.62 5.37
CA VAL C 256 17.63 22.90 4.90
C VAL C 256 18.31 21.61 4.39
N GLY C 257 18.17 20.52 5.12
CA GLY C 257 18.80 19.27 4.72
C GLY C 257 18.25 18.68 3.43
N MET C 258 16.94 18.71 3.29
CA MET C 258 16.32 18.20 2.05
C MET C 258 16.71 19.09 0.87
N ALA C 259 16.64 20.40 1.05
CA ALA C 259 17.07 21.31 -0.03
C ALA C 259 18.53 21.06 -0.42
N ARG C 260 19.37 20.83 0.58
CA ARG C 260 20.78 20.58 0.34
C ARG C 260 20.98 19.29 -0.47
N ALA C 261 20.27 18.24 -0.09
CA ALA C 261 20.34 16.97 -0.82
C ALA C 261 19.95 17.18 -2.31
N ALA C 262 18.87 17.93 -2.54
CA ALA C 262 18.43 18.17 -3.92
C ALA C 262 19.46 19.01 -4.67
N PHE C 263 19.99 20.02 -3.99
CA PHE C 263 21.01 20.87 -4.59
C PHE C 263 22.23 20.03 -4.97
N GLU C 264 22.70 19.19 -4.04
CA GLU C 264 23.87 18.35 -4.31
C GLU C 264 23.62 17.40 -5.48
N ALA C 265 22.42 16.84 -5.56
CA ALA C 265 22.06 15.99 -6.71
C ALA C 265 22.15 16.79 -8.01
N ALA C 266 21.65 18.03 -8.00
CA ALA C 266 21.64 18.88 -9.20
C ALA C 266 23.06 19.33 -9.57
N ARG C 267 23.83 19.71 -8.56
CA ARG C 267 25.25 20.04 -8.73
C ARG C 267 26.01 18.90 -9.40
N ASP C 268 25.83 17.69 -8.88
CA ASP C 268 26.53 16.52 -9.43
C ASP C 268 26.05 16.18 -10.84
N TYR C 269 24.73 16.29 -11.08
CA TYR C 269 24.20 16.03 -12.42
C TYR C 269 24.78 17.04 -13.39
N ALA C 270 24.75 18.33 -13.01
CA ALA C 270 25.28 19.36 -13.88
C ALA C 270 26.74 19.07 -14.21
N ARG C 271 27.54 18.73 -13.22
CA ARG C 271 28.97 18.56 -13.46
C ARG C 271 29.24 17.35 -14.34
N GLU C 272 28.50 16.27 -14.11
CA GLU C 272 28.73 15.02 -14.84
CA GLU C 272 28.72 15.03 -14.84
C GLU C 272 28.04 14.95 -16.20
N ARG C 273 26.93 15.66 -16.34
CA ARG C 273 26.12 15.49 -17.55
C ARG C 273 26.00 16.74 -18.41
N ILE C 274 26.41 17.88 -17.88
CA ILE C 274 26.20 19.13 -18.61
C ILE C 274 27.48 19.88 -18.87
N THR C 275 28.23 20.20 -17.81
CA THR C 275 29.22 21.26 -17.91
C THR C 275 30.68 20.79 -18.04
N PHE C 276 30.95 19.52 -17.78
CA PHE C 276 32.33 19.05 -17.91
C PHE C 276 32.92 19.30 -19.31
N GLY C 277 34.15 19.80 -19.34
CA GLY C 277 34.88 19.98 -20.58
C GLY C 277 34.37 21.12 -21.43
N LYS C 278 33.48 21.95 -20.87
CA LYS C 278 32.94 23.09 -21.59
C LYS C 278 33.24 24.39 -20.83
N PRO C 279 33.44 25.50 -21.57
CA PRO C 279 33.67 26.79 -20.89
C PRO C 279 32.45 27.26 -20.12
N ILE C 280 32.66 27.97 -19.02
CA ILE C 280 31.57 28.44 -18.16
C ILE C 280 30.54 29.25 -18.95
N ILE C 281 31.02 30.03 -19.91
CA ILE C 281 30.17 30.90 -20.71
C ILE C 281 29.05 30.13 -21.39
N GLU C 282 29.33 28.89 -21.79
CA GLU C 282 28.35 28.08 -22.50
C GLU C 282 27.21 27.58 -21.60
N HIS C 283 27.41 27.57 -20.30
CA HIS C 283 26.38 27.08 -19.39
CA HIS C 283 26.39 27.08 -19.38
C HIS C 283 26.21 28.02 -18.20
N GLN C 284 26.21 29.32 -18.50
CA GLN C 284 26.02 30.35 -17.49
C GLN C 284 24.76 30.17 -16.66
N ALA C 285 23.65 29.87 -17.32
CA ALA C 285 22.39 29.86 -16.61
C ALA C 285 22.38 28.75 -15.53
N VAL C 286 22.87 27.56 -15.87
CA VAL C 286 22.93 26.50 -14.87
C VAL C 286 23.92 26.82 -13.75
N ALA C 287 25.07 27.38 -14.09
CA ALA C 287 26.03 27.77 -13.05
C ALA C 287 25.41 28.80 -12.11
N PHE C 288 24.73 29.79 -12.69
CA PHE C 288 24.17 30.87 -11.89
C PHE C 288 23.04 30.36 -11.03
N ARG C 289 22.25 29.41 -11.56
CA ARG C 289 21.14 28.85 -10.81
CA ARG C 289 21.13 28.87 -10.79
C ARG C 289 21.64 28.02 -9.64
N LEU C 290 22.69 27.23 -9.86
CA LEU C 290 23.30 26.47 -8.78
C LEU C 290 23.86 27.38 -7.69
N ALA C 291 24.48 28.48 -8.10
CA ALA C 291 25.00 29.46 -7.15
C ALA C 291 23.88 30.06 -6.31
N ASP C 292 22.76 30.38 -6.95
CA ASP C 292 21.58 30.88 -6.23
C ASP C 292 21.06 29.86 -5.22
N MET C 293 20.98 28.60 -5.65
CA MET C 293 20.51 27.54 -4.77
C MET C 293 21.43 27.43 -3.55
N ALA C 294 22.75 27.39 -3.78
CA ALA C 294 23.68 27.28 -2.67
C ALA C 294 23.53 28.44 -1.70
N THR C 295 23.36 29.64 -2.26
CA THR C 295 23.22 30.85 -1.47
C THR C 295 21.97 30.79 -0.59
N ARG C 296 20.85 30.41 -1.19
CA ARG C 296 19.60 30.31 -0.44
C ARG C 296 19.67 29.26 0.67
N ILE C 297 20.32 28.13 0.39
CA ILE C 297 20.46 27.09 1.41
C ILE C 297 21.33 27.56 2.58
N GLU C 298 22.47 28.17 2.26
CA GLU C 298 23.40 28.65 3.29
C GLU C 298 22.76 29.74 4.14
N THR C 299 22.04 30.64 3.47
CA THR C 299 21.42 31.77 4.16
C THR C 299 20.34 31.27 5.12
N ALA C 300 19.51 30.34 4.66
CA ALA C 300 18.49 29.74 5.53
C ALA C 300 19.13 29.01 6.71
N ARG C 301 20.19 28.27 6.43
CA ARG C 301 20.89 27.54 7.47
C ARG C 301 21.34 28.46 8.60
N GLN C 302 21.88 29.63 8.26
CA GLN C 302 22.40 30.50 9.31
C GLN C 302 21.26 31.02 10.18
N MET C 303 20.08 31.19 9.60
CA MET C 303 18.91 31.59 10.39
C MET C 303 18.49 30.47 11.35
N VAL C 304 18.49 29.24 10.87
CA VAL C 304 18.17 28.08 11.72
C VAL C 304 19.16 27.98 12.90
N LEU C 305 20.43 28.12 12.60
CA LEU C 305 21.44 27.99 13.65
C LEU C 305 21.36 29.16 14.65
N HIS C 306 21.00 30.34 14.15
CA HIS C 306 20.81 31.50 15.02
C HIS C 306 19.65 31.27 15.99
N ALA C 307 18.53 30.77 15.49
CA ALA C 307 17.41 30.44 16.37
C ALA C 307 17.83 29.36 17.38
N ALA C 308 18.57 28.36 16.92
CA ALA C 308 19.04 27.29 17.80
C ALA C 308 19.95 27.82 18.91
N ALA C 309 20.81 28.78 18.57
CA ALA C 309 21.73 29.34 19.55
C ALA C 309 20.97 30.14 20.62
N LEU C 310 19.98 30.92 20.19
CA LEU C 310 19.14 31.65 21.13
C LEU C 310 18.42 30.67 22.06
N ARG C 311 17.85 29.61 21.48
CA ARG C 311 17.14 28.62 22.29
C ARG C 311 18.06 27.97 23.33
N GLU C 312 19.28 27.63 22.90
CA GLU C 312 20.23 26.99 23.80
C GLU C 312 20.58 27.91 24.94
N ALA C 313 20.63 29.21 24.66
CA ALA C 313 21.00 30.21 25.64
C ALA C 313 19.82 30.56 26.55
N GLY C 314 18.67 29.93 26.29
CA GLY C 314 17.45 30.23 27.05
C GLY C 314 16.83 31.59 26.80
N LYS C 315 17.22 32.23 25.69
CA LYS C 315 16.71 33.56 25.37
C LYS C 315 15.42 33.44 24.57
N PRO C 316 14.61 34.52 24.56
CA PRO C 316 13.38 34.48 23.75
C PRO C 316 13.71 34.22 22.30
N CYS C 317 13.01 33.28 21.66
CA CYS C 317 13.34 32.94 20.30
C CYS C 317 12.16 32.36 19.55
N LEU C 318 10.95 32.63 20.03
CA LEU C 318 9.78 32.15 19.28
C LEU C 318 9.71 32.84 17.91
N THR C 319 9.99 34.14 17.88
CA THR C 319 10.04 34.86 16.61
C THR C 319 11.11 34.26 15.70
N GLU C 320 12.31 34.08 16.24
CA GLU C 320 13.42 33.59 15.41
C GLU C 320 13.21 32.14 14.93
N ALA C 321 12.66 31.29 15.79
CA ALA C 321 12.39 29.91 15.38
C ALA C 321 11.35 29.90 14.28
N SER C 322 10.36 30.79 14.41
CA SER C 322 9.30 30.87 13.43
C SER C 322 9.82 31.42 12.11
N MET C 323 10.67 32.45 12.15
CA MET C 323 11.29 32.96 10.95
C MET C 323 12.10 31.87 10.23
N ALA C 324 12.85 31.11 11.01
CA ALA C 324 13.74 30.11 10.42
C ALA C 324 12.89 29.03 9.75
N LYS C 325 11.82 28.61 10.41
CA LYS C 325 10.90 27.61 9.87
C LYS C 325 10.28 28.13 8.56
N LEU C 326 9.79 29.38 8.60
CA LEU C 326 9.15 30.00 7.45
C LEU C 326 10.14 30.08 6.29
N VAL C 327 11.29 30.69 6.52
CA VAL C 327 12.20 30.95 5.41
C VAL C 327 12.80 29.63 4.88
N ALA C 328 13.12 28.68 5.76
CA ALA C 328 13.75 27.44 5.30
C ALA C 328 12.77 26.61 4.50
N SER C 329 11.53 26.52 4.98
CA SER C 329 10.55 25.70 4.29
C SER C 329 10.22 26.26 2.92
N GLU C 330 10.13 27.59 2.80
CA GLU C 330 9.82 28.18 1.50
C GLU C 330 11.01 28.07 0.57
N MET C 331 12.19 28.28 1.15
CA MET C 331 13.44 28.15 0.40
C MET C 331 13.51 26.77 -0.24
N ALA C 332 13.16 25.76 0.53
CA ALA C 332 13.40 24.39 0.11
C ALA C 332 12.54 24.00 -1.10
N GLU C 333 11.30 24.47 -1.14
CA GLU C 333 10.47 24.15 -2.29
C GLU C 333 11.10 24.74 -3.54
N GLN C 334 11.55 26.00 -3.45
CA GLN C 334 12.12 26.67 -4.61
C GLN C 334 13.39 25.98 -5.06
N VAL C 335 14.24 25.61 -4.12
CA VAL C 335 15.48 24.96 -4.48
C VAL C 335 15.23 23.54 -5.02
N CYS C 336 14.30 22.82 -4.41
CA CYS C 336 14.00 21.49 -4.89
C CYS C 336 13.39 21.57 -6.31
N SER C 337 12.60 22.60 -6.57
CA SER C 337 12.05 22.71 -7.93
C SER C 337 13.14 23.02 -8.93
N ALA C 338 14.08 23.89 -8.54
CA ALA C 338 15.19 24.23 -9.42
C ALA C 338 16.06 23.00 -9.68
N ALA C 339 16.19 22.14 -8.67
CA ALA C 339 16.99 20.90 -8.84
C ALA C 339 16.35 19.97 -9.88
N ILE C 340 15.02 19.89 -9.85
CA ILE C 340 14.30 19.16 -10.88
C ILE C 340 14.58 19.74 -12.27
N GLN C 341 14.51 21.06 -12.38
CA GLN C 341 14.70 21.69 -13.68
C GLN C 341 16.09 21.44 -14.28
N ILE C 342 17.12 21.49 -13.45
CA ILE C 342 18.48 21.24 -13.88
C ILE C 342 18.65 19.82 -14.45
N HIS C 343 17.88 18.86 -13.91
CA HIS C 343 17.92 17.49 -14.42
C HIS C 343 17.19 17.30 -15.76
N GLY C 344 16.49 18.32 -16.23
CA GLY C 344 15.74 18.20 -17.48
C GLY C 344 14.71 17.08 -17.40
N GLY C 345 14.56 16.29 -18.46
CA GLY C 345 13.64 15.15 -18.45
C GLY C 345 13.81 14.20 -17.27
N TYR C 346 15.06 13.91 -16.91
CA TYR C 346 15.33 13.01 -15.79
C TYR C 346 14.77 13.52 -14.46
N GLY C 347 14.62 14.83 -14.33
CA GLY C 347 14.13 15.40 -13.08
C GLY C 347 12.73 14.97 -12.71
N TYR C 348 11.93 14.62 -13.71
CA TYR C 348 10.55 14.20 -13.51
C TYR C 348 10.48 12.70 -13.24
N LEU C 349 11.64 12.03 -13.26
CA LEU C 349 11.66 10.56 -13.12
C LEU C 349 12.03 10.07 -11.74
N ALA C 350 11.37 9.00 -11.30
CA ALA C 350 11.62 8.47 -9.96
C ALA C 350 12.99 7.79 -9.86
N ASP C 351 13.67 7.56 -10.98
CA ASP C 351 14.99 6.96 -10.92
C ASP C 351 16.05 7.95 -10.40
N TYR C 352 15.71 9.24 -10.41
CA TYR C 352 16.55 10.26 -9.81
C TYR C 352 15.88 10.73 -8.52
N PRO C 353 16.67 11.18 -7.54
CA PRO C 353 16.09 11.48 -6.23
C PRO C 353 15.33 12.82 -6.13
N VAL C 354 15.45 13.69 -7.12
CA VAL C 354 14.97 15.04 -6.88
C VAL C 354 13.43 15.14 -6.88
N GLU C 355 12.70 14.28 -7.60
CA GLU C 355 11.22 14.39 -7.54
C GLU C 355 10.71 13.97 -6.17
N ARG C 356 11.34 12.97 -5.60
CA ARG C 356 10.93 12.53 -4.26
C ARG C 356 11.23 13.59 -3.22
N ILE C 357 12.42 14.18 -3.29
CA ILE C 357 12.78 15.21 -2.32
C ILE C 357 11.81 16.39 -2.42
N TYR C 358 11.46 16.75 -3.66
CA TYR C 358 10.43 17.76 -3.93
C TYR C 358 9.10 17.44 -3.25
N ARG C 359 8.67 16.18 -3.35
CA ARG C 359 7.45 15.74 -2.71
C ARG C 359 7.57 15.75 -1.20
N ASP C 360 8.70 15.25 -0.71
CA ASP C 360 8.97 15.16 0.72
C ASP C 360 8.94 16.54 1.40
N VAL C 361 9.49 17.53 0.72
CA VAL C 361 9.72 18.81 1.38
C VAL C 361 8.53 19.77 1.33
N ARG C 362 7.54 19.51 0.46
CA ARG C 362 6.42 20.45 0.31
C ARG C 362 5.67 20.65 1.64
N VAL C 363 5.52 19.59 2.42
CA VAL C 363 4.79 19.70 3.69
C VAL C 363 5.50 20.53 4.77
N CYS C 364 6.78 20.84 4.57
CA CYS C 364 7.50 21.64 5.56
C CYS C 364 6.86 23.02 5.73
N GLN C 365 6.14 23.48 4.71
CA GLN C 365 5.44 24.76 4.78
C GLN C 365 4.09 24.61 5.49
N ILE C 366 3.68 23.39 5.78
CA ILE C 366 2.33 23.14 6.25
C ILE C 366 2.27 22.65 7.69
N TYR C 367 3.01 21.59 8.04
CA TYR C 367 2.94 21.16 9.44
C TYR C 367 3.84 22.02 10.34
N GLU C 368 3.78 21.75 11.63
CA GLU C 368 4.56 22.50 12.63
C GLU C 368 4.24 23.98 12.55
N GLY C 369 2.95 24.29 12.34
CA GLY C 369 2.51 25.64 12.12
C GLY C 369 2.66 26.04 10.66
N THR C 370 1.54 26.26 9.99
CA THR C 370 1.57 26.69 8.59
C THR C 370 2.36 27.98 8.45
N SER C 371 2.84 28.27 7.25
CA SER C 371 3.52 29.53 7.00
C SER C 371 2.75 30.74 7.55
N ASP C 372 1.42 30.73 7.43
CA ASP C 372 0.65 31.88 7.91
C ASP C 372 0.59 31.92 9.44
N VAL C 373 0.65 30.75 10.07
CA VAL C 373 0.78 30.69 11.52
C VAL C 373 2.11 31.31 11.95
N GLN C 374 3.17 31.03 11.17
CA GLN C 374 4.48 31.62 11.44
C GLN C 374 4.42 33.14 11.27
N ARG C 375 3.77 33.59 10.19
CA ARG C 375 3.68 35.02 9.92
C ARG C 375 2.95 35.73 11.05
N LEU C 376 1.95 35.07 11.62
CA LEU C 376 1.15 35.68 12.67
C LEU C 376 1.99 35.92 13.90
N VAL C 377 2.77 34.91 14.29
CA VAL C 377 3.71 34.98 15.42
CA VAL C 377 3.54 35.10 15.50
C VAL C 377 4.65 36.14 15.26
N ILE C 378 5.23 36.21 14.06
CA ILE C 378 6.23 37.22 13.78
C ILE C 378 5.60 38.62 13.79
N ALA C 379 4.42 38.75 13.19
CA ALA C 379 3.73 40.04 13.14
C ALA C 379 3.31 40.55 14.51
N ARG C 380 3.08 39.64 15.44
CA ARG C 380 2.60 40.12 16.73
C ARG C 380 3.77 40.75 17.49
N GLY C 381 4.97 40.59 16.95
CA GLY C 381 6.15 41.28 17.44
C GLY C 381 6.38 42.67 16.83
N LEU C 382 5.65 43.01 15.77
CA LEU C 382 5.79 44.33 15.12
C LEU C 382 5.35 45.50 16.00
N HIS D 6 -17.83 40.63 -32.39
CA HIS D 6 -17.06 41.43 -31.43
C HIS D 6 -15.57 41.18 -31.58
N HIS D 7 -14.83 42.23 -31.91
CA HIS D 7 -13.41 42.12 -32.14
C HIS D 7 -12.67 41.64 -30.90
N MET D 8 -11.71 40.75 -31.11
CA MET D 8 -10.88 40.16 -30.06
C MET D 8 -11.62 39.46 -28.93
N LEU D 9 -12.88 39.10 -29.17
CA LEU D 9 -13.59 38.22 -28.25
C LEU D 9 -13.84 36.88 -28.91
N LEU D 10 -14.02 35.82 -28.13
CA LEU D 10 -14.32 34.49 -28.66
C LEU D 10 -15.64 34.49 -29.42
N THR D 11 -15.69 33.74 -30.52
CA THR D 11 -16.90 33.63 -31.29
C THR D 11 -17.88 32.70 -30.58
N ASP D 12 -19.16 32.79 -30.93
CA ASP D 12 -20.15 31.87 -30.35
C ASP D 12 -19.78 30.42 -30.59
N THR D 13 -19.22 30.13 -31.76
CA THR D 13 -18.79 28.78 -32.10
C THR D 13 -17.64 28.34 -31.20
N GLN D 14 -16.71 29.25 -30.93
CA GLN D 14 -15.59 28.92 -30.05
C GLN D 14 -16.07 28.67 -28.64
N GLU D 15 -17.05 29.45 -28.19
CA GLU D 15 -17.65 29.26 -26.87
C GLU D 15 -18.34 27.89 -26.77
N GLN D 16 -19.03 27.50 -27.84
CA GLN D 16 -19.72 26.21 -27.84
C GLN D 16 -18.71 25.07 -27.74
N ILE D 17 -17.59 25.23 -28.43
CA ILE D 17 -16.54 24.21 -28.43
C ILE D 17 -15.95 24.09 -27.03
N ARG D 18 -15.62 25.22 -26.41
CA ARG D 18 -15.16 25.20 -25.03
C ARG D 18 -16.16 24.54 -24.08
N GLU D 19 -17.44 24.85 -24.23
CA GLU D 19 -18.46 24.30 -23.33
C GLU D 19 -18.62 22.80 -23.52
N ALA D 20 -18.54 22.33 -24.78
CA ALA D 20 -18.65 20.91 -25.05
C ALA D 20 -17.45 20.16 -24.46
N ALA D 21 -16.25 20.72 -24.65
CA ALA D 21 -15.03 20.14 -24.07
C ALA D 21 -15.12 20.11 -22.54
N ARG D 22 -15.65 21.18 -21.95
CA ARG D 22 -15.84 21.29 -20.51
CA ARG D 22 -15.82 21.26 -20.50
C ARG D 22 -16.77 20.19 -20.00
N ASP D 23 -17.91 20.06 -20.67
CA ASP D 23 -18.87 19.04 -20.28
C ASP D 23 -18.27 17.65 -20.32
N PHE D 24 -17.54 17.33 -21.39
CA PHE D 24 -16.93 16.01 -21.47
C PHE D 24 -15.87 15.83 -20.39
N ALA D 25 -15.00 16.83 -20.24
CA ALA D 25 -13.90 16.70 -19.29
C ALA D 25 -14.42 16.54 -17.86
N GLN D 26 -15.44 17.32 -17.52
CA GLN D 26 -15.95 17.31 -16.14
C GLN D 26 -16.77 16.07 -15.83
N GLU D 27 -17.57 15.64 -16.80
CA GLU D 27 -18.46 14.50 -16.57
C GLU D 27 -17.76 13.16 -16.79
N ARG D 28 -16.84 13.12 -17.75
CA ARG D 28 -16.26 11.84 -18.16
C ARG D 28 -14.78 11.66 -17.82
N LEU D 29 -14.02 12.74 -17.64
CA LEU D 29 -12.61 12.60 -17.32
C LEU D 29 -12.31 12.80 -15.83
N ALA D 30 -12.80 13.91 -15.25
CA ALA D 30 -12.52 14.23 -13.84
C ALA D 30 -12.84 13.12 -12.82
N PRO D 31 -14.02 12.48 -12.92
CA PRO D 31 -14.33 11.47 -11.90
C PRO D 31 -13.31 10.34 -11.82
N GLY D 32 -12.74 9.94 -12.94
CA GLY D 32 -11.78 8.85 -12.94
C GLY D 32 -10.31 9.23 -12.87
N ALA D 33 -10.00 10.53 -12.86
CA ALA D 33 -8.62 11.00 -12.90
C ALA D 33 -7.74 10.50 -11.76
N ALA D 34 -8.28 10.49 -10.54
CA ALA D 34 -7.52 10.07 -9.37
C ALA D 34 -7.20 8.59 -9.47
N ALA D 35 -8.17 7.81 -9.91
CA ALA D 35 -7.93 6.37 -10.06
C ALA D 35 -6.86 6.08 -11.13
N ARG D 36 -6.90 6.80 -12.26
CA ARG D 36 -5.93 6.53 -13.31
C ARG D 36 -4.53 6.92 -12.84
N ASP D 37 -4.44 7.95 -11.99
CA ASP D 37 -3.18 8.32 -11.34
C ASP D 37 -2.68 7.21 -10.42
N ARG D 38 -3.57 6.68 -9.60
CA ARG D 38 -3.21 5.63 -8.67
C ARG D 38 -2.75 4.37 -9.39
N GLU D 39 -3.41 4.07 -10.51
CA GLU D 39 -3.30 2.78 -11.15
C GLU D 39 -2.34 2.84 -12.34
N HIS D 40 -1.86 4.03 -12.68
CA HIS D 40 -1.05 4.25 -13.87
C HIS D 40 -1.77 3.65 -15.10
N ALA D 41 -3.05 3.97 -15.23
CA ALA D 41 -3.91 3.35 -16.22
C ALA D 41 -4.14 4.26 -17.43
N PHE D 42 -3.69 3.80 -18.60
CA PHE D 42 -3.88 4.54 -19.83
C PHE D 42 -5.37 4.68 -20.11
N PRO D 43 -5.85 5.90 -20.42
CA PRO D 43 -7.28 6.15 -20.59
C PRO D 43 -7.83 5.71 -21.95
N ARG D 44 -7.65 4.43 -22.29
CA ARG D 44 -8.07 3.93 -23.59
CA ARG D 44 -8.05 3.95 -23.60
C ARG D 44 -9.57 4.10 -23.80
N ALA D 45 -10.36 3.71 -22.80
CA ALA D 45 -11.81 3.82 -22.95
C ALA D 45 -12.25 5.27 -23.11
N GLU D 46 -11.67 6.16 -22.32
CA GLU D 46 -12.03 7.58 -22.40
C GLU D 46 -11.60 8.18 -23.75
N LEU D 47 -10.40 7.81 -24.23
CA LEU D 47 -9.94 8.30 -25.52
C LEU D 47 -10.85 7.84 -26.65
N THR D 48 -11.33 6.60 -26.58
CA THR D 48 -12.24 6.12 -27.61
C THR D 48 -13.52 6.95 -27.62
N GLU D 49 -14.03 7.25 -26.43
CA GLU D 49 -15.22 8.08 -26.30
C GLU D 49 -14.99 9.52 -26.81
N MET D 50 -13.85 10.10 -26.45
CA MET D 50 -13.45 11.43 -26.97
C MET D 50 -13.35 11.41 -28.48
N GLY D 51 -12.81 10.32 -28.99
CA GLY D 51 -12.58 10.18 -30.41
C GLY D 51 -13.88 10.19 -31.20
N ALA D 52 -14.88 9.51 -30.65
CA ALA D 52 -16.19 9.46 -31.31
C ALA D 52 -16.86 10.83 -31.30
N LEU D 53 -16.48 11.69 -30.36
CA LEU D 53 -17.04 13.03 -30.25
C LEU D 53 -16.25 14.08 -31.06
N GLY D 54 -15.09 13.69 -31.57
CA GLY D 54 -14.31 14.56 -32.43
C GLY D 54 -13.09 15.17 -31.76
N PHE D 55 -12.85 14.84 -30.50
CA PHE D 55 -11.78 15.52 -29.77
C PHE D 55 -10.39 14.97 -30.07
N LEU D 56 -10.28 13.91 -30.86
CA LEU D 56 -8.97 13.40 -31.24
CA LEU D 56 -8.95 13.44 -31.23
C LEU D 56 -8.66 13.76 -32.68
N GLY D 57 -9.60 14.49 -33.30
CA GLY D 57 -9.49 14.88 -34.70
C GLY D 57 -9.50 16.38 -34.91
N MET D 58 -9.18 17.13 -33.87
CA MET D 58 -9.40 18.58 -33.89
C MET D 58 -8.51 19.32 -34.91
N LEU D 59 -7.37 18.73 -35.27
CA LEU D 59 -6.47 19.39 -36.21
C LEU D 59 -6.49 18.73 -37.58
N ALA D 60 -7.42 17.80 -37.79
CA ALA D 60 -7.55 17.12 -39.07
C ALA D 60 -8.77 17.62 -39.84
N PRO D 61 -8.69 17.61 -41.17
CA PRO D 61 -9.81 18.00 -42.04
C PRO D 61 -10.98 17.03 -41.95
N GLU D 62 -12.17 17.50 -42.28
CA GLU D 62 -13.34 16.63 -42.37
C GLU D 62 -13.09 15.47 -43.34
N GLU D 63 -12.36 15.74 -44.42
CA GLU D 63 -12.09 14.73 -45.43
C GLU D 63 -11.49 13.46 -44.84
N TRP D 64 -10.71 13.64 -43.78
CA TRP D 64 -9.98 12.54 -43.15
C TRP D 64 -10.59 12.13 -41.82
N GLY D 65 -11.82 12.58 -41.57
CA GLY D 65 -12.55 12.17 -40.39
C GLY D 65 -12.34 13.11 -39.22
N GLY D 66 -11.79 14.29 -39.50
CA GLY D 66 -11.46 15.24 -38.46
C GLY D 66 -12.55 16.27 -38.19
N SER D 67 -12.39 17.04 -37.12
CA SER D 67 -13.38 18.05 -36.80
C SER D 67 -12.87 19.44 -37.23
N ASP D 68 -11.60 19.53 -37.60
CA ASP D 68 -11.01 20.72 -38.24
C ASP D 68 -11.30 22.02 -37.52
N LEU D 69 -10.87 22.11 -36.28
CA LEU D 69 -11.11 23.30 -35.47
C LEU D 69 -10.03 24.34 -35.73
N ASP D 70 -10.36 25.59 -35.47
CA ASP D 70 -9.33 26.62 -35.54
C ASP D 70 -8.42 26.48 -34.32
N MET D 71 -7.25 27.08 -34.38
CA MET D 71 -6.25 26.87 -33.33
C MET D 71 -6.70 27.42 -31.97
N VAL D 72 -7.45 28.53 -31.98
CA VAL D 72 -7.96 29.07 -30.72
C VAL D 72 -8.95 28.09 -30.06
N ALA D 73 -9.86 27.53 -30.85
CA ALA D 73 -10.79 26.52 -30.33
C ALA D 73 -10.06 25.28 -29.82
N TYR D 74 -9.06 24.84 -30.58
CA TYR D 74 -8.19 23.75 -30.16
C TYR D 74 -7.58 24.01 -28.79
N ALA D 75 -7.00 25.20 -28.60
CA ALA D 75 -6.41 25.56 -27.32
C ALA D 75 -7.46 25.57 -26.22
N LEU D 76 -8.64 26.10 -26.54
CA LEU D 76 -9.74 26.15 -25.58
C LEU D 76 -10.11 24.74 -25.15
N ALA D 77 -10.11 23.82 -26.11
CA ALA D 77 -10.52 22.45 -25.85
C ALA D 77 -9.46 21.77 -24.99
N LEU D 78 -8.19 21.96 -25.31
CA LEU D 78 -7.12 21.36 -24.51
C LEU D 78 -7.10 21.89 -23.09
N GLU D 79 -7.36 23.18 -22.89
CA GLU D 79 -7.51 23.70 -21.54
C GLU D 79 -8.60 22.94 -20.78
N GLU D 80 -9.77 22.73 -21.38
CA GLU D 80 -10.84 22.01 -20.68
C GLU D 80 -10.48 20.56 -20.38
N ILE D 81 -9.85 19.89 -21.33
CA ILE D 81 -9.48 18.49 -21.13
C ILE D 81 -8.51 18.40 -19.96
N ALA D 82 -7.52 19.29 -19.97
CA ALA D 82 -6.49 19.33 -18.93
C ALA D 82 -7.06 19.60 -17.54
N ALA D 83 -8.08 20.43 -17.50
CA ALA D 83 -8.74 20.73 -16.23
C ALA D 83 -9.46 19.48 -15.70
N GLY D 84 -9.79 18.55 -16.59
CA GLY D 84 -10.40 17.29 -16.19
C GLY D 84 -9.35 16.25 -15.85
N ASP D 85 -8.33 16.14 -16.69
CA ASP D 85 -7.26 15.15 -16.53
C ASP D 85 -6.00 15.59 -17.28
N GLY D 86 -4.94 15.86 -16.55
CA GLY D 86 -3.76 16.44 -17.19
C GLY D 86 -3.09 15.47 -18.15
N ALA D 87 -2.93 14.22 -17.73
CA ALA D 87 -2.30 13.21 -18.57
C ALA D 87 -3.07 13.02 -19.88
N CYS D 88 -4.39 13.06 -19.80
CA CYS D 88 -5.23 12.95 -20.99
CA CYS D 88 -5.20 12.93 -21.00
C CYS D 88 -4.94 14.07 -21.98
N SER D 89 -4.80 15.29 -21.45
CA SER D 89 -4.51 16.43 -22.31
C SER D 89 -3.15 16.27 -23.01
N THR D 90 -2.17 15.70 -22.32
CA THR D 90 -0.87 15.42 -22.94
C THR D 90 -1.02 14.46 -24.11
N ILE D 91 -1.75 13.36 -23.88
CA ILE D 91 -1.95 12.37 -24.94
C ILE D 91 -2.64 13.00 -26.15
N VAL D 92 -3.63 13.84 -25.90
CA VAL D 92 -4.38 14.45 -26.99
C VAL D 92 -3.51 15.49 -27.73
N SER D 93 -2.75 16.27 -26.98
CA SER D 93 -1.90 17.30 -27.58
C SER D 93 -0.84 16.69 -28.48
N VAL D 94 -0.18 15.63 -28.00
CA VAL D 94 0.86 14.94 -28.78
C VAL D 94 0.24 14.32 -30.03
N HIS D 95 -0.83 13.56 -29.82
CA HIS D 95 -1.56 12.90 -30.93
C HIS D 95 -1.94 13.88 -32.04
N SER D 96 -2.50 15.01 -31.65
CA SER D 96 -3.02 15.99 -32.60
C SER D 96 -1.92 16.75 -33.33
N SER D 97 -0.95 17.25 -32.58
CA SER D 97 0.02 18.21 -33.14
C SER D 97 1.25 17.56 -33.76
N VAL D 98 1.70 16.41 -33.25
CA VAL D 98 2.89 15.80 -33.82
C VAL D 98 2.62 14.35 -34.24
N GLY D 99 1.40 13.88 -34.00
CA GLY D 99 0.99 12.59 -34.54
C GLY D 99 0.30 12.82 -35.88
N CYS D 100 -0.79 13.59 -35.87
CA CYS D 100 -1.62 13.75 -37.05
C CYS D 100 -1.07 14.78 -38.03
N MET D 101 -0.61 15.93 -37.53
CA MET D 101 -0.18 17.02 -38.43
C MET D 101 0.99 16.68 -39.39
N PRO D 102 2.01 15.92 -38.96
CA PRO D 102 3.03 15.58 -39.95
C PRO D 102 2.50 14.73 -41.10
N ILE D 103 1.62 13.80 -40.79
CA ILE D 103 1.05 12.95 -41.83
C ILE D 103 0.15 13.79 -42.74
N LEU D 104 -0.66 14.66 -42.15
CA LEU D 104 -1.52 15.56 -42.92
C LEU D 104 -0.71 16.47 -43.85
N ARG D 105 0.37 17.04 -43.34
CA ARG D 105 1.09 18.01 -44.15
C ARG D 105 2.04 17.37 -45.15
N PHE D 106 2.67 16.25 -44.77
CA PHE D 106 3.75 15.70 -45.59
C PHE D 106 3.41 14.37 -46.25
N GLY D 107 2.29 13.80 -45.87
CA GLY D 107 1.90 12.50 -46.39
C GLY D 107 1.40 12.56 -47.81
N THR D 108 1.64 11.47 -48.53
CA THR D 108 0.97 11.21 -49.80
C THR D 108 -0.50 10.97 -49.52
N GLU D 109 -1.33 11.09 -50.55
CA GLU D 109 -2.75 10.82 -50.40
C GLU D 109 -2.97 9.40 -49.86
N ASP D 110 -2.15 8.47 -50.32
CA ASP D 110 -2.30 7.09 -49.85
C ASP D 110 -1.89 6.93 -48.39
N GLN D 111 -0.85 7.63 -47.96
CA GLN D 111 -0.46 7.59 -46.55
C GLN D 111 -1.58 8.16 -45.70
N LYS D 112 -2.14 9.29 -46.14
CA LYS D 112 -3.22 9.93 -45.41
C LYS D 112 -4.45 9.02 -45.32
N ARG D 113 -4.79 8.37 -46.43
CA ARG D 113 -5.91 7.43 -46.44
C ARG D 113 -5.68 6.25 -45.51
N ARG D 114 -4.45 5.74 -45.45
CA ARG D 114 -4.16 4.59 -44.60
C ARG D 114 -4.11 4.90 -43.10
N PHE D 115 -3.70 6.12 -42.74
CA PHE D 115 -3.46 6.44 -41.34
C PHE D 115 -4.39 7.46 -40.69
N LEU D 116 -4.77 8.52 -41.41
CA LEU D 116 -5.52 9.58 -40.76
C LEU D 116 -6.95 9.22 -40.31
N PRO D 117 -7.71 8.47 -41.14
CA PRO D 117 -9.08 8.20 -40.66
C PRO D 117 -9.12 7.55 -39.26
N LYS D 118 -8.33 6.51 -39.02
CA LYS D 118 -8.30 5.88 -37.70
C LYS D 118 -7.65 6.77 -36.62
N MET D 119 -6.70 7.61 -37.00
CA MET D 119 -6.10 8.53 -36.02
C MET D 119 -7.07 9.66 -35.67
N ALA D 120 -7.78 10.19 -36.67
CA ALA D 120 -8.68 11.32 -36.42
C ALA D 120 -9.87 10.94 -35.53
N CYS D 121 -10.28 9.67 -35.57
CA CYS D 121 -11.38 9.25 -34.71
C CYS D 121 -10.86 8.64 -33.42
N GLY D 122 -9.54 8.61 -33.27
CA GLY D 122 -8.93 8.18 -32.03
C GLY D 122 -8.75 6.69 -31.84
N GLU D 123 -9.12 5.89 -32.85
CA GLU D 123 -8.87 4.45 -32.79
C GLU D 123 -7.35 4.19 -32.69
N TRP D 124 -6.59 4.95 -33.45
CA TRP D 124 -5.14 4.86 -33.42
C TRP D 124 -4.59 6.13 -32.81
N ILE D 125 -3.89 5.98 -31.68
CA ILE D 125 -3.25 7.08 -30.99
C ILE D 125 -1.84 7.30 -31.54
N GLY D 126 -1.52 8.56 -31.82
CA GLY D 126 -0.27 8.89 -32.46
C GLY D 126 0.79 9.38 -31.49
N GLY D 127 2.03 9.05 -31.79
CA GLY D 127 3.19 9.51 -31.03
C GLY D 127 4.30 9.98 -31.95
N PHE D 128 5.37 10.47 -31.33
CA PHE D 128 6.40 11.20 -32.03
C PHE D 128 7.73 10.84 -31.41
N ALA D 129 8.62 10.19 -32.17
CA ALA D 129 9.87 9.69 -31.60
C ALA D 129 11.08 10.28 -32.29
N LEU D 130 11.51 11.42 -31.77
CA LEU D 130 12.71 12.12 -32.24
C LEU D 130 13.83 12.03 -31.22
N THR D 131 13.53 12.38 -29.97
CA THR D 131 14.52 12.51 -28.90
CA THR D 131 14.56 12.53 -28.95
C THR D 131 15.27 11.22 -28.63
N GLU D 132 16.60 11.32 -28.49
CA GLU D 132 17.46 10.18 -28.16
C GLU D 132 18.26 10.42 -26.90
N PRO D 133 18.72 9.33 -26.26
CA PRO D 133 19.67 9.45 -25.14
C PRO D 133 20.88 10.29 -25.49
N LEU D 142 21.47 12.88 -34.15
CA LEU D 142 20.77 11.60 -34.06
C LEU D 142 21.69 10.42 -34.39
N LYS D 143 21.52 9.34 -33.64
CA LYS D 143 22.29 8.13 -33.87
C LYS D 143 21.43 7.01 -34.45
N THR D 144 20.11 7.15 -34.36
CA THR D 144 19.22 6.17 -34.97
C THR D 144 19.40 6.22 -36.49
N ARG D 145 19.55 5.04 -37.10
CA ARG D 145 19.83 4.94 -38.54
C ARG D 145 18.71 4.24 -39.30
N ALA D 146 18.51 4.62 -40.55
CA ALA D 146 17.60 3.90 -41.41
C ALA D 146 18.32 3.58 -42.71
N ARG D 147 18.55 2.31 -43.00
CA ARG D 147 19.24 1.97 -44.23
C ARG D 147 18.28 1.34 -45.24
N LEU D 148 18.38 1.75 -46.49
CA LEU D 148 17.50 1.23 -47.53
C LEU D 148 17.88 -0.21 -47.89
N ASP D 149 16.89 -1.11 -47.83
CA ASP D 149 17.05 -2.50 -48.25
C ASP D 149 15.90 -2.89 -49.18
N GLY D 150 16.00 -2.46 -50.45
CA GLY D 150 14.96 -2.74 -51.42
C GLY D 150 13.68 -1.99 -51.11
N ASP D 151 12.62 -2.74 -50.82
CA ASP D 151 11.31 -2.11 -50.60
C ASP D 151 11.06 -1.84 -49.12
N HIS D 152 12.11 -1.89 -48.32
CA HIS D 152 12.01 -1.57 -46.89
C HIS D 152 13.22 -0.76 -46.44
N TYR D 153 13.03 0.03 -45.39
CA TYR D 153 14.17 0.56 -44.64
C TYR D 153 14.37 -0.32 -43.41
N VAL D 154 15.61 -0.45 -42.98
CA VAL D 154 15.90 -1.16 -41.74
C VAL D 154 16.39 -0.15 -40.73
N ILE D 155 15.70 -0.04 -39.61
CA ILE D 155 15.98 1.00 -38.63
C ILE D 155 16.59 0.39 -37.37
N ASP D 156 17.69 1.00 -36.94
CA ASP D 156 18.40 0.61 -35.72
C ASP D 156 18.67 1.84 -34.87
N GLY D 157 18.31 1.79 -33.59
CA GLY D 157 18.62 2.89 -32.70
C GLY D 157 17.76 2.88 -31.44
N SER D 158 17.60 4.04 -30.86
CA SER D 158 16.85 4.14 -29.60
C SER D 158 16.27 5.53 -29.47
N LYS D 159 15.21 5.66 -28.67
CA LYS D 159 14.60 6.96 -28.42
C LYS D 159 14.26 7.00 -26.93
N GLN D 160 14.11 8.21 -26.39
CA GLN D 160 13.73 8.30 -24.97
C GLN D 160 12.70 9.41 -24.74
N PHE D 161 11.96 9.28 -23.63
CA PHE D 161 10.89 10.21 -23.25
C PHE D 161 9.80 10.29 -24.31
N ILE D 162 9.40 9.14 -24.86
CA ILE D 162 8.38 9.14 -25.90
C ILE D 162 6.98 8.91 -25.32
N THR D 163 6.17 9.96 -25.34
CA THR D 163 4.77 9.82 -24.95
C THR D 163 4.01 8.88 -25.88
N SER D 164 3.23 7.97 -25.27
CA SER D 164 2.43 6.97 -25.97
C SER D 164 3.29 5.99 -26.78
N GLY D 165 4.55 5.83 -26.39
CA GLY D 165 5.43 4.91 -27.09
C GLY D 165 4.98 3.47 -26.95
N LYS D 166 4.24 3.19 -25.88
CA LYS D 166 3.75 1.83 -25.61
C LYS D 166 2.27 1.67 -25.94
N ASN D 167 1.46 2.64 -25.51
CA ASN D 167 0.03 2.54 -25.64
C ASN D 167 -0.51 3.18 -26.90
N GLY D 168 0.33 3.93 -27.60
CA GLY D 168 -0.02 4.49 -28.89
C GLY D 168 0.06 3.42 -29.96
N ASN D 169 -0.50 3.72 -31.14
CA ASN D 169 -0.57 2.76 -32.21
C ASN D 169 0.36 3.10 -33.35
N VAL D 170 0.65 4.39 -33.49
CA VAL D 170 1.43 4.86 -34.61
C VAL D 170 2.39 5.90 -34.09
N VAL D 171 3.67 5.74 -34.38
CA VAL D 171 4.66 6.71 -33.93
C VAL D 171 5.47 7.19 -35.13
N ILE D 172 5.67 8.50 -35.23
CA ILE D 172 6.56 9.05 -36.24
C ILE D 172 8.00 8.95 -35.78
N VAL D 173 8.77 8.08 -36.43
CA VAL D 173 10.15 7.82 -36.04
C VAL D 173 11.14 8.62 -36.90
N PHE D 174 12.13 9.25 -36.26
CA PHE D 174 13.13 10.00 -37.00
C PHE D 174 14.46 9.29 -37.01
N ALA D 175 15.00 9.06 -38.20
CA ALA D 175 16.20 8.27 -38.34
C ALA D 175 17.07 8.82 -39.46
N VAL D 176 18.38 8.68 -39.29
CA VAL D 176 19.34 9.14 -40.29
C VAL D 176 19.43 8.23 -41.49
N THR D 177 19.12 8.77 -42.66
CA THR D 177 19.23 8.01 -43.91
C THR D 177 20.51 8.30 -44.67
N ASP D 178 21.16 9.42 -44.36
CA ASP D 178 22.47 9.78 -44.93
C ASP D 178 23.35 10.38 -43.85
N PRO D 179 24.26 9.57 -43.29
CA PRO D 179 25.12 10.00 -42.18
C PRO D 179 26.03 11.18 -42.55
N ALA D 180 26.31 11.33 -43.84
CA ALA D 180 27.24 12.36 -44.29
C ALA D 180 26.59 13.75 -44.35
N ALA D 181 25.27 13.80 -44.44
CA ALA D 181 24.59 15.03 -44.78
C ALA D 181 24.13 15.85 -43.57
N GLY D 182 24.49 15.41 -42.37
CA GLY D 182 24.14 16.13 -41.16
C GLY D 182 22.65 16.39 -41.02
N LYS D 183 22.27 17.66 -40.85
CA LYS D 183 20.87 18.01 -40.61
C LYS D 183 20.01 17.83 -41.86
N LYS D 184 20.64 17.64 -43.02
CA LYS D 184 19.89 17.32 -44.23
C LYS D 184 19.81 15.80 -44.46
N GLY D 185 20.28 15.01 -43.51
CA GLY D 185 20.34 13.57 -43.68
C GLY D 185 19.34 12.76 -42.89
N ILE D 186 18.35 13.44 -42.30
CA ILE D 186 17.35 12.76 -41.48
C ILE D 186 16.09 12.47 -42.30
N SER D 187 15.45 11.32 -42.06
CA SER D 187 14.16 11.04 -42.65
C SER D 187 13.14 10.69 -41.59
N ALA D 188 11.85 10.86 -41.92
CA ALA D 188 10.75 10.53 -41.03
C ALA D 188 10.00 9.29 -41.50
N PHE D 189 9.54 8.49 -40.56
CA PHE D 189 8.88 7.21 -40.88
C PHE D 189 7.62 7.00 -40.06
N ILE D 190 6.54 6.58 -40.72
CA ILE D 190 5.31 6.24 -40.02
C ILE D 190 5.41 4.79 -39.56
N VAL D 191 5.56 4.58 -38.26
CA VAL D 191 5.83 3.25 -37.72
C VAL D 191 4.75 2.77 -36.74
N PRO D 192 3.93 1.80 -37.17
CA PRO D 192 3.01 1.10 -36.27
C PRO D 192 3.78 0.53 -35.09
N THR D 193 3.23 0.65 -33.88
CA THR D 193 3.99 0.26 -32.69
C THR D 193 4.05 -1.26 -32.50
N ASP D 194 3.43 -2.01 -33.39
CA ASP D 194 3.52 -3.47 -33.33
C ASP D 194 4.47 -3.98 -34.42
N THR D 195 5.26 -3.07 -34.99
CA THR D 195 6.27 -3.46 -35.96
C THR D 195 7.31 -4.37 -35.29
N PRO D 196 7.59 -5.53 -35.88
CA PRO D 196 8.69 -6.35 -35.33
C PRO D 196 9.98 -5.54 -35.27
N GLY D 197 10.63 -5.55 -34.12
CA GLY D 197 11.87 -4.81 -33.95
C GLY D 197 11.65 -3.53 -33.14
N TYR D 198 10.40 -3.12 -33.05
CA TYR D 198 9.99 -2.02 -32.20
C TYR D 198 9.80 -2.55 -30.80
N GLU D 199 10.57 -2.04 -29.85
CA GLU D 199 10.52 -2.54 -28.49
C GLU D 199 10.44 -1.42 -27.48
N VAL D 200 9.49 -1.55 -26.55
CA VAL D 200 9.45 -0.61 -25.42
C VAL D 200 10.46 -1.09 -24.37
N MET D 201 11.51 -0.31 -24.17
CA MET D 201 12.58 -0.76 -23.27
C MET D 201 12.23 -0.44 -21.82
N SER D 202 11.46 0.62 -21.63
CA SER D 202 10.90 0.93 -20.32
C SER D 202 9.75 1.92 -20.40
N VAL D 203 8.79 1.78 -19.49
CA VAL D 203 7.81 2.82 -19.25
C VAL D 203 8.25 3.51 -17.96
N GLU D 204 8.61 4.79 -18.05
CA GLU D 204 9.30 5.40 -16.92
C GLU D 204 8.35 5.67 -15.77
N HIS D 205 8.83 5.48 -14.55
CA HIS D 205 8.06 5.87 -13.38
C HIS D 205 8.33 7.34 -13.15
N LYS D 206 7.26 8.12 -13.15
CA LYS D 206 7.37 9.57 -13.09
CA LYS D 206 7.37 9.57 -13.09
C LYS D 206 6.81 10.15 -11.80
N LEU D 207 6.99 11.45 -11.63
CA LEU D 207 6.41 12.21 -10.53
C LEU D 207 4.89 12.28 -10.67
N GLY D 208 4.43 12.41 -11.90
CA GLY D 208 3.01 12.50 -12.16
C GLY D 208 2.66 12.16 -13.58
N GLN D 209 1.45 12.52 -14.00
CA GLN D 209 0.85 12.08 -15.26
C GLN D 209 1.06 10.58 -15.46
N HIS D 210 0.81 9.80 -14.41
CA HIS D 210 1.10 8.36 -14.43
C HIS D 210 0.35 7.63 -15.52
N SER D 211 -0.85 8.09 -15.81
CA SER D 211 -1.70 7.38 -16.76
CA SER D 211 -1.74 7.46 -16.78
C SER D 211 -1.17 7.51 -18.20
N SER D 212 -0.32 8.50 -18.47
CA SER D 212 0.31 8.61 -19.79
C SER D 212 1.69 7.95 -19.80
N ASP D 213 1.88 6.95 -20.67
CA ASP D 213 3.17 6.25 -20.75
C ASP D 213 4.21 7.12 -21.43
N THR D 214 5.35 7.25 -20.75
CA THR D 214 6.50 7.94 -21.28
C THR D 214 7.60 6.90 -21.39
N CYS D 215 8.09 6.66 -22.60
CA CYS D 215 8.83 5.44 -22.88
C CYS D 215 10.22 5.61 -23.46
N ALA D 216 11.10 4.69 -23.09
CA ALA D 216 12.32 4.47 -23.85
C ALA D 216 12.05 3.38 -24.89
N LEU D 217 12.45 3.65 -26.14
CA LEU D 217 12.27 2.71 -27.24
C LEU D 217 13.59 2.19 -27.76
N GLY D 218 13.59 0.94 -28.21
CA GLY D 218 14.72 0.37 -28.90
C GLY D 218 14.24 -0.12 -30.26
N PHE D 219 15.04 0.14 -31.29
CA PHE D 219 14.76 -0.38 -32.62
C PHE D 219 15.92 -1.28 -33.01
N THR D 220 15.61 -2.53 -33.31
CA THR D 220 16.62 -3.51 -33.72
C THR D 220 16.17 -4.16 -35.01
N ASN D 221 16.94 -3.98 -36.09
CA ASN D 221 16.60 -4.61 -37.37
C ASN D 221 15.13 -4.37 -37.75
N MET D 222 14.63 -3.19 -37.41
CA MET D 222 13.22 -2.91 -37.57
C MET D 222 12.88 -2.49 -38.99
N ARG D 223 12.15 -3.34 -39.69
CA ARG D 223 11.87 -3.15 -41.12
C ARG D 223 10.62 -2.29 -41.33
N VAL D 224 10.80 -1.17 -42.04
CA VAL D 224 9.73 -0.23 -42.35
C VAL D 224 9.55 -0.12 -43.86
N PRO D 225 8.34 -0.42 -44.36
CA PRO D 225 8.16 -0.35 -45.82
C PRO D 225 8.47 1.04 -46.36
N VAL D 226 9.02 1.11 -47.56
CA VAL D 226 9.41 2.37 -48.15
C VAL D 226 8.19 3.29 -48.27
N GLU D 227 7.00 2.71 -48.46
CA GLU D 227 5.79 3.53 -48.62
C GLU D 227 5.31 4.15 -47.31
N ASN D 228 6.03 3.86 -46.22
CA ASN D 228 5.76 4.51 -44.94
C ASN D 228 6.78 5.60 -44.59
N ARG D 229 7.76 5.84 -45.45
CA ARG D 229 8.62 7.00 -45.26
C ARG D 229 7.79 8.24 -45.49
N LEU D 230 7.79 9.12 -44.49
CA LEU D 230 6.99 10.33 -44.54
C LEU D 230 7.83 11.44 -45.14
N GLY D 231 7.45 11.89 -46.33
CA GLY D 231 8.24 12.90 -47.02
C GLY D 231 9.42 12.28 -47.75
N ALA D 232 10.16 13.12 -48.48
CA ALA D 232 11.36 12.66 -49.18
C ALA D 232 12.48 12.29 -48.21
N GLU D 233 13.44 11.48 -48.68
CA GLU D 233 14.63 11.24 -47.89
C GLU D 233 15.28 12.59 -47.62
N GLY D 234 15.65 12.82 -46.37
CA GLY D 234 16.32 14.06 -46.01
C GLY D 234 15.37 15.17 -45.54
N GLU D 235 14.07 14.93 -45.63
CA GLU D 235 13.08 15.94 -45.21
C GLU D 235 12.78 15.84 -43.71
N GLY D 236 13.47 14.95 -43.01
CA GLY D 236 13.13 14.67 -41.62
C GLY D 236 13.33 15.82 -40.65
N TYR D 237 14.43 16.57 -40.80
CA TYR D 237 14.69 17.71 -39.93
C TYR D 237 13.55 18.76 -40.04
N LYS D 238 13.17 19.06 -41.27
CA LYS D 238 12.04 19.96 -41.54
C LYS D 238 10.74 19.44 -40.92
N ILE D 239 10.48 18.15 -41.08
CA ILE D 239 9.28 17.56 -40.53
C ILE D 239 9.30 17.58 -39.00
N ALA D 240 10.46 17.30 -38.40
CA ALA D 240 10.58 17.29 -36.94
C ALA D 240 10.26 18.67 -36.33
N LEU D 241 10.60 19.74 -37.04
CA LEU D 241 10.37 21.09 -36.52
C LEU D 241 9.05 21.72 -37.01
N ALA D 242 8.26 20.96 -37.76
CA ALA D 242 7.09 21.52 -38.46
C ALA D 242 5.95 21.94 -37.55
N ASN D 243 5.90 21.40 -36.34
CA ASN D 243 4.81 21.70 -35.42
C ASN D 243 5.26 22.17 -34.05
N LEU D 244 6.40 22.85 -33.98
CA LEU D 244 6.86 23.42 -32.73
C LEU D 244 5.77 24.30 -32.11
N GLU D 245 5.20 25.16 -32.94
CA GLU D 245 4.22 26.14 -32.49
C GLU D 245 2.95 25.47 -31.94
N GLY D 246 2.35 24.60 -32.74
CA GLY D 246 1.17 23.85 -32.31
C GLY D 246 1.37 23.03 -31.05
N GLY D 247 2.49 22.33 -30.99
CA GLY D 247 2.89 21.61 -29.79
C GLY D 247 2.97 22.51 -28.56
N ARG D 248 3.64 23.65 -28.71
CA ARG D 248 3.89 24.50 -27.55
C ARG D 248 2.62 25.21 -27.11
N ILE D 249 1.77 25.55 -28.08
CA ILE D 249 0.47 26.18 -27.78
C ILE D 249 -0.37 25.17 -26.97
N GLY D 250 -0.35 23.91 -27.40
CA GLY D 250 -1.11 22.90 -26.70
C GLY D 250 -0.68 22.65 -25.27
N ILE D 251 0.63 22.56 -25.05
CA ILE D 251 1.16 22.38 -23.70
C ILE D 251 0.92 23.63 -22.84
N ALA D 252 1.04 24.81 -23.42
CA ALA D 252 0.65 26.04 -22.72
C ALA D 252 -0.80 25.95 -22.25
N ALA D 253 -1.68 25.52 -23.16
CA ALA D 253 -3.09 25.40 -22.85
C ALA D 253 -3.32 24.40 -21.73
N GLN D 254 -2.62 23.27 -21.77
CA GLN D 254 -2.81 22.30 -20.69
C GLN D 254 -2.33 22.84 -19.35
N ALA D 255 -1.26 23.64 -19.34
CA ALA D 255 -0.78 24.21 -18.07
C ALA D 255 -1.84 25.15 -17.47
N VAL D 256 -2.51 25.91 -18.33
CA VAL D 256 -3.56 26.82 -17.90
C VAL D 256 -4.71 26.01 -17.29
N GLY D 257 -5.07 24.91 -17.95
CA GLY D 257 -6.15 24.06 -17.49
C GLY D 257 -5.88 23.40 -16.15
N MET D 258 -4.67 22.86 -15.97
CA MET D 258 -4.31 22.27 -14.67
C MET D 258 -4.25 23.33 -13.57
N ALA D 259 -3.68 24.49 -13.88
CA ALA D 259 -3.67 25.58 -12.93
C ALA D 259 -5.08 25.99 -12.55
N ARG D 260 -5.97 26.07 -13.55
CA ARG D 260 -7.33 26.47 -13.29
C ARG D 260 -8.06 25.47 -12.39
N ALA D 261 -7.86 24.18 -12.65
CA ALA D 261 -8.48 23.16 -11.82
C ALA D 261 -8.02 23.30 -10.37
N ALA D 262 -6.73 23.54 -10.19
CA ALA D 262 -6.17 23.67 -8.85
C ALA D 262 -6.72 24.94 -8.16
N PHE D 263 -6.82 26.03 -8.92
CA PHE D 263 -7.39 27.26 -8.38
C PHE D 263 -8.85 27.08 -7.97
N GLU D 264 -9.63 26.43 -8.82
CA GLU D 264 -11.04 26.21 -8.49
C GLU D 264 -11.19 25.35 -7.23
N ALA D 265 -10.34 24.33 -7.09
CA ALA D 265 -10.33 23.53 -5.86
C ALA D 265 -10.02 24.40 -4.63
N ALA D 266 -9.01 25.25 -4.74
CA ALA D 266 -8.63 26.15 -3.64
C ALA D 266 -9.75 27.16 -3.31
N ARG D 267 -10.32 27.75 -4.36
CA ARG D 267 -11.45 28.68 -4.20
C ARG D 267 -12.60 28.02 -3.44
N ASP D 268 -12.93 26.80 -3.85
CA ASP D 268 -14.05 26.09 -3.25
C ASP D 268 -13.75 25.69 -1.82
N TYR D 269 -12.53 25.25 -1.56
CA TYR D 269 -12.12 24.91 -0.21
C TYR D 269 -12.17 26.15 0.69
N ALA D 270 -11.71 27.28 0.16
CA ALA D 270 -11.73 28.50 0.95
C ALA D 270 -13.15 28.89 1.33
N ARG D 271 -14.08 28.75 0.39
CA ARG D 271 -15.47 29.13 0.65
CA ARG D 271 -15.47 29.11 0.65
C ARG D 271 -16.11 28.21 1.71
N GLU D 272 -15.75 26.94 1.69
CA GLU D 272 -16.44 25.95 2.51
C GLU D 272 -15.80 25.72 3.86
N ARG D 273 -14.48 25.86 3.92
CA ARG D 273 -13.73 25.45 5.09
C ARG D 273 -12.95 26.60 5.73
N ILE D 274 -12.90 27.75 5.07
CA ILE D 274 -12.20 28.91 5.63
C ILE D 274 -13.14 30.07 5.97
N THR D 275 -13.84 30.58 4.96
CA THR D 275 -14.74 31.72 5.15
C THR D 275 -16.14 31.30 5.59
N PHE D 276 -16.49 30.03 5.35
CA PHE D 276 -17.78 29.46 5.74
C PHE D 276 -18.96 30.27 5.25
N HIS D 283 -11.20 36.77 4.75
CA HIS D 283 -9.82 36.52 5.16
C HIS D 283 -8.88 37.13 4.12
N GLN D 284 -8.30 38.28 4.44
CA GLN D 284 -7.58 39.08 3.47
C GLN D 284 -6.42 38.34 2.78
N ALA D 285 -5.59 37.65 3.56
CA ALA D 285 -4.45 36.94 2.98
C ALA D 285 -4.90 35.90 1.94
N VAL D 286 -5.88 35.06 2.31
CA VAL D 286 -6.37 34.05 1.39
C VAL D 286 -7.10 34.65 0.19
N ALA D 287 -7.86 35.72 0.41
CA ALA D 287 -8.53 36.41 -0.70
C ALA D 287 -7.51 36.95 -1.70
N PHE D 288 -6.45 37.57 -1.19
CA PHE D 288 -5.45 38.19 -2.06
C PHE D 288 -4.70 37.11 -2.84
N ARG D 289 -4.44 35.96 -2.20
CA ARG D 289 -3.76 34.87 -2.87
C ARG D 289 -4.59 34.29 -4.01
N LEU D 290 -5.87 34.05 -3.73
CA LEU D 290 -6.82 33.63 -4.75
C LEU D 290 -6.92 34.65 -5.89
N ALA D 291 -6.92 35.95 -5.57
CA ALA D 291 -6.94 36.97 -6.63
C ALA D 291 -5.70 36.87 -7.49
N ASP D 292 -4.54 36.67 -6.86
CA ASP D 292 -3.28 36.58 -7.60
C ASP D 292 -3.28 35.35 -8.53
N MET D 293 -3.83 34.25 -8.02
CA MET D 293 -3.92 33.01 -8.78
C MET D 293 -4.82 33.19 -9.98
N ALA D 294 -5.99 33.74 -9.76
CA ALA D 294 -6.92 33.99 -10.88
C ALA D 294 -6.30 34.90 -11.91
N THR D 295 -5.58 35.91 -11.44
CA THR D 295 -4.94 36.88 -12.32
C THR D 295 -3.85 36.24 -13.19
N ARG D 296 -3.03 35.40 -12.57
CA ARG D 296 -1.96 34.72 -13.29
C ARG D 296 -2.51 33.74 -14.32
N ILE D 297 -3.61 33.07 -13.98
CA ILE D 297 -4.25 32.14 -14.92
C ILE D 297 -4.80 32.89 -16.12
N GLU D 298 -5.56 33.96 -15.85
CA GLU D 298 -6.14 34.76 -16.92
C GLU D 298 -5.08 35.34 -17.85
N THR D 299 -4.03 35.89 -17.24
CA THR D 299 -2.95 36.52 -18.02
C THR D 299 -2.24 35.49 -18.90
N ALA D 300 -1.94 34.31 -18.34
CA ALA D 300 -1.34 33.25 -19.13
C ALA D 300 -2.27 32.84 -20.26
N ARG D 301 -3.55 32.66 -19.94
CA ARG D 301 -4.53 32.24 -20.94
C ARG D 301 -4.56 33.18 -22.14
N GLN D 302 -4.51 34.49 -21.89
CA GLN D 302 -4.58 35.44 -23.00
C GLN D 302 -3.32 35.34 -23.89
N MET D 303 -2.20 34.98 -23.29
CA MET D 303 -0.99 34.75 -24.07
C MET D 303 -1.13 33.50 -24.96
N VAL D 304 -1.70 32.43 -24.40
CA VAL D 304 -1.93 31.21 -25.16
C VAL D 304 -2.83 31.52 -26.36
N LEU D 305 -3.97 32.15 -26.11
CA LEU D 305 -4.90 32.48 -27.19
C LEU D 305 -4.32 33.42 -28.25
N HIS D 306 -3.50 34.36 -27.82
CA HIS D 306 -2.83 35.25 -28.77
C HIS D 306 -1.93 34.43 -29.69
N ALA D 307 -1.19 33.49 -29.11
CA ALA D 307 -0.31 32.67 -29.94
C ALA D 307 -1.15 31.81 -30.89
N ALA D 308 -2.25 31.25 -30.39
CA ALA D 308 -3.13 30.41 -31.21
C ALA D 308 -3.74 31.23 -32.35
N ALA D 309 -4.11 32.47 -32.06
CA ALA D 309 -4.69 33.35 -33.08
C ALA D 309 -3.68 33.62 -34.18
N LEU D 310 -2.42 33.93 -33.81
CA LEU D 310 -1.36 34.09 -34.82
C LEU D 310 -1.17 32.83 -35.63
N ARG D 311 -1.13 31.68 -34.97
CA ARG D 311 -0.93 30.42 -35.70
C ARG D 311 -2.06 30.18 -36.69
N GLU D 312 -3.29 30.41 -36.24
CA GLU D 312 -4.46 30.17 -37.08
C GLU D 312 -4.40 31.03 -38.33
N ALA D 313 -3.92 32.26 -38.15
CA ALA D 313 -3.83 33.21 -39.25
C ALA D 313 -2.60 32.98 -40.13
N GLY D 314 -1.79 31.99 -39.79
CA GLY D 314 -0.61 31.66 -40.57
C GLY D 314 0.52 32.66 -40.43
N LYS D 315 0.51 33.39 -39.32
CA LYS D 315 1.55 34.39 -39.08
C LYS D 315 2.70 33.78 -38.30
N PRO D 316 3.90 34.38 -38.41
CA PRO D 316 5.04 33.97 -37.57
C PRO D 316 4.62 33.96 -36.10
N CYS D 317 4.87 32.87 -35.40
CA CYS D 317 4.41 32.82 -34.01
C CYS D 317 5.23 31.86 -33.14
N LEU D 318 6.43 31.51 -33.61
CA LEU D 318 7.30 30.65 -32.81
C LEU D 318 7.66 31.35 -31.51
N THR D 319 7.97 32.63 -31.59
CA THR D 319 8.28 33.38 -30.37
C THR D 319 7.10 33.40 -29.42
N GLU D 320 5.92 33.64 -29.97
CA GLU D 320 4.73 33.80 -29.13
C GLU D 320 4.28 32.47 -28.54
N ALA D 321 4.41 31.42 -29.32
CA ALA D 321 4.06 30.08 -28.83
C ALA D 321 4.99 29.68 -27.71
N SER D 322 6.27 29.98 -27.89
CA SER D 322 7.29 29.67 -26.89
C SER D 322 7.10 30.51 -25.62
N MET D 323 6.81 31.79 -25.78
CA MET D 323 6.45 32.63 -24.63
C MET D 323 5.24 32.07 -23.87
N ALA D 324 4.21 31.65 -24.59
CA ALA D 324 3.01 31.14 -23.96
C ALA D 324 3.31 29.86 -23.18
N LYS D 325 4.11 28.98 -23.78
CA LYS D 325 4.47 27.72 -23.12
C LYS D 325 5.29 28.02 -21.86
N LEU D 326 6.24 28.94 -21.98
CA LEU D 326 7.10 29.29 -20.85
C LEU D 326 6.29 29.87 -19.69
N VAL D 327 5.51 30.90 -19.98
CA VAL D 327 4.73 31.62 -18.97
CA VAL D 327 4.81 31.60 -18.91
C VAL D 327 3.69 30.73 -18.32
N ALA D 328 2.94 29.99 -19.14
CA ALA D 328 1.87 29.16 -18.57
C ALA D 328 2.44 28.03 -17.70
N SER D 329 3.52 27.40 -18.15
CA SER D 329 4.08 26.27 -17.40
C SER D 329 4.64 26.74 -16.04
N GLU D 330 5.30 27.89 -16.00
CA GLU D 330 5.87 28.37 -14.73
C GLU D 330 4.76 28.88 -13.82
N MET D 331 3.81 29.61 -14.39
CA MET D 331 2.62 30.08 -13.67
C MET D 331 1.92 28.92 -13.00
N ALA D 332 1.76 27.82 -13.75
CA ALA D 332 0.96 26.73 -13.21
C ALA D 332 1.60 26.07 -11.99
N GLU D 333 2.92 25.93 -11.95
CA GLU D 333 3.53 25.39 -10.73
C GLU D 333 3.24 26.30 -9.53
N GLN D 334 3.42 27.61 -9.71
CA GLN D 334 3.17 28.58 -8.64
C GLN D 334 1.72 28.54 -8.16
N VAL D 335 0.77 28.52 -9.09
CA VAL D 335 -0.63 28.50 -8.72
C VAL D 335 -0.99 27.17 -8.03
N CYS D 336 -0.48 26.05 -8.55
CA CYS D 336 -0.78 24.75 -7.94
C CYS D 336 -0.17 24.65 -6.54
N SER D 337 1.01 25.23 -6.34
CA SER D 337 1.59 25.23 -5.01
C SER D 337 0.76 26.10 -4.04
N ALA D 338 0.30 27.24 -4.53
CA ALA D 338 -0.55 28.12 -3.73
C ALA D 338 -1.86 27.42 -3.35
N ALA D 339 -2.36 26.59 -4.26
CA ALA D 339 -3.61 25.85 -4.02
C ALA D 339 -3.43 24.80 -2.93
N ILE D 340 -2.31 24.09 -2.96
CA ILE D 340 -1.94 23.22 -1.83
C ILE D 340 -1.90 24.02 -0.51
N GLN D 341 -1.24 25.17 -0.51
CA GLN D 341 -1.11 25.94 0.73
C GLN D 341 -2.47 26.35 1.34
N ILE D 342 -3.40 26.77 0.49
CA ILE D 342 -4.74 27.18 0.95
C ILE D 342 -5.49 26.01 1.61
N HIS D 343 -5.20 24.78 1.17
CA HIS D 343 -5.83 23.61 1.76
C HIS D 343 -5.22 23.24 3.11
N GLY D 344 -4.12 23.87 3.47
CA GLY D 344 -3.45 23.56 4.74
C GLY D 344 -3.01 22.12 4.77
N GLY D 345 -3.19 21.45 5.91
CA GLY D 345 -2.83 20.04 6.04
C GLY D 345 -3.42 19.16 4.94
N TYR D 346 -4.68 19.39 4.59
CA TYR D 346 -5.35 18.57 3.57
C TYR D 346 -4.70 18.71 2.20
N GLY D 347 -4.00 19.82 1.99
CA GLY D 347 -3.31 20.07 0.74
C GLY D 347 -2.27 19.02 0.39
N TYR D 348 -1.65 18.44 1.42
CA TYR D 348 -0.60 17.42 1.23
C TYR D 348 -1.20 16.01 1.08
N LEU D 349 -2.54 15.91 1.12
CA LEU D 349 -3.19 14.60 1.10
C LEU D 349 -3.84 14.21 -0.23
N ALA D 350 -3.80 12.91 -0.53
CA ALA D 350 -4.30 12.43 -1.81
C ALA D 350 -5.82 12.50 -1.87
N ASP D 351 -6.43 12.79 -0.72
CA ASP D 351 -7.87 12.99 -0.56
C ASP D 351 -8.40 14.15 -1.39
N TYR D 352 -7.57 15.18 -1.53
CA TYR D 352 -7.87 16.31 -2.37
C TYR D 352 -7.05 16.20 -3.64
N PRO D 353 -7.54 16.80 -4.73
CA PRO D 353 -6.86 16.72 -6.02
C PRO D 353 -5.62 17.60 -6.18
N VAL D 354 -5.39 18.55 -5.28
CA VAL D 354 -4.35 19.54 -5.56
C VAL D 354 -2.93 18.96 -5.50
N GLU D 355 -2.65 17.97 -4.65
CA GLU D 355 -1.30 17.38 -4.67
C GLU D 355 -1.08 16.68 -6.02
N ARG D 356 -2.10 16.01 -6.57
CA ARG D 356 -1.89 15.34 -7.85
C ARG D 356 -1.69 16.34 -8.98
N ILE D 357 -2.52 17.37 -9.02
CA ILE D 357 -2.38 18.38 -10.07
C ILE D 357 -0.99 19.02 -10.04
N TYR D 358 -0.49 19.30 -8.84
CA TYR D 358 0.86 19.79 -8.64
C TYR D 358 1.90 18.85 -9.25
N ARG D 359 1.74 17.55 -8.99
CA ARG D 359 2.64 16.56 -9.58
C ARG D 359 2.50 16.52 -11.07
N ASP D 360 1.26 16.54 -11.55
CA ASP D 360 0.98 16.45 -13.00
C ASP D 360 1.56 17.63 -13.76
N VAL D 361 1.54 18.79 -13.14
CA VAL D 361 1.84 19.98 -13.93
C VAL D 361 3.34 20.30 -13.99
N ARG D 362 4.16 19.68 -13.13
CA ARG D 362 5.55 20.11 -13.02
C ARG D 362 6.31 19.85 -14.34
N VAL D 363 5.95 18.78 -15.06
CA VAL D 363 6.66 18.42 -16.29
C VAL D 363 6.37 19.41 -17.41
N CYS D 364 5.36 20.26 -17.23
CA CYS D 364 5.04 21.23 -18.28
C CYS D 364 6.20 22.17 -18.55
N GLN D 365 7.07 22.36 -17.55
CA GLN D 365 8.25 23.21 -17.73
C GLN D 365 9.38 22.45 -18.39
N ILE D 366 9.16 21.15 -18.60
CA ILE D 366 10.24 20.27 -19.04
C ILE D 366 10.06 19.72 -20.44
N TYR D 367 8.94 19.08 -20.74
CA TYR D 367 8.82 18.53 -22.09
C TYR D 367 8.38 19.62 -23.07
N GLU D 368 8.30 19.27 -24.36
CA GLU D 368 7.93 20.19 -25.43
C GLU D 368 8.86 21.40 -25.42
N GLY D 369 10.15 21.14 -25.17
CA GLY D 369 11.14 22.19 -25.03
C GLY D 369 11.18 22.72 -23.60
N THR D 370 12.32 22.52 -22.95
CA THR D 370 12.48 22.95 -21.56
C THR D 370 12.34 24.46 -21.57
N SER D 371 12.05 25.03 -20.40
CA SER D 371 12.00 26.47 -20.26
C SER D 371 13.22 27.19 -20.84
N ASP D 372 14.42 26.61 -20.72
CA ASP D 372 15.60 27.27 -21.28
C ASP D 372 15.65 27.18 -22.82
N VAL D 373 15.13 26.09 -23.36
CA VAL D 373 14.95 25.98 -24.81
C VAL D 373 14.00 27.08 -25.32
N GLN D 374 12.92 27.33 -24.59
CA GLN D 374 12.01 28.44 -24.90
C GLN D 374 12.74 29.77 -24.83
N ARG D 375 13.51 29.98 -23.77
CA ARG D 375 14.21 31.26 -23.64
C ARG D 375 15.20 31.46 -24.78
N LEU D 376 15.84 30.38 -25.23
CA LEU D 376 16.80 30.49 -26.33
C LEU D 376 16.11 30.93 -27.61
N VAL D 377 14.98 30.32 -27.93
CA VAL D 377 14.35 30.68 -29.20
C VAL D 377 13.79 32.11 -29.13
N ILE D 378 13.26 32.49 -27.96
CA ILE D 378 12.79 33.86 -27.75
C ILE D 378 13.94 34.86 -27.91
N ALA D 379 15.09 34.57 -27.30
CA ALA D 379 16.23 35.46 -27.36
C ALA D 379 16.76 35.59 -28.77
N ARG D 380 16.68 34.51 -29.55
CA ARG D 380 17.18 34.50 -30.93
C ARG D 380 16.46 35.54 -31.77
N GLY D 381 15.22 35.84 -31.39
CA GLY D 381 14.35 36.69 -32.18
C GLY D 381 14.31 38.14 -31.75
N LEU D 382 15.09 38.48 -30.72
CA LEU D 382 15.10 39.83 -30.20
C LEU D 382 15.89 40.79 -31.08
#